data_9BE9
#
_entry.id   9BE9
#
_cell.length_a   1.00
_cell.length_b   1.00
_cell.length_c   1.00
_cell.angle_alpha   90.00
_cell.angle_beta   90.00
_cell.angle_gamma   90.00
#
_symmetry.space_group_name_H-M   'P 1'
#
loop_
_entity.id
_entity.type
_entity.pdbx_description
1 polymer 'Envelope glycoprotein gp140'
2 branched 2-acetamido-2-deoxy-beta-D-glucopyranose-(1-4)-2-acetamido-2-deoxy-beta-D-glucopyranose
3 branched alpha-D-mannopyranose-(1-2)-alpha-D-mannopyranose-(1-3)-[alpha-D-mannopyranose-(1-6)]beta-D-mannopyranose-(1-4)-2-acetamido-2-deoxy-beta-D-glucopyranose-(1-4)-2-acetamido-2-deoxy-beta-D-glucopyranose
4 non-polymer 2-acetamido-2-deoxy-beta-D-glucopyranose
#
_entity_poly.entity_id   1
_entity_poly.type   'polypeptide(L)'
_entity_poly.pdbx_seq_one_letter_code
;NGNLWVTVYYGVPVWKDAETTLFCASDAKAYEKEKHNVWATHACVPTDPNPQEMVLENVTENFNMWKNDMVEQMHTDVIS
LWDQSLKPCVKLTPLCVTLECRQVNTTNATSSVNVTNGEEIKNCSFNATTELRDKKQKVYALFYRLDIVPLEEERKGNSS
KYRLINCNTSACTQACPKVTFDPIPIHYCAPAGYAILKCNNKTFNGTGPCNNVSTVQCTHGIKPVVSTQLLLNGSLAEGE
IIIRSEQLTNNVKTIIVHLNESVEIVCTRPNQYTRKSIRIGPGQTFYAMGDIIGNIRQAYCNISKDDWIRTLQRVGKKLA
EHFPRRIIQFTSPAGGDLEITTHSFNCRGEFFYCNTSSLFNSTYNPNDTNSNSSSSNSSLDITIPCRIKQIINMWQRVGQ
CMYAPPIEGNITCKSNITGLLLVRDGGVESQETEIFRPGGGDMRNNWRSELYKYKVVEIKPLGIAPTRAKRRVVEGGGGS
GGGGSAVGLGAVRRGFLGAAGSTMGAASITLTVQARQLLSGIVQQQSNLLKAPEAQQHLLQLGVWGIKQLQTRVLAIERY
LKDQQLLGIWGCSGKLICTTAVPWNSSWSNKSHDEIWGNMTWMQWDREIGNYTNTIYRLLEDSQNQQEQNEKDLLALD
;
_entity_poly.pdbx_strand_id   A,B,C
#
loop_
_chem_comp.id
_chem_comp.type
_chem_comp.name
_chem_comp.formula
BMA D-saccharide, beta linking beta-D-mannopyranose 'C6 H12 O6'
MAN D-saccharide, alpha linking alpha-D-mannopyranose 'C6 H12 O6'
NAG D-saccharide, beta linking 2-acetamido-2-deoxy-beta-D-glucopyranose 'C8 H15 N O6'
#
# COMPACT_ATOMS: atom_id res chain seq x y z
N ASN A 3 -49.50 -27.98 -4.59
CA ASN A 3 -48.45 -27.21 -5.27
C ASN A 3 -47.41 -26.73 -4.26
N LEU A 4 -46.20 -26.50 -4.76
CA LEU A 4 -45.08 -26.00 -3.98
C LEU A 4 -44.61 -24.68 -4.56
N TRP A 5 -44.07 -23.81 -3.70
CA TRP A 5 -43.54 -22.53 -4.14
C TRP A 5 -42.09 -22.40 -3.70
N VAL A 6 -41.37 -21.53 -4.42
CA VAL A 6 -39.95 -21.34 -4.18
C VAL A 6 -39.72 -20.62 -2.85
N THR A 7 -38.87 -21.19 -2.00
CA THR A 7 -38.44 -20.61 -0.74
C THR A 7 -36.93 -20.41 -0.77
N VAL A 8 -36.49 -19.22 -0.36
CA VAL A 8 -35.08 -18.84 -0.34
C VAL A 8 -34.56 -19.02 1.08
N TYR A 9 -33.47 -19.76 1.20
CA TYR A 9 -32.80 -20.05 2.47
C TYR A 9 -31.41 -19.43 2.46
N TYR A 10 -31.08 -18.64 3.47
CA TYR A 10 -29.77 -18.00 3.58
C TYR A 10 -29.03 -18.67 4.73
N GLY A 11 -27.80 -19.08 4.47
CA GLY A 11 -26.99 -19.79 5.44
C GLY A 11 -26.92 -21.28 5.15
N VAL A 12 -27.16 -21.68 3.91
CA VAL A 12 -27.17 -23.08 3.50
C VAL A 12 -25.74 -23.66 3.58
N PRO A 13 -25.53 -24.84 4.21
CA PRO A 13 -24.16 -25.41 4.30
C PRO A 13 -23.69 -26.04 2.99
N VAL A 14 -23.48 -25.18 1.99
CA VAL A 14 -23.04 -25.58 0.66
C VAL A 14 -21.82 -24.72 0.30
N TRP A 15 -20.89 -25.32 -0.45
CA TRP A 15 -19.69 -24.62 -0.86
C TRP A 15 -19.18 -25.07 -2.21
N LYS A 16 -18.30 -24.24 -2.78
CA LYS A 16 -17.63 -24.51 -4.05
C LYS A 16 -16.13 -24.26 -3.90
N ASP A 17 -15.34 -24.99 -4.68
CA ASP A 17 -13.89 -24.79 -4.63
C ASP A 17 -13.53 -23.36 -5.04
N ALA A 18 -12.55 -22.78 -4.34
CA ALA A 18 -12.15 -21.41 -4.66
C ALA A 18 -10.70 -21.15 -4.27
N GLU A 19 -10.09 -20.19 -4.96
CA GLU A 19 -8.76 -19.67 -4.68
C GLU A 19 -8.88 -18.36 -3.92
N THR A 20 -8.21 -18.25 -2.77
CA THR A 20 -8.27 -16.99 -2.04
C THR A 20 -7.07 -16.81 -1.12
N THR A 21 -6.76 -15.55 -0.84
CA THR A 21 -5.71 -15.19 0.10
C THR A 21 -6.17 -15.51 1.51
N LEU A 22 -5.28 -16.11 2.30
CA LEU A 22 -5.55 -16.49 3.67
C LEU A 22 -4.83 -15.55 4.64
N PHE A 23 -5.41 -15.37 5.84
CA PHE A 23 -4.81 -14.55 6.90
C PHE A 23 -4.03 -15.44 7.86
N CYS A 24 -2.70 -15.37 7.81
CA CYS A 24 -1.91 -16.27 8.65
C CYS A 24 -2.04 -15.91 10.12
N ALA A 25 -1.59 -16.83 10.97
CA ALA A 25 -1.53 -16.55 12.40
C ALA A 25 -0.41 -17.36 13.03
N SER A 26 0.12 -16.85 14.13
CA SER A 26 1.15 -17.54 14.91
C SER A 26 0.81 -17.44 16.39
N ASP A 27 1.43 -18.32 17.17
CA ASP A 27 1.26 -18.26 18.62
C ASP A 27 1.89 -16.97 19.14
N ALA A 28 1.38 -16.51 20.30
CA ALA A 28 1.88 -15.28 20.89
C ALA A 28 3.38 -15.35 21.14
N LYS A 29 4.05 -14.23 20.88
CA LYS A 29 5.49 -14.04 21.07
C LYS A 29 6.26 -14.68 19.91
N LYS A 35 8.64 -13.77 16.65
CA LYS A 35 9.32 -12.65 17.28
C LYS A 35 10.06 -11.84 16.20
N HIS A 36 11.34 -11.54 16.39
CA HIS A 36 12.13 -10.78 15.43
C HIS A 36 12.88 -11.65 14.44
N ASN A 37 12.90 -12.97 14.62
CA ASN A 37 13.72 -13.85 13.82
C ASN A 37 13.19 -13.98 12.39
N VAL A 38 14.00 -14.64 11.56
CA VAL A 38 13.66 -14.90 10.17
C VAL A 38 12.50 -15.90 10.12
N TRP A 39 11.49 -15.57 9.32
CA TRP A 39 10.23 -16.29 9.15
C TRP A 39 9.30 -16.01 10.33
N ALA A 40 9.64 -15.08 11.22
CA ALA A 40 8.70 -14.70 12.26
C ALA A 40 7.52 -13.99 11.57
N THR A 41 6.35 -14.11 12.17
CA THR A 41 5.14 -13.53 11.57
C THR A 41 4.70 -12.26 12.29
N HIS A 42 5.40 -11.16 12.01
CA HIS A 42 5.02 -9.88 12.59
C HIS A 42 3.87 -9.27 11.77
N ALA A 43 3.58 -9.83 10.60
CA ALA A 43 2.62 -9.38 9.61
C ALA A 43 1.19 -9.87 9.85
N CYS A 44 0.91 -10.67 10.87
CA CYS A 44 -0.45 -11.17 11.03
C CYS A 44 -0.80 -11.46 12.49
N VAL A 45 -2.09 -11.71 12.69
CA VAL A 45 -2.80 -11.87 13.97
C VAL A 45 -2.37 -13.06 14.83
N PRO A 46 -2.48 -12.97 16.16
CA PRO A 46 -2.33 -14.17 17.01
C PRO A 46 -3.39 -15.22 16.70
N THR A 47 -3.02 -16.48 16.92
CA THR A 47 -3.90 -17.60 16.70
C THR A 47 -5.01 -17.73 17.74
N ASP A 48 -6.04 -18.46 17.33
CA ASP A 48 -7.15 -18.85 18.17
C ASP A 48 -6.70 -20.07 18.98
N PRO A 49 -6.67 -20.01 20.31
CA PRO A 49 -6.16 -21.17 21.08
C PRO A 49 -6.97 -22.44 20.92
N ASN A 50 -8.20 -22.37 20.40
CA ASN A 50 -9.06 -23.53 20.20
C ASN A 50 -9.54 -23.49 18.75
N PRO A 51 -8.96 -24.31 17.85
CA PRO A 51 -9.37 -24.27 16.43
C PRO A 51 -10.86 -24.53 16.18
N GLN A 52 -11.59 -25.08 17.15
CA GLN A 52 -13.03 -25.37 16.98
C GLN A 52 -13.26 -26.34 15.82
N GLU A 53 -12.48 -27.42 15.79
CA GLU A 53 -12.64 -28.43 14.75
C GLU A 53 -13.96 -29.15 14.94
N MET A 54 -14.73 -29.27 13.85
CA MET A 54 -15.99 -29.98 13.87
C MET A 54 -16.03 -30.94 12.69
N VAL A 55 -16.43 -32.17 12.94
CA VAL A 55 -16.47 -33.20 11.92
C VAL A 55 -17.76 -33.07 11.12
N LEU A 56 -17.65 -33.13 9.79
CA LEU A 56 -18.80 -33.08 8.91
C LEU A 56 -19.18 -34.52 8.58
N GLU A 57 -20.30 -34.98 9.11
CA GLU A 57 -20.67 -36.37 8.90
C GLU A 57 -21.33 -36.54 7.54
N ASN A 58 -21.18 -37.73 6.96
CA ASN A 58 -21.77 -38.09 5.68
C ASN A 58 -21.35 -37.11 4.58
N VAL A 59 -20.08 -36.70 4.60
CA VAL A 59 -19.49 -35.81 3.61
C VAL A 59 -18.25 -36.50 3.05
N THR A 60 -18.16 -36.59 1.72
CA THR A 60 -17.01 -37.22 1.05
C THR A 60 -16.42 -36.24 0.05
N GLU A 61 -15.56 -35.34 0.56
CA GLU A 61 -14.94 -34.31 -0.24
C GLU A 61 -13.79 -34.91 -1.05
N ASN A 62 -13.69 -34.53 -2.32
CA ASN A 62 -12.62 -34.99 -3.20
C ASN A 62 -11.43 -34.04 -3.10
N PHE A 63 -10.33 -34.51 -2.48
CA PHE A 63 -9.15 -33.69 -2.26
C PHE A 63 -8.14 -33.93 -3.38
N ASN A 64 -7.40 -32.88 -3.73
CA ASN A 64 -6.33 -32.99 -4.71
C ASN A 64 -5.21 -32.03 -4.28
N MET A 65 -4.23 -32.56 -3.55
CA MET A 65 -3.23 -31.69 -2.94
C MET A 65 -2.37 -31.00 -3.98
N TRP A 66 -2.21 -31.61 -5.15
CA TRP A 66 -1.32 -31.07 -6.18
C TRP A 66 -1.86 -29.81 -6.84
N LYS A 67 -3.11 -29.46 -6.62
CA LYS A 67 -3.73 -28.28 -7.23
C LYS A 67 -4.09 -27.22 -6.19
N ASN A 68 -3.68 -27.41 -4.95
CA ASN A 68 -4.01 -26.46 -3.90
C ASN A 68 -3.37 -25.11 -4.13
N ASP A 69 -4.12 -24.05 -3.87
CA ASP A 69 -3.58 -22.70 -3.94
C ASP A 69 -2.87 -22.33 -2.65
N MET A 70 -3.02 -23.14 -1.60
CA MET A 70 -2.37 -22.85 -0.33
C MET A 70 -0.87 -23.02 -0.47
N VAL A 71 -0.42 -23.88 -1.38
CA VAL A 71 1.01 -24.09 -1.57
C VAL A 71 1.62 -22.85 -2.21
N GLU A 72 0.97 -22.30 -3.22
CA GLU A 72 1.49 -21.09 -3.85
C GLU A 72 1.43 -19.92 -2.87
N GLN A 73 0.37 -19.89 -2.06
CA GLN A 73 0.25 -18.82 -1.07
C GLN A 73 1.37 -18.92 -0.05
N MET A 74 1.68 -20.15 0.41
CA MET A 74 2.74 -20.31 1.37
C MET A 74 4.08 -19.92 0.75
N HIS A 75 4.30 -20.29 -0.51
CA HIS A 75 5.56 -19.96 -1.15
C HIS A 75 5.73 -18.45 -1.19
N THR A 76 4.69 -17.74 -1.61
CA THR A 76 4.76 -16.29 -1.69
C THR A 76 5.00 -15.69 -0.31
N ASP A 77 4.29 -16.19 0.72
CA ASP A 77 4.46 -15.63 2.06
C ASP A 77 5.86 -15.86 2.60
N VAL A 78 6.42 -17.05 2.33
CA VAL A 78 7.77 -17.34 2.81
C VAL A 78 8.78 -16.44 2.11
N ILE A 79 8.63 -16.24 0.79
CA ILE A 79 9.55 -15.37 0.07
C ILE A 79 9.43 -13.95 0.62
N SER A 80 8.21 -13.50 0.86
CA SER A 80 8.02 -12.15 1.39
C SER A 80 8.70 -11.99 2.74
N LEU A 81 8.52 -12.95 3.64
CA LEU A 81 9.13 -12.83 4.96
C LEU A 81 10.65 -12.87 4.86
N TRP A 82 11.17 -13.73 3.98
CA TRP A 82 12.61 -13.82 3.76
C TRP A 82 13.18 -12.49 3.31
N ASP A 83 12.55 -11.89 2.28
CA ASP A 83 13.06 -10.65 1.74
C ASP A 83 12.91 -9.53 2.76
N GLN A 84 11.83 -9.52 3.54
CA GLN A 84 11.69 -8.48 4.55
C GLN A 84 12.80 -8.61 5.59
N SER A 85 13.19 -9.85 5.91
CA SER A 85 14.22 -10.06 6.92
C SER A 85 15.58 -9.59 6.42
N LEU A 86 15.91 -9.83 5.15
CA LEU A 86 17.23 -9.42 4.66
C LEU A 86 17.32 -7.97 4.19
N LYS A 87 16.24 -7.45 3.59
CA LYS A 87 16.16 -6.10 3.00
C LYS A 87 16.84 -4.95 3.76
N PRO A 88 16.60 -4.74 5.05
CA PRO A 88 17.10 -3.51 5.70
C PRO A 88 18.55 -3.52 6.16
N CYS A 89 19.39 -4.53 5.87
CA CYS A 89 20.74 -4.55 6.43
C CYS A 89 21.82 -4.41 5.35
N VAL A 90 22.96 -5.09 5.49
CA VAL A 90 24.15 -4.79 4.69
C VAL A 90 24.10 -5.49 3.33
N LYS A 91 24.35 -4.72 2.26
CA LYS A 91 24.32 -5.21 0.88
C LYS A 91 25.67 -5.71 0.38
N LEU A 92 26.75 -5.53 1.15
CA LEU A 92 28.10 -5.99 0.81
C LEU A 92 28.57 -5.56 -0.58
N THR A 93 28.20 -4.36 -1.00
CA THR A 93 28.67 -3.88 -2.30
C THR A 93 30.16 -3.51 -2.30
N PRO A 94 30.78 -3.20 -1.16
CA PRO A 94 32.26 -3.07 -1.15
C PRO A 94 33.02 -4.36 -1.46
N LEU A 95 32.37 -5.52 -1.42
CA LEU A 95 33.04 -6.76 -1.76
C LEU A 95 32.97 -6.93 -3.27
N CYS A 96 33.25 -8.12 -3.79
CA CYS A 96 33.39 -8.33 -5.23
C CYS A 96 34.60 -7.55 -5.72
N VAL A 97 35.71 -7.82 -5.05
CA VAL A 97 37.01 -7.23 -5.30
C VAL A 97 37.95 -8.41 -5.55
N THR A 98 39.13 -8.11 -6.06
CA THR A 98 40.09 -9.18 -6.27
C THR A 98 40.60 -9.65 -4.92
N LEU A 99 40.70 -10.97 -4.75
CA LEU A 99 41.23 -11.58 -3.55
C LEU A 99 42.48 -12.37 -3.91
N GLU A 100 43.47 -12.36 -3.02
CA GLU A 100 44.69 -13.13 -3.19
C GLU A 100 44.66 -14.23 -2.14
N CYS A 101 44.35 -15.44 -2.59
CA CYS A 101 44.04 -16.56 -1.70
C CYS A 101 45.21 -17.54 -1.63
N ARG A 102 45.64 -17.80 -0.40
CA ARG A 102 46.74 -18.70 -0.05
C ARG A 102 46.18 -19.84 0.78
N GLN A 103 46.89 -20.97 0.81
CA GLN A 103 46.50 -22.08 1.67
C GLN A 103 46.48 -21.64 3.14
N VAL A 104 45.53 -22.19 3.89
CA VAL A 104 45.37 -21.88 5.31
C VAL A 104 46.31 -22.75 6.12
N ASN A 105 46.97 -22.14 7.10
CA ASN A 105 47.90 -22.86 7.97
C ASN A 105 47.13 -23.57 9.08
N GLU A 119 42.06 -27.98 1.60
CA GLU A 119 41.80 -27.15 0.43
C GLU A 119 40.38 -26.56 0.45
N GLU A 120 39.63 -26.80 1.52
CA GLU A 120 38.28 -26.27 1.62
C GLU A 120 38.22 -24.80 2.00
N ILE A 121 39.22 -24.30 2.74
CA ILE A 121 39.24 -22.92 3.20
C ILE A 121 40.55 -22.27 2.75
N LYS A 122 40.45 -21.07 2.18
CA LYS A 122 41.58 -20.28 1.72
C LYS A 122 41.67 -18.94 2.45
N ASN A 123 42.92 -18.45 2.62
CA ASN A 123 43.16 -17.24 3.41
C ASN A 123 42.54 -15.99 2.81
N CYS A 124 42.55 -15.87 1.47
CA CYS A 124 41.92 -14.80 0.69
C CYS A 124 42.01 -13.37 1.23
N SER A 125 43.17 -12.74 1.11
CA SER A 125 43.35 -11.34 1.47
C SER A 125 42.68 -10.44 0.43
N PHE A 126 42.14 -9.31 0.88
CA PHE A 126 41.55 -8.33 -0.02
C PHE A 126 41.56 -6.95 0.64
N ASN A 127 41.34 -5.91 -0.18
CA ASN A 127 41.34 -4.52 0.30
C ASN A 127 39.96 -3.96 0.64
N ALA A 128 38.93 -4.33 -0.10
CA ALA A 128 37.55 -3.80 0.05
C ALA A 128 37.59 -2.27 0.16
N THR A 129 36.86 -1.67 1.12
CA THR A 129 36.87 -0.24 1.39
C THR A 129 36.86 -0.02 2.89
N THR A 130 37.17 1.21 3.30
CA THR A 130 37.08 1.63 4.69
C THR A 130 35.85 2.51 4.88
N GLU A 131 35.60 2.87 6.15
CA GLU A 131 34.46 3.72 6.46
C GLU A 131 34.55 5.08 5.81
N LEU A 132 35.76 5.58 5.56
CA LEU A 132 35.93 6.82 4.81
C LEU A 132 36.18 6.50 3.35
N ARG A 133 35.58 7.30 2.46
CA ARG A 133 35.69 7.08 1.03
C ARG A 133 37.12 7.22 0.49
N ASP A 134 37.98 7.98 1.16
CA ASP A 134 39.33 8.23 0.66
C ASP A 134 40.36 7.17 1.01
N LYS A 135 40.03 6.17 1.82
CA LYS A 135 41.03 5.18 2.23
C LYS A 135 40.56 3.77 1.98
N LYS A 136 41.55 2.90 1.80
CA LYS A 136 41.37 1.46 1.70
C LYS A 136 42.23 0.83 2.79
N GLN A 137 41.90 -0.40 3.14
CA GLN A 137 42.60 -1.10 4.23
C GLN A 137 42.83 -2.54 3.81
N LYS A 138 44.05 -3.03 4.00
CA LYS A 138 44.35 -4.41 3.67
C LYS A 138 43.79 -5.27 4.79
N VAL A 139 42.85 -6.15 4.44
CA VAL A 139 42.16 -7.02 5.38
C VAL A 139 42.20 -8.42 4.82
N TYR A 140 41.83 -9.38 5.65
CA TYR A 140 41.72 -10.76 5.21
C TYR A 140 40.49 -11.37 5.86
N ALA A 141 39.95 -12.38 5.20
CA ALA A 141 38.85 -13.16 5.70
C ALA A 141 38.99 -14.56 5.13
N LEU A 142 38.59 -15.56 5.90
CA LEU A 142 38.63 -16.92 5.40
C LEU A 142 37.32 -17.19 4.66
N PHE A 143 37.43 -17.84 3.51
CA PHE A 143 36.27 -18.22 2.73
C PHE A 143 36.38 -19.68 2.36
N TYR A 144 35.22 -20.30 2.14
CA TYR A 144 35.19 -21.67 1.68
C TYR A 144 35.52 -21.71 0.19
N ARG A 145 36.16 -22.80 -0.23
CA ARG A 145 36.55 -22.93 -1.63
C ARG A 145 35.34 -22.95 -2.56
N LEU A 146 34.15 -23.25 -2.04
CA LEU A 146 32.94 -23.27 -2.85
C LEU A 146 32.41 -21.87 -3.13
N ASP A 147 32.86 -20.85 -2.39
CA ASP A 147 32.39 -19.49 -2.59
C ASP A 147 33.29 -18.67 -3.51
N ILE A 148 34.59 -19.00 -3.56
CA ILE A 148 35.55 -18.26 -4.37
C ILE A 148 35.73 -18.96 -5.72
N VAL A 149 35.75 -18.17 -6.79
CA VAL A 149 35.89 -18.63 -8.17
C VAL A 149 37.27 -18.19 -8.64
N PRO A 150 38.11 -19.11 -9.14
CA PRO A 150 39.47 -18.73 -9.52
C PRO A 150 39.56 -17.83 -10.74
N LEU A 151 40.57 -16.99 -10.73
CA LEU A 151 40.98 -16.13 -11.83
C LEU A 151 42.38 -16.57 -12.23
N GLU A 152 42.77 -16.30 -13.46
CA GLU A 152 44.11 -16.61 -13.96
C GLU A 152 44.31 -18.12 -13.82
N GLU A 153 45.23 -18.60 -12.99
CA GLU A 153 45.51 -20.02 -12.82
C GLU A 153 45.76 -20.27 -11.34
N GLU A 154 45.21 -21.37 -10.83
CA GLU A 154 45.38 -21.72 -9.42
C GLU A 154 46.70 -22.47 -9.22
N ARG A 155 47.56 -21.92 -8.37
CA ARG A 155 48.85 -22.49 -8.04
C ARG A 155 48.70 -23.18 -6.68
N LYS A 156 48.83 -24.52 -6.69
CA LYS A 156 48.60 -25.31 -5.48
C LYS A 156 49.42 -24.80 -4.29
N GLY A 157 50.67 -24.42 -4.53
CA GLY A 157 51.58 -23.98 -3.49
C GLY A 157 51.76 -22.49 -3.33
N ASN A 158 50.94 -21.65 -3.95
CA ASN A 158 51.16 -20.22 -3.94
C ASN A 158 49.82 -19.49 -3.92
N SER A 159 49.90 -18.17 -3.74
CA SER A 159 48.72 -17.32 -3.76
C SER A 159 48.19 -17.19 -5.18
N SER A 160 46.87 -17.26 -5.33
CA SER A 160 46.23 -17.06 -6.63
C SER A 160 45.07 -16.09 -6.50
N LYS A 161 44.72 -15.46 -7.62
CA LYS A 161 43.62 -14.50 -7.61
C LYS A 161 42.26 -15.20 -7.73
N TYR A 162 41.32 -14.73 -6.92
CA TYR A 162 39.94 -15.22 -6.88
C TYR A 162 38.97 -14.05 -6.80
N ARG A 163 37.71 -14.35 -7.14
CA ARG A 163 36.60 -13.43 -6.92
C ARG A 163 35.51 -14.18 -6.16
N LEU A 164 34.64 -13.46 -5.47
CA LEU A 164 33.55 -14.16 -4.78
C LEU A 164 32.49 -14.56 -5.78
N ILE A 165 31.84 -15.70 -5.49
CA ILE A 165 30.74 -16.17 -6.33
C ILE A 165 29.59 -15.16 -6.31
N ASN A 166 28.88 -15.09 -7.45
CA ASN A 166 27.77 -14.17 -7.73
C ASN A 166 28.22 -12.74 -7.98
N CYS A 167 29.53 -12.47 -8.03
CA CYS A 167 29.94 -11.11 -8.36
C CYS A 167 29.75 -10.79 -9.83
N ASN A 168 29.48 -11.79 -10.67
CA ASN A 168 29.14 -11.58 -12.07
C ASN A 168 27.63 -11.54 -12.27
N THR A 169 26.85 -11.73 -11.20
CA THR A 169 25.39 -11.80 -11.24
C THR A 169 24.78 -10.73 -10.35
N SER A 170 25.11 -10.71 -9.06
CA SER A 170 24.54 -9.73 -8.15
C SER A 170 25.33 -9.75 -6.85
N ALA A 171 25.55 -8.59 -6.25
CA ALA A 171 26.17 -8.56 -4.95
C ALA A 171 25.22 -9.19 -3.95
N CYS A 172 25.77 -9.92 -2.99
CA CYS A 172 24.95 -10.62 -2.00
C CYS A 172 24.66 -9.74 -0.81
N THR A 173 23.47 -9.92 -0.24
CA THR A 173 23.07 -9.22 0.97
C THR A 173 23.55 -10.05 2.16
N GLN A 174 24.13 -9.38 3.14
CA GLN A 174 24.61 -10.05 4.34
C GLN A 174 23.43 -10.34 5.25
N ALA A 175 23.35 -11.56 5.77
CA ALA A 175 22.29 -11.87 6.73
C ALA A 175 22.49 -10.91 7.90
N CYS A 176 21.40 -10.35 8.36
CA CYS A 176 21.50 -9.33 9.38
C CYS A 176 21.72 -9.99 10.75
N PRO A 177 22.80 -9.68 11.47
CA PRO A 177 23.13 -10.44 12.70
C PRO A 177 22.09 -10.34 13.80
N LYS A 178 21.17 -9.38 13.72
CA LYS A 178 20.16 -9.20 14.76
C LYS A 178 19.06 -10.24 14.72
N VAL A 179 18.95 -11.04 13.64
CA VAL A 179 17.92 -12.05 13.52
C VAL A 179 18.57 -13.41 13.30
N THR A 180 17.81 -14.47 13.59
CA THR A 180 18.23 -15.84 13.39
C THR A 180 17.22 -16.57 12.51
N PHE A 181 17.52 -17.82 12.21
CA PHE A 181 16.72 -18.66 11.33
C PHE A 181 15.99 -19.69 12.18
N ASP A 182 14.67 -19.55 12.30
CA ASP A 182 13.87 -20.44 13.15
C ASP A 182 12.51 -20.71 12.52
N PRO A 183 12.18 -21.96 12.12
CA PRO A 183 10.92 -22.20 11.38
C PRO A 183 9.68 -22.18 12.26
N ILE A 184 9.33 -20.99 12.73
CA ILE A 184 8.15 -20.82 13.61
C ILE A 184 6.89 -21.34 12.92
N PRO A 185 6.01 -22.08 13.61
CA PRO A 185 4.76 -22.54 12.96
C PRO A 185 3.91 -21.37 12.49
N ILE A 186 3.29 -21.55 11.32
CA ILE A 186 2.37 -20.56 10.73
C ILE A 186 1.00 -21.20 10.54
N HIS A 187 -0.03 -20.59 11.14
CA HIS A 187 -1.41 -21.08 11.11
C HIS A 187 -2.16 -20.23 10.09
N TYR A 188 -2.69 -20.87 9.05
CA TYR A 188 -3.54 -20.13 8.08
C TYR A 188 -4.99 -20.42 8.47
N CYS A 189 -5.61 -19.42 9.07
CA CYS A 189 -7.02 -19.55 9.49
C CYS A 189 -7.88 -19.06 8.32
N ALA A 190 -8.90 -19.82 7.97
CA ALA A 190 -9.66 -19.47 6.74
C ALA A 190 -10.16 -18.03 6.93
N PRO A 191 -10.22 -17.20 5.86
CA PRO A 191 -10.75 -15.85 5.97
C PRO A 191 -12.27 -15.94 5.99
N ALA A 192 -12.93 -14.87 6.40
CA ALA A 192 -14.38 -14.88 6.50
C ALA A 192 -14.99 -15.13 5.12
N GLY A 193 -15.99 -15.99 5.10
CA GLY A 193 -16.70 -16.36 3.90
C GLY A 193 -16.16 -17.63 3.26
N TYR A 194 -15.02 -18.11 3.75
CA TYR A 194 -14.32 -19.29 3.29
C TYR A 194 -14.11 -20.21 4.49
N ALA A 195 -13.91 -21.50 4.22
CA ALA A 195 -13.62 -22.45 5.28
C ALA A 195 -12.59 -23.43 4.78
N ILE A 196 -11.80 -23.96 5.73
CA ILE A 196 -10.79 -24.96 5.43
C ILE A 196 -11.30 -26.33 5.87
N LEU A 197 -11.30 -27.26 4.92
CA LEU A 197 -11.71 -28.63 5.13
C LEU A 197 -10.46 -29.46 5.33
N LYS A 198 -10.37 -30.13 6.47
CA LYS A 198 -9.23 -30.95 6.83
C LYS A 198 -9.60 -32.41 6.66
N CYS A 199 -8.76 -33.15 5.95
CA CYS A 199 -8.93 -34.58 5.76
C CYS A 199 -8.22 -35.33 6.88
N ASN A 200 -8.98 -36.08 7.66
CA ASN A 200 -8.45 -36.88 8.76
C ASN A 200 -8.38 -38.36 8.44
N ASN A 201 -8.53 -38.75 7.17
CA ASN A 201 -8.47 -40.15 6.80
C ASN A 201 -7.03 -40.62 6.79
N LYS A 202 -6.78 -41.77 7.41
CA LYS A 202 -5.45 -42.37 7.44
C LYS A 202 -5.22 -43.16 6.16
N THR A 203 -3.95 -43.38 5.84
CA THR A 203 -3.54 -44.06 4.61
C THR A 203 -4.20 -43.42 3.40
N PHE A 204 -4.26 -42.09 3.41
CA PHE A 204 -4.85 -41.29 2.35
C PHE A 204 -3.73 -40.67 1.52
N ASN A 205 -3.78 -40.88 0.21
CA ASN A 205 -2.77 -40.32 -0.68
C ASN A 205 -3.17 -38.91 -1.09
N GLY A 206 -2.34 -38.30 -1.94
CA GLY A 206 -2.53 -36.91 -2.30
C GLY A 206 -3.83 -36.58 -3.02
N THR A 207 -4.36 -37.51 -3.80
CA THR A 207 -5.56 -37.27 -4.60
C THR A 207 -6.62 -38.34 -4.37
N GLY A 208 -7.86 -37.89 -4.16
CA GLY A 208 -9.01 -38.78 -4.03
C GLY A 208 -10.00 -38.41 -2.94
N PRO A 209 -11.16 -39.09 -2.94
CA PRO A 209 -12.16 -38.84 -1.90
C PRO A 209 -11.65 -39.11 -0.50
N CYS A 210 -12.03 -38.24 0.44
CA CYS A 210 -11.71 -38.39 1.85
C CYS A 210 -13.03 -38.63 2.59
N ASN A 211 -13.08 -39.71 3.36
CA ASN A 211 -14.32 -40.10 4.06
C ASN A 211 -14.44 -39.56 5.48
N ASN A 212 -13.48 -38.78 5.97
CA ASN A 212 -13.56 -38.21 7.33
C ASN A 212 -13.05 -36.78 7.19
N VAL A 213 -13.98 -35.87 6.92
CA VAL A 213 -13.68 -34.47 6.59
C VAL A 213 -14.25 -33.58 7.68
N SER A 214 -13.40 -32.75 8.26
CA SER A 214 -13.80 -31.82 9.30
C SER A 214 -13.53 -30.39 8.83
N THR A 215 -14.20 -29.43 9.43
CA THR A 215 -14.02 -28.02 9.11
C THR A 215 -13.31 -27.36 10.28
N VAL A 216 -12.26 -26.58 10.00
CA VAL A 216 -11.51 -25.92 11.06
C VAL A 216 -11.41 -24.43 10.80
N GLN A 217 -11.21 -23.68 11.89
CA GLN A 217 -10.87 -22.27 11.74
C GLN A 217 -9.44 -22.12 11.29
N CYS A 218 -8.54 -22.95 11.80
CA CYS A 218 -7.12 -22.87 11.51
C CYS A 218 -6.54 -24.26 11.31
N THR A 219 -5.47 -24.29 10.53
CA THR A 219 -4.73 -25.50 10.24
C THR A 219 -3.76 -25.77 11.39
N HIS A 220 -3.14 -26.95 11.39
CA HIS A 220 -2.10 -27.16 12.37
C HIS A 220 -0.94 -26.27 11.92
N GLY A 221 0.00 -26.00 12.82
CA GLY A 221 1.08 -25.12 12.42
C GLY A 221 1.99 -25.79 11.42
N ILE A 222 2.38 -25.03 10.41
CA ILE A 222 3.26 -25.48 9.35
C ILE A 222 4.60 -24.82 9.59
N LYS A 223 5.67 -25.62 9.69
CA LYS A 223 6.98 -25.04 9.94
C LYS A 223 7.69 -24.82 8.60
N PRO A 224 8.14 -23.59 8.28
CA PRO A 224 8.82 -23.39 6.97
C PRO A 224 10.25 -23.91 7.00
N VAL A 225 10.40 -25.23 7.14
CA VAL A 225 11.73 -25.83 7.21
C VAL A 225 12.27 -25.95 5.80
N VAL A 226 13.49 -25.49 5.60
CA VAL A 226 14.13 -25.51 4.28
C VAL A 226 15.11 -26.67 4.24
N SER A 227 14.90 -27.57 3.27
CA SER A 227 15.77 -28.72 3.07
C SER A 227 15.50 -29.25 1.67
N THR A 228 16.40 -30.10 1.20
CA THR A 228 16.20 -30.85 -0.03
C THR A 228 16.36 -32.33 0.26
N GLN A 229 15.82 -33.15 -0.65
CA GLN A 229 15.91 -34.61 -0.60
C GLN A 229 15.23 -35.25 0.60
N LEU A 230 15.56 -34.82 1.81
CA LEU A 230 14.96 -35.30 3.05
C LEU A 230 14.06 -34.23 3.66
N LEU A 231 12.87 -34.63 4.08
CA LEU A 231 11.91 -33.74 4.71
C LEU A 231 12.12 -33.80 6.22
N LEU A 232 12.45 -32.66 6.83
CA LEU A 232 12.80 -32.60 8.23
C LEU A 232 11.71 -31.89 9.03
N ASN A 233 11.57 -32.33 10.29
CA ASN A 233 10.69 -31.72 11.28
C ASN A 233 9.27 -31.54 10.75
N GLY A 234 8.78 -32.52 9.99
CA GLY A 234 7.44 -32.49 9.47
C GLY A 234 6.49 -33.41 10.22
N SER A 235 5.33 -33.61 9.62
CA SER A 235 4.34 -34.52 10.18
C SER A 235 4.68 -35.94 9.75
N LEU A 236 4.22 -36.92 10.52
CA LEU A 236 4.41 -38.32 10.17
C LEU A 236 3.07 -39.05 10.19
N ALA A 237 3.01 -40.09 9.36
CA ALA A 237 1.79 -40.88 9.21
C ALA A 237 1.50 -41.68 10.47
N GLU A 238 0.23 -41.84 10.79
CA GLU A 238 -0.17 -42.69 11.91
C GLU A 238 -0.47 -44.11 11.47
N GLY A 239 -0.44 -44.39 10.16
CA GLY A 239 -0.78 -45.68 9.60
C GLY A 239 0.45 -46.41 9.11
N GLU A 240 0.74 -46.24 7.82
CA GLU A 240 1.81 -46.92 7.11
C GLU A 240 2.54 -45.88 6.26
N ILE A 241 3.56 -46.32 5.53
CA ILE A 241 4.27 -45.42 4.64
C ILE A 241 3.34 -45.05 3.48
N ILE A 242 3.22 -43.75 3.20
CA ILE A 242 2.32 -43.25 2.17
C ILE A 242 3.13 -42.66 1.03
N ILE A 243 2.85 -43.11 -0.19
CA ILE A 243 3.50 -42.66 -1.41
C ILE A 243 2.56 -41.67 -2.09
N ARG A 244 2.98 -40.42 -2.27
CA ARG A 244 2.13 -39.39 -2.88
C ARG A 244 2.77 -38.83 -4.14
N SER A 245 1.99 -38.77 -5.21
CA SER A 245 2.43 -38.22 -6.49
C SER A 245 1.20 -37.83 -7.29
N GLU A 246 1.40 -37.05 -8.35
CA GLU A 246 0.28 -36.77 -9.25
C GLU A 246 -0.07 -38.04 -10.02
N GLN A 247 0.96 -38.76 -10.44
CA GLN A 247 0.82 -40.01 -11.18
C GLN A 247 2.16 -40.70 -11.02
N LEU A 248 2.14 -42.01 -10.74
CA LEU A 248 3.41 -42.72 -10.63
C LEU A 248 3.94 -43.12 -12.00
N THR A 249 3.05 -43.29 -12.98
CA THR A 249 3.48 -43.66 -14.33
C THR A 249 4.33 -42.56 -14.97
N ASN A 250 3.96 -41.31 -14.74
CA ASN A 250 4.66 -40.18 -15.35
C ASN A 250 5.93 -39.88 -14.54
N ASN A 251 7.09 -40.13 -15.14
CA ASN A 251 8.38 -40.02 -14.47
C ASN A 251 8.86 -38.59 -14.23
N VAL A 252 8.13 -37.54 -14.65
CA VAL A 252 8.59 -36.17 -14.40
C VAL A 252 8.09 -35.62 -13.06
N LYS A 253 7.17 -36.31 -12.39
CA LYS A 253 6.58 -35.81 -11.16
C LYS A 253 7.43 -36.26 -9.98
N THR A 254 7.41 -35.44 -8.92
CA THR A 254 8.12 -35.77 -7.70
C THR A 254 7.23 -36.65 -6.84
N ILE A 255 7.84 -37.63 -6.18
CA ILE A 255 7.15 -38.53 -5.27
C ILE A 255 7.54 -38.17 -3.84
N ILE A 256 6.55 -37.86 -3.03
CA ILE A 256 6.74 -37.52 -1.63
C ILE A 256 6.43 -38.78 -0.83
N VAL A 257 7.38 -39.25 -0.04
CA VAL A 257 7.24 -40.48 0.73
C VAL A 257 7.14 -40.08 2.20
N HIS A 258 6.02 -40.43 2.83
CA HIS A 258 5.78 -40.16 4.24
C HIS A 258 5.98 -41.42 5.06
N LEU A 259 6.79 -41.32 6.10
CA LEU A 259 7.08 -42.42 6.99
C LEU A 259 6.10 -42.38 8.17
N ASN A 260 5.89 -43.54 8.80
CA ASN A 260 5.07 -43.60 10.00
C ASN A 260 5.91 -43.52 11.27
N GLU A 261 7.21 -43.34 11.15
CA GLU A 261 8.12 -43.13 12.27
C GLU A 261 9.26 -42.27 11.76
N SER A 262 9.79 -41.42 12.61
CA SER A 262 10.91 -40.57 12.21
C SER A 262 12.24 -41.27 12.42
N VAL A 263 13.26 -40.75 11.75
CA VAL A 263 14.64 -41.19 11.90
C VAL A 263 15.44 -40.01 12.42
N GLU A 264 16.20 -40.21 13.49
CA GLU A 264 16.95 -39.10 14.05
C GLU A 264 18.17 -38.83 13.18
N ILE A 265 18.42 -37.54 12.92
CA ILE A 265 19.59 -37.08 12.19
C ILE A 265 20.27 -36.01 13.03
N VAL A 266 21.59 -36.14 13.23
CA VAL A 266 22.36 -35.15 14.00
C VAL A 266 23.50 -34.64 13.13
N CYS A 267 23.48 -33.34 12.82
CA CYS A 267 24.46 -32.70 11.95
C CYS A 267 25.33 -31.78 12.79
N THR A 268 26.65 -31.84 12.58
CA THR A 268 27.61 -31.02 13.30
C THR A 268 28.64 -30.41 12.36
N ARG A 269 29.24 -29.34 12.90
CA ARG A 269 30.35 -28.61 12.31
C ARG A 269 31.48 -28.60 13.35
N PRO A 270 32.25 -29.67 13.44
CA PRO A 270 33.13 -29.88 14.60
C PRO A 270 34.38 -29.03 14.59
N ASN A 271 34.19 -27.71 14.54
CA ASN A 271 35.30 -26.76 14.53
C ASN A 271 34.88 -25.51 15.30
N GLN A 272 35.81 -24.58 15.40
CA GLN A 272 35.57 -23.29 16.04
C GLN A 272 36.16 -22.18 15.19
N TYR A 273 35.41 -21.10 15.04
CA TYR A 273 35.83 -19.95 14.24
C TYR A 273 35.59 -18.69 15.06
N THR A 274 36.38 -17.65 14.78
CA THR A 274 36.21 -16.35 15.40
C THR A 274 35.60 -15.39 14.39
N ARG A 275 34.57 -14.68 14.82
CA ARG A 275 33.96 -13.66 14.00
C ARG A 275 34.79 -12.39 14.07
N LYS A 276 35.10 -11.81 12.90
CA LYS A 276 35.84 -10.56 12.78
C LYS A 276 34.92 -9.52 12.18
N SER A 277 35.07 -8.28 12.62
CA SER A 277 34.28 -7.17 12.10
C SER A 277 35.19 -6.29 11.25
N ILE A 278 34.88 -6.22 9.95
CA ILE A 278 35.60 -5.39 9.01
C ILE A 278 34.65 -4.26 8.64
N ARG A 279 35.05 -3.02 8.91
CA ARG A 279 34.16 -1.90 8.60
C ARG A 279 34.41 -1.51 7.16
N ILE A 280 33.35 -1.57 6.35
CA ILE A 280 33.46 -1.37 4.90
C ILE A 280 32.79 -0.09 4.43
N GLY A 281 31.98 0.55 5.26
CA GLY A 281 31.34 1.79 4.93
C GLY A 281 30.66 2.32 6.17
N PRO A 282 30.03 3.49 6.10
CA PRO A 282 29.34 4.03 7.27
C PRO A 282 28.30 3.04 7.77
N GLY A 283 28.37 2.72 9.06
CA GLY A 283 27.38 1.82 9.63
C GLY A 283 27.60 0.37 9.29
N GLN A 284 27.44 0.05 8.00
CA GLN A 284 27.54 -1.32 7.51
C GLN A 284 28.88 -1.95 7.87
N THR A 285 28.81 -3.16 8.43
CA THR A 285 29.96 -3.93 8.85
C THR A 285 29.89 -5.32 8.22
N PHE A 286 31.03 -5.78 7.69
CA PHE A 286 31.15 -7.11 7.13
C PHE A 286 31.66 -8.04 8.22
N TYR A 287 30.99 -9.19 8.38
CA TYR A 287 31.38 -10.19 9.37
C TYR A 287 32.15 -11.32 8.69
N ALA A 288 33.43 -11.41 9.01
CA ALA A 288 34.38 -12.33 8.41
C ALA A 288 34.65 -13.49 9.34
N MET A 289 35.04 -14.62 8.76
CA MET A 289 35.46 -15.79 9.49
C MET A 289 36.98 -15.78 9.62
N GLY A 290 37.51 -16.13 10.78
CA GLY A 290 38.95 -16.23 10.88
C GLY A 290 39.41 -16.86 12.18
N ASP A 291 40.73 -16.84 12.36
CA ASP A 291 41.41 -17.36 13.56
C ASP A 291 40.93 -18.77 13.95
N ILE A 292 41.12 -19.72 13.02
CA ILE A 292 40.66 -21.08 13.28
C ILE A 292 41.45 -21.64 14.45
N ILE A 293 40.75 -22.25 15.41
CA ILE A 293 41.36 -22.81 16.61
C ILE A 293 41.43 -24.31 16.43
N GLY A 294 42.63 -24.87 16.51
CA GLY A 294 42.80 -26.29 16.35
C GLY A 294 42.85 -26.69 14.88
N ASN A 295 42.56 -27.97 14.64
CA ASN A 295 42.62 -28.55 13.31
C ASN A 295 41.29 -28.30 12.62
N ILE A 296 41.30 -28.35 11.29
CA ILE A 296 40.06 -28.19 10.52
C ILE A 296 39.51 -29.57 10.24
N ARG A 297 38.39 -29.88 10.88
CA ARG A 297 37.69 -31.14 10.72
C ARG A 297 36.56 -30.95 9.72
N GLN A 298 36.27 -32.00 8.96
CA GLN A 298 35.20 -31.91 7.97
C GLN A 298 33.85 -31.93 8.66
N ALA A 299 32.92 -31.10 8.19
CA ALA A 299 31.57 -31.11 8.72
C ALA A 299 30.94 -32.44 8.38
N TYR A 300 30.05 -32.92 9.25
CA TYR A 300 29.44 -34.22 8.99
C TYR A 300 28.08 -34.31 9.64
N CYS A 301 27.33 -35.33 9.24
CA CYS A 301 26.03 -35.57 9.85
C CYS A 301 25.79 -37.07 10.00
N ASN A 302 25.26 -37.48 11.15
CA ASN A 302 25.04 -38.89 11.47
C ASN A 302 23.56 -39.27 11.36
N ILE A 303 23.29 -40.41 10.70
CA ILE A 303 21.98 -41.04 10.67
C ILE A 303 22.15 -42.47 11.15
N SER A 304 21.31 -42.91 12.11
CA SER A 304 21.47 -44.25 12.64
C SER A 304 21.31 -45.28 11.52
N LYS A 305 22.19 -46.28 11.51
CA LYS A 305 22.21 -47.25 10.41
C LYS A 305 21.00 -48.18 10.42
N ASP A 306 20.58 -48.67 11.59
CA ASP A 306 19.48 -49.62 11.62
C ASP A 306 18.15 -48.98 11.26
N ASP A 307 17.94 -47.73 11.67
CA ASP A 307 16.68 -47.09 11.38
C ASP A 307 16.60 -46.75 9.91
N TRP A 308 17.71 -46.29 9.34
CA TRP A 308 17.74 -45.95 7.93
C TRP A 308 17.49 -47.19 7.08
N ILE A 309 18.16 -48.30 7.41
CA ILE A 309 18.01 -49.51 6.62
C ILE A 309 16.57 -50.01 6.69
N ARG A 310 15.99 -50.05 7.91
CA ARG A 310 14.61 -50.52 8.00
C ARG A 310 13.68 -49.59 7.25
N THR A 311 13.93 -48.28 7.32
CA THR A 311 13.09 -47.30 6.65
C THR A 311 13.11 -47.54 5.14
N LEU A 312 14.30 -47.72 4.57
CA LEU A 312 14.37 -47.89 3.12
C LEU A 312 13.84 -49.25 2.70
N GLN A 313 14.00 -50.29 3.52
CA GLN A 313 13.42 -51.56 3.14
C GLN A 313 11.90 -51.47 3.09
N ARG A 314 11.29 -50.77 4.06
CA ARG A 314 9.84 -50.66 4.04
C ARG A 314 9.37 -49.75 2.90
N VAL A 315 10.12 -48.68 2.60
CA VAL A 315 9.75 -47.83 1.48
C VAL A 315 9.82 -48.63 0.19
N GLY A 316 10.87 -49.44 0.06
CA GLY A 316 11.00 -50.30 -1.10
C GLY A 316 9.80 -51.21 -1.25
N LYS A 317 9.40 -51.87 -0.16
CA LYS A 317 8.24 -52.76 -0.20
C LYS A 317 6.98 -52.00 -0.64
N LYS A 318 6.75 -50.80 -0.09
CA LYS A 318 5.54 -50.08 -0.46
C LYS A 318 5.58 -49.66 -1.93
N LEU A 319 6.74 -49.21 -2.41
CA LEU A 319 6.83 -48.85 -3.81
C LEU A 319 6.64 -50.09 -4.68
N ALA A 320 7.17 -51.24 -4.24
CA ALA A 320 6.99 -52.48 -4.98
C ALA A 320 5.50 -52.80 -5.09
N GLU A 321 4.73 -52.47 -4.05
CA GLU A 321 3.29 -52.67 -4.13
C GLU A 321 2.74 -51.76 -5.20
N HIS A 322 3.30 -50.54 -5.29
CA HIS A 322 2.86 -49.58 -6.30
C HIS A 322 3.47 -49.90 -7.67
N PHE A 323 4.64 -50.55 -7.69
CA PHE A 323 5.35 -50.93 -8.90
C PHE A 323 5.57 -52.45 -8.89
N PRO A 324 4.53 -53.23 -9.18
CA PRO A 324 4.65 -54.68 -9.07
C PRO A 324 5.53 -55.26 -10.17
N ARG A 325 6.08 -56.44 -9.89
CA ARG A 325 6.96 -57.15 -10.83
C ARG A 325 8.17 -56.31 -11.22
N ARG A 326 8.74 -55.60 -10.24
CA ARG A 326 9.93 -54.80 -10.47
C ARG A 326 10.87 -54.90 -9.28
N ILE A 327 12.16 -54.72 -9.54
CA ILE A 327 13.21 -54.62 -8.53
C ILE A 327 13.38 -53.13 -8.31
N ILE A 328 13.45 -52.68 -7.07
CA ILE A 328 13.57 -51.25 -6.79
C ILE A 328 14.96 -50.94 -6.27
N GLN A 329 15.68 -50.07 -6.95
CA GLN A 329 17.06 -49.76 -6.59
C GLN A 329 17.25 -48.26 -6.31
N PHE A 330 17.93 -47.96 -5.21
CA PHE A 330 18.25 -46.61 -4.79
C PHE A 330 19.74 -46.46 -5.04
N THR A 331 20.12 -45.50 -5.89
CA THR A 331 21.50 -45.38 -6.35
C THR A 331 22.20 -44.10 -5.91
N SER A 332 21.86 -42.98 -6.55
CA SER A 332 22.52 -41.72 -6.31
C SER A 332 21.70 -40.62 -6.96
N PRO A 333 21.96 -39.34 -6.67
CA PRO A 333 21.37 -38.29 -7.51
C PRO A 333 21.92 -38.41 -8.92
N ALA A 334 21.05 -38.05 -9.89
CA ALA A 334 21.39 -38.21 -11.31
C ALA A 334 22.63 -37.42 -11.70
N GLY A 335 22.85 -36.27 -11.09
CA GLY A 335 23.97 -35.41 -11.44
C GLY A 335 23.49 -33.99 -11.62
N GLY A 336 24.43 -33.05 -11.61
CA GLY A 336 24.12 -31.64 -11.68
C GLY A 336 25.06 -30.88 -10.77
N ASP A 337 24.70 -29.64 -10.46
CA ASP A 337 25.58 -28.85 -9.63
C ASP A 337 25.35 -29.18 -8.15
N LEU A 338 26.15 -28.54 -7.30
CA LEU A 338 26.11 -28.80 -5.86
C LEU A 338 24.74 -28.58 -5.25
N GLU A 339 24.11 -27.45 -5.57
CA GLU A 339 22.83 -27.09 -4.93
C GLU A 339 21.72 -28.10 -5.16
N ILE A 340 21.74 -28.83 -6.27
CA ILE A 340 20.72 -29.84 -6.55
C ILE A 340 21.18 -31.23 -6.14
N THR A 341 22.44 -31.55 -6.42
CA THR A 341 22.96 -32.89 -6.17
C THR A 341 23.00 -33.21 -4.68
N THR A 342 23.33 -32.23 -3.85
CA THR A 342 23.47 -32.43 -2.41
C THR A 342 22.19 -32.17 -1.63
N HIS A 343 22.25 -32.54 -0.35
CA HIS A 343 21.20 -32.34 0.65
C HIS A 343 21.42 -31.03 1.39
N SER A 344 20.62 -30.02 1.06
CA SER A 344 20.71 -28.70 1.67
C SER A 344 20.11 -28.75 3.07
N PHE A 345 20.85 -28.25 4.06
CA PHE A 345 20.42 -28.30 5.46
C PHE A 345 20.81 -26.99 6.12
N ASN A 346 19.89 -26.37 6.86
CA ASN A 346 20.14 -25.10 7.54
C ASN A 346 20.28 -25.34 9.05
N CYS A 347 21.50 -25.22 9.57
CA CYS A 347 21.80 -25.43 10.99
C CYS A 347 22.16 -24.09 11.64
N ARG A 348 21.17 -23.47 12.29
CA ARG A 348 21.35 -22.17 12.96
C ARG A 348 21.94 -21.11 12.03
N GLY A 349 21.54 -21.13 10.76
CA GLY A 349 22.04 -20.18 9.80
C GLY A 349 23.27 -20.61 9.04
N GLU A 350 23.86 -21.75 9.40
CA GLU A 350 25.03 -22.29 8.72
C GLU A 350 24.49 -23.26 7.68
N PHE A 351 24.78 -23.01 6.41
CA PHE A 351 24.19 -23.79 5.32
C PHE A 351 25.11 -24.93 4.90
N PHE A 352 24.61 -26.15 5.14
CA PHE A 352 25.27 -27.42 4.89
C PHE A 352 24.78 -27.97 3.57
N TYR A 353 25.68 -28.62 2.83
CA TYR A 353 25.38 -29.33 1.59
C TYR A 353 26.01 -30.72 1.71
N CYS A 354 25.21 -31.66 2.22
CA CYS A 354 25.68 -33.00 2.55
C CYS A 354 25.60 -33.92 1.34
N ASN A 355 26.58 -34.82 1.23
CA ASN A 355 26.64 -35.80 0.14
C ASN A 355 25.89 -37.04 0.58
N THR A 356 24.68 -37.23 0.05
CA THR A 356 23.79 -38.31 0.45
C THR A 356 23.93 -39.56 -0.39
N SER A 357 24.91 -39.62 -1.29
CA SER A 357 25.06 -40.80 -2.16
C SER A 357 25.34 -42.06 -1.37
N SER A 358 25.89 -41.95 -0.15
CA SER A 358 26.14 -43.13 0.66
C SER A 358 24.90 -43.66 1.36
N LEU A 359 23.80 -42.88 1.39
CA LEU A 359 22.57 -43.33 2.04
C LEU A 359 21.65 -44.08 1.10
N PHE A 360 21.48 -43.58 -0.12
CA PHE A 360 20.59 -44.20 -1.10
C PHE A 360 21.40 -45.17 -1.95
N ASN A 361 21.88 -46.23 -1.30
CA ASN A 361 22.76 -47.22 -1.90
C ASN A 361 22.26 -48.60 -1.51
N SER A 362 21.15 -49.02 -2.12
CA SER A 362 20.55 -50.30 -1.75
C SER A 362 19.64 -50.77 -2.86
N THR A 363 19.33 -52.07 -2.86
CA THR A 363 18.35 -52.62 -3.79
C THR A 363 17.33 -53.44 -3.01
N TYR A 364 16.04 -53.17 -3.27
CA TYR A 364 14.94 -53.91 -2.68
C TYR A 364 14.55 -55.02 -3.65
N ASN A 365 14.60 -56.25 -3.13
CA ASN A 365 14.29 -57.50 -3.81
C ASN A 365 12.88 -57.90 -3.41
N PRO A 366 11.88 -57.87 -4.32
CA PRO A 366 10.52 -58.28 -3.92
C PRO A 366 10.41 -59.67 -3.32
N ASN A 367 11.37 -60.56 -3.59
CA ASN A 367 11.36 -61.92 -3.06
C ASN A 367 12.20 -62.07 -1.81
N ASP A 368 12.70 -60.98 -1.24
CA ASP A 368 13.53 -60.99 -0.03
C ASP A 368 13.95 -59.55 0.27
N LEU A 380 26.06 -48.01 15.97
CA LEU A 380 26.69 -47.89 14.66
C LEU A 380 25.87 -46.96 13.77
N ASP A 381 26.42 -45.77 13.52
CA ASP A 381 25.76 -44.75 12.71
C ASP A 381 26.47 -44.56 11.38
N ILE A 382 25.71 -44.12 10.38
CA ILE A 382 26.24 -43.79 9.07
C ILE A 382 26.66 -42.32 9.12
N THR A 383 27.91 -42.05 8.75
CA THR A 383 28.45 -40.70 8.74
C THR A 383 28.36 -40.18 7.32
N ILE A 384 27.74 -39.01 7.17
CA ILE A 384 27.56 -38.36 5.88
C ILE A 384 28.54 -37.19 5.80
N PRO A 385 29.49 -37.19 4.85
CA PRO A 385 30.37 -36.02 4.77
C PRO A 385 29.55 -34.85 4.25
N CYS A 386 29.84 -33.66 4.77
CA CYS A 386 29.14 -32.45 4.38
C CYS A 386 30.11 -31.33 4.09
N ARG A 387 29.71 -30.44 3.17
CA ARG A 387 30.46 -29.22 2.90
C ARG A 387 29.57 -28.07 3.32
N ILE A 388 30.17 -26.93 3.63
CA ILE A 388 29.43 -25.76 4.10
C ILE A 388 29.72 -24.58 3.18
N LYS A 389 28.67 -23.80 2.88
CA LYS A 389 28.83 -22.60 2.08
C LYS A 389 28.33 -21.40 2.88
N GLN A 390 28.97 -20.25 2.67
CA GLN A 390 28.52 -19.01 3.26
C GLN A 390 27.62 -18.22 2.32
N ILE A 391 27.84 -18.34 1.01
CA ILE A 391 27.08 -17.61 0.01
C ILE A 391 26.13 -18.62 -0.64
N ILE A 392 24.84 -18.34 -0.57
CA ILE A 392 23.81 -19.23 -1.09
C ILE A 392 22.90 -18.48 -2.04
N ASN A 393 22.21 -19.25 -2.87
CA ASN A 393 21.19 -18.73 -3.80
C ASN A 393 19.91 -19.47 -3.43
N MET A 394 19.22 -18.98 -2.41
CA MET A 394 18.07 -19.68 -1.87
C MET A 394 16.88 -19.51 -2.82
N TRP A 395 16.00 -20.51 -2.83
CA TRP A 395 14.76 -20.53 -3.60
C TRP A 395 14.99 -20.63 -5.10
N GLN A 396 16.21 -20.94 -5.54
CA GLN A 396 16.57 -21.07 -6.95
C GLN A 396 16.40 -19.75 -7.72
N ARG A 397 16.49 -18.62 -7.03
CA ARG A 397 16.43 -17.33 -7.71
C ARG A 397 17.81 -16.95 -8.21
N VAL A 398 17.85 -16.08 -9.22
CA VAL A 398 19.09 -15.58 -9.79
C VAL A 398 19.15 -14.09 -9.50
N GLY A 399 20.25 -13.66 -8.89
CA GLY A 399 20.46 -12.27 -8.56
C GLY A 399 20.03 -11.88 -7.15
N GLN A 400 19.59 -12.84 -6.34
CA GLN A 400 19.17 -12.56 -4.97
C GLN A 400 19.97 -13.41 -3.98
N CYS A 401 21.29 -13.41 -4.11
CA CYS A 401 22.11 -14.23 -3.25
C CYS A 401 22.26 -13.57 -1.88
N MET A 402 22.53 -14.40 -0.87
CA MET A 402 22.70 -13.97 0.51
C MET A 402 23.98 -14.57 1.07
N TYR A 403 24.70 -13.77 1.88
CA TYR A 403 25.92 -14.21 2.55
C TYR A 403 25.64 -14.44 4.02
N ALA A 404 25.85 -15.66 4.48
CA ALA A 404 25.60 -15.99 5.88
C ALA A 404 26.86 -15.76 6.70
N PRO A 405 26.84 -14.97 7.77
CA PRO A 405 28.06 -14.77 8.55
C PRO A 405 28.41 -16.03 9.30
N PRO A 406 29.67 -16.23 9.70
CA PRO A 406 29.97 -17.40 10.53
C PRO A 406 29.27 -17.28 11.86
N ILE A 407 28.80 -18.41 12.38
CA ILE A 407 28.14 -18.48 13.67
C ILE A 407 29.08 -19.13 14.67
N GLU A 408 29.37 -18.42 15.75
CA GLU A 408 30.25 -18.93 16.78
C GLU A 408 29.44 -19.84 17.69
N GLY A 409 30.04 -20.94 18.11
CA GLY A 409 29.39 -21.86 19.02
C GLY A 409 29.61 -23.30 18.63
N ASN A 410 28.88 -24.17 19.33
CA ASN A 410 28.99 -25.61 19.14
C ASN A 410 28.46 -26.05 17.78
N ILE A 411 27.44 -25.35 17.25
CA ILE A 411 26.81 -25.65 15.97
C ILE A 411 26.48 -27.14 15.84
N THR A 412 25.50 -27.58 16.61
CA THR A 412 24.99 -28.95 16.57
C THR A 412 23.49 -28.85 16.39
N CYS A 413 22.94 -29.59 15.41
CA CYS A 413 21.50 -29.59 15.18
C CYS A 413 21.01 -31.02 15.06
N LYS A 414 19.95 -31.34 15.80
CA LYS A 414 19.28 -32.63 15.74
C LYS A 414 17.88 -32.42 15.19
N SER A 415 17.48 -33.25 14.23
CA SER A 415 16.17 -33.13 13.63
C SER A 415 15.60 -34.51 13.31
N ASN A 416 14.30 -34.53 13.04
CA ASN A 416 13.56 -35.73 12.71
C ASN A 416 13.36 -35.82 11.20
N ILE A 417 13.83 -36.90 10.58
CA ILE A 417 13.56 -37.15 9.18
C ILE A 417 12.21 -37.83 9.13
N THR A 418 11.24 -37.19 8.49
CA THR A 418 9.87 -37.69 8.41
C THR A 418 9.47 -38.13 7.02
N GLY A 419 10.20 -37.72 5.99
CA GLY A 419 9.85 -38.14 4.64
C GLY A 419 10.99 -37.89 3.69
N LEU A 420 10.80 -38.42 2.48
CA LEU A 420 11.79 -38.37 1.42
C LEU A 420 11.18 -37.83 0.13
N LEU A 421 12.01 -37.18 -0.68
CA LEU A 421 11.63 -36.75 -2.02
C LEU A 421 12.37 -37.64 -3.02
N LEU A 422 11.62 -38.45 -3.77
CA LEU A 422 12.20 -39.36 -4.75
C LEU A 422 11.69 -38.99 -6.14
N VAL A 423 12.53 -39.20 -7.14
CA VAL A 423 12.17 -39.00 -8.54
C VAL A 423 12.48 -40.30 -9.27
N ARG A 424 11.48 -40.85 -9.95
CA ARG A 424 11.68 -42.09 -10.69
C ARG A 424 12.27 -41.76 -12.06
N ASP A 425 13.30 -42.49 -12.45
CA ASP A 425 13.90 -42.29 -13.76
C ASP A 425 13.00 -42.87 -14.85
N GLY A 426 13.11 -42.29 -16.05
CA GLY A 426 12.36 -42.78 -17.19
C GLY A 426 12.94 -44.06 -17.77
N GLN A 431 11.33 -52.45 -17.55
CA GLN A 431 12.74 -52.77 -17.80
C GLN A 431 13.34 -53.47 -16.59
N GLU A 432 12.51 -54.27 -15.91
CA GLU A 432 12.86 -55.06 -14.74
C GLU A 432 13.19 -54.24 -13.49
N THR A 433 14.09 -53.27 -13.58
CA THR A 433 14.51 -52.48 -12.43
C THR A 433 14.13 -51.02 -12.62
N GLU A 434 13.47 -50.45 -11.61
CA GLU A 434 13.11 -49.05 -11.57
C GLU A 434 14.15 -48.31 -10.73
N ILE A 435 14.54 -47.13 -11.16
CA ILE A 435 15.54 -46.33 -10.44
C ILE A 435 14.85 -45.12 -9.81
N PHE A 436 15.01 -44.98 -8.50
CA PHE A 436 14.47 -43.89 -7.71
C PHE A 436 15.63 -43.09 -7.15
N ARG A 437 15.77 -41.83 -7.58
CA ARG A 437 16.89 -41.00 -7.18
C ARG A 437 16.43 -39.89 -6.23
N PRO A 438 17.28 -39.41 -5.32
CA PRO A 438 16.90 -38.23 -4.53
C PRO A 438 16.63 -37.04 -5.42
N GLY A 439 15.59 -36.28 -5.07
CA GLY A 439 15.23 -35.09 -5.82
C GLY A 439 15.14 -33.87 -4.92
N GLY A 440 14.63 -32.79 -5.46
CA GLY A 440 14.52 -31.53 -4.77
C GLY A 440 14.75 -30.41 -5.73
N GLY A 441 14.92 -29.20 -5.20
CA GLY A 441 15.10 -28.02 -6.00
C GLY A 441 13.88 -27.14 -6.15
N ASP A 442 12.70 -27.61 -5.76
CA ASP A 442 11.48 -26.80 -5.84
C ASP A 442 10.85 -26.97 -4.45
N MET A 443 11.01 -25.92 -3.64
CA MET A 443 10.61 -25.95 -2.25
C MET A 443 9.12 -26.15 -2.04
N ARG A 444 8.29 -25.89 -3.04
CA ARG A 444 6.85 -26.02 -2.86
C ARG A 444 6.46 -27.44 -2.50
N ASN A 445 7.24 -28.43 -2.97
CA ASN A 445 6.85 -29.81 -2.68
C ASN A 445 7.01 -30.12 -1.21
N ASN A 446 7.90 -29.43 -0.50
CA ASN A 446 8.07 -29.76 0.90
C ASN A 446 6.84 -29.31 1.66
N TRP A 447 6.26 -28.20 1.23
CA TRP A 447 5.11 -27.67 1.93
C TRP A 447 3.89 -28.52 1.60
N ARG A 448 3.91 -29.19 0.44
CA ARG A 448 2.81 -30.09 0.14
C ARG A 448 2.76 -31.19 1.18
N SER A 449 3.93 -31.60 1.69
CA SER A 449 3.98 -32.70 2.65
C SER A 449 3.23 -32.36 3.92
N GLU A 450 2.96 -31.08 4.18
CA GLU A 450 2.20 -30.66 5.33
C GLU A 450 0.79 -30.22 4.96
N LEU A 451 0.62 -29.63 3.78
CA LEU A 451 -0.67 -29.10 3.34
C LEU A 451 -1.53 -30.14 2.64
N TYR A 452 -1.05 -31.37 2.51
CA TYR A 452 -1.80 -32.43 1.84
C TYR A 452 -3.19 -32.69 2.40
N LYS A 453 -3.44 -32.37 3.66
CA LYS A 453 -4.73 -32.66 4.27
C LYS A 453 -5.73 -31.51 4.26
N TYR A 454 -5.39 -30.35 3.68
CA TYR A 454 -6.28 -29.19 3.71
C TYR A 454 -6.75 -28.77 2.32
N LYS A 455 -7.99 -28.30 2.27
CA LYS A 455 -8.59 -27.73 1.07
C LYS A 455 -9.33 -26.46 1.48
N VAL A 456 -9.28 -25.42 0.64
CA VAL A 456 -9.98 -24.16 0.92
C VAL A 456 -11.22 -24.11 0.04
N VAL A 457 -12.38 -23.86 0.65
CA VAL A 457 -13.63 -23.78 -0.08
C VAL A 457 -14.36 -22.48 0.25
N GLU A 458 -15.15 -22.00 -0.71
CA GLU A 458 -15.95 -20.79 -0.58
C GLU A 458 -17.37 -21.19 -0.20
N ILE A 459 -17.91 -20.52 0.81
CA ILE A 459 -19.27 -20.78 1.28
C ILE A 459 -20.24 -20.03 0.37
N LYS A 460 -21.30 -20.72 -0.06
CA LYS A 460 -22.35 -20.16 -0.91
C LYS A 460 -23.64 -20.21 -0.10
N PRO A 461 -23.83 -19.30 0.84
CA PRO A 461 -24.91 -19.45 1.83
C PRO A 461 -26.32 -19.34 1.27
N LEU A 462 -26.49 -18.87 0.04
CA LEU A 462 -27.82 -18.68 -0.54
C LEU A 462 -28.25 -19.89 -1.35
N GLY A 463 -29.35 -20.52 -0.90
CA GLY A 463 -29.88 -21.71 -1.55
C GLY A 463 -31.37 -21.53 -1.79
N ILE A 464 -31.88 -22.34 -2.72
CA ILE A 464 -33.28 -22.31 -3.13
C ILE A 464 -33.88 -23.69 -2.97
N ALA A 465 -35.11 -23.77 -2.43
CA ALA A 465 -35.79 -25.07 -2.34
C ALA A 465 -37.30 -24.87 -2.34
N PRO A 466 -38.07 -25.83 -2.87
CA PRO A 466 -39.53 -25.72 -2.80
C PRO A 466 -40.09 -26.02 -1.42
N THR A 467 -41.16 -25.31 -1.04
CA THR A 467 -41.87 -25.58 0.21
C THR A 467 -43.37 -25.54 -0.02
N ARG A 468 -44.10 -26.04 0.98
CA ARG A 468 -45.56 -26.07 0.94
C ARG A 468 -46.20 -24.68 0.94
N ALA A 469 -45.58 -23.70 1.61
CA ALA A 469 -46.18 -22.37 1.69
C ALA A 469 -45.98 -21.60 0.40
N LYS A 470 -46.91 -20.66 0.15
CA LYS A 470 -46.82 -19.76 -1.00
C LYS A 470 -46.22 -18.40 -0.66
N ARG A 471 -46.41 -17.90 0.56
CA ARG A 471 -45.89 -16.57 0.90
C ARG A 471 -45.87 -16.38 2.41
N ARG A 494 -23.53 -26.21 17.51
CA ARG A 494 -22.82 -26.44 16.26
C ARG A 494 -22.20 -25.14 15.78
N GLY A 495 -21.59 -25.16 14.61
CA GLY A 495 -20.93 -23.98 14.10
C GLY A 495 -20.31 -24.28 12.74
N PHE A 496 -19.74 -23.22 12.15
CA PHE A 496 -19.10 -23.28 10.85
C PHE A 496 -20.02 -23.96 9.83
N LEU A 497 -19.59 -25.07 9.23
CA LEU A 497 -20.32 -25.82 8.23
C LEU A 497 -20.85 -27.13 8.81
N GLY A 498 -20.90 -27.26 10.14
CA GLY A 498 -21.23 -28.52 10.79
C GLY A 498 -22.66 -29.02 10.68
N ALA A 499 -23.21 -28.96 9.47
CA ALA A 499 -24.51 -29.49 9.12
C ALA A 499 -24.45 -30.23 7.78
N ALA A 500 -23.38 -30.07 7.00
CA ALA A 500 -23.28 -30.66 5.68
C ALA A 500 -23.37 -32.17 5.80
N GLY A 501 -24.09 -32.78 4.88
CA GLY A 501 -24.30 -34.21 4.88
C GLY A 501 -25.60 -34.60 5.53
N SER A 502 -26.19 -33.70 6.31
CA SER A 502 -27.47 -33.94 6.95
C SER A 502 -28.56 -33.64 5.92
N THR A 503 -29.78 -34.03 6.27
CA THR A 503 -30.85 -33.81 5.30
C THR A 503 -31.22 -32.33 5.25
N MET A 504 -31.94 -31.95 4.19
CA MET A 504 -32.33 -30.56 4.02
C MET A 504 -33.21 -30.10 5.17
N GLY A 505 -34.12 -30.98 5.62
CA GLY A 505 -34.98 -30.63 6.73
C GLY A 505 -34.21 -30.51 8.04
N ALA A 506 -33.25 -31.42 8.25
CA ALA A 506 -32.46 -31.38 9.47
C ALA A 506 -31.64 -30.09 9.56
N ALA A 507 -31.11 -29.62 8.43
CA ALA A 507 -30.28 -28.42 8.42
C ALA A 507 -31.15 -27.15 8.38
N SER A 508 -31.95 -27.00 9.43
CA SER A 508 -32.84 -25.86 9.61
C SER A 508 -32.41 -24.94 10.74
N ILE A 509 -31.51 -25.40 11.60
CA ILE A 509 -31.07 -24.64 12.77
C ILE A 509 -29.80 -23.86 12.48
N THR A 510 -28.84 -24.48 11.80
CA THR A 510 -27.56 -23.86 11.53
C THR A 510 -27.61 -22.80 10.45
N LEU A 511 -28.79 -22.51 9.88
CA LEU A 511 -28.89 -21.45 8.88
C LEU A 511 -28.53 -20.09 9.48
N THR A 512 -28.81 -19.90 10.76
CA THR A 512 -28.49 -18.64 11.43
C THR A 512 -27.07 -18.67 12.00
N VAL A 513 -26.59 -19.83 12.41
CA VAL A 513 -25.24 -19.91 12.98
C VAL A 513 -24.23 -19.72 11.86
N GLN A 514 -24.47 -20.41 10.74
CA GLN A 514 -23.65 -20.27 9.56
C GLN A 514 -23.89 -18.88 9.00
N ALA A 515 -22.84 -18.30 8.41
CA ALA A 515 -22.77 -16.95 7.83
C ALA A 515 -22.58 -15.89 8.91
N ARG A 516 -22.33 -16.28 10.16
CA ARG A 516 -21.91 -15.29 11.15
C ARG A 516 -20.48 -14.85 10.92
N GLN A 517 -19.74 -15.59 10.10
CA GLN A 517 -18.38 -15.21 9.74
C GLN A 517 -18.37 -13.95 8.88
N LEU A 518 -19.46 -13.71 8.15
CA LEU A 518 -19.57 -12.58 7.23
C LEU A 518 -20.03 -11.33 7.97
N VAL A 544 2.90 -5.21 1.20
CA VAL A 544 2.44 -6.26 0.31
C VAL A 544 1.36 -7.04 1.05
N TRP A 545 1.70 -7.61 2.21
CA TRP A 545 0.71 -8.37 2.96
C TRP A 545 -0.42 -7.49 3.47
N GLY A 546 -0.16 -6.21 3.72
CA GLY A 546 -1.20 -5.34 4.22
C GLY A 546 -2.31 -5.14 3.20
N ILE A 547 -1.92 -4.96 1.94
CA ILE A 547 -2.92 -4.69 0.93
C ILE A 547 -3.66 -5.96 0.57
N LYS A 548 -2.95 -7.10 0.53
CA LYS A 548 -3.65 -8.35 0.24
C LYS A 548 -4.68 -8.64 1.32
N GLN A 549 -4.35 -8.32 2.57
CA GLN A 549 -5.29 -8.51 3.67
C GLN A 549 -6.50 -7.60 3.52
N LEU A 550 -6.27 -6.34 3.10
CA LEU A 550 -7.42 -5.48 2.86
C LEU A 550 -8.23 -5.98 1.67
N GLN A 551 -7.58 -6.49 0.62
CA GLN A 551 -8.35 -6.95 -0.53
C GLN A 551 -9.27 -8.10 -0.11
N THR A 552 -8.76 -8.99 0.75
CA THR A 552 -9.56 -10.12 1.19
C THR A 552 -10.74 -9.66 2.02
N ARG A 553 -10.51 -8.72 2.95
CA ARG A 553 -11.60 -8.24 3.79
C ARG A 553 -12.63 -7.48 2.97
N VAL A 554 -12.18 -6.64 2.05
CA VAL A 554 -13.10 -5.83 1.24
C VAL A 554 -13.93 -6.74 0.34
N LEU A 555 -13.30 -7.76 -0.27
CA LEU A 555 -14.09 -8.66 -1.10
C LEU A 555 -15.10 -9.44 -0.27
N ALA A 556 -14.75 -9.85 0.95
CA ALA A 556 -15.72 -10.54 1.79
C ALA A 556 -16.91 -9.63 2.08
N ILE A 557 -16.63 -8.34 2.32
CA ILE A 557 -17.68 -7.37 2.58
C ILE A 557 -18.55 -7.21 1.33
N GLU A 558 -17.92 -7.09 0.17
CA GLU A 558 -18.65 -6.89 -1.07
C GLU A 558 -19.57 -8.08 -1.36
N ARG A 559 -19.08 -9.31 -1.14
CA ARG A 559 -19.93 -10.46 -1.40
C ARG A 559 -21.11 -10.49 -0.44
N TYR A 560 -20.86 -10.17 0.84
CA TYR A 560 -21.97 -10.14 1.81
C TYR A 560 -23.01 -9.13 1.36
N LEU A 561 -22.57 -7.93 0.97
CA LEU A 561 -23.52 -6.91 0.57
C LEU A 561 -24.26 -7.30 -0.70
N LYS A 562 -23.59 -8.01 -1.63
CA LYS A 562 -24.30 -8.45 -2.82
C LYS A 562 -25.43 -9.41 -2.44
N ASP A 563 -25.16 -10.30 -1.48
CA ASP A 563 -26.22 -11.20 -1.04
C ASP A 563 -27.35 -10.46 -0.36
N GLN A 564 -27.02 -9.44 0.45
CA GLN A 564 -28.08 -8.71 1.14
C GLN A 564 -28.89 -7.88 0.15
N GLN A 565 -28.22 -7.32 -0.86
CA GLN A 565 -28.94 -6.54 -1.86
C GLN A 565 -29.87 -7.45 -2.64
N LEU A 566 -29.41 -8.65 -2.98
CA LEU A 566 -30.24 -9.56 -3.76
C LEU A 566 -31.46 -9.98 -2.94
N LEU A 567 -31.26 -10.24 -1.65
CA LEU A 567 -32.40 -10.60 -0.80
C LEU A 567 -33.38 -9.44 -0.69
N GLY A 568 -32.86 -8.20 -0.61
CA GLY A 568 -33.73 -7.04 -0.56
C GLY A 568 -34.56 -6.88 -1.83
N ILE A 569 -33.92 -7.12 -2.98
CA ILE A 569 -34.61 -7.02 -4.27
C ILE A 569 -35.76 -8.02 -4.32
N TRP A 570 -35.56 -9.19 -3.74
CA TRP A 570 -36.58 -10.23 -3.72
C TRP A 570 -37.65 -9.99 -2.66
N GLY A 571 -37.49 -8.96 -1.82
CA GLY A 571 -38.43 -8.73 -0.74
C GLY A 571 -38.20 -9.65 0.44
N CYS A 572 -36.97 -10.08 0.66
CA CYS A 572 -36.61 -11.02 1.70
C CYS A 572 -35.65 -10.48 2.75
N SER A 573 -35.16 -9.25 2.64
CA SER A 573 -34.14 -8.82 3.57
C SER A 573 -34.74 -8.75 4.97
N GLY A 574 -33.88 -8.95 5.96
CA GLY A 574 -34.29 -8.92 7.35
C GLY A 574 -34.68 -10.30 7.87
N LYS A 575 -34.81 -11.28 6.96
CA LYS A 575 -35.19 -12.65 7.26
C LYS A 575 -34.09 -13.57 6.79
N LEU A 576 -34.04 -14.77 7.38
CA LEU A 576 -33.15 -15.82 6.93
C LEU A 576 -33.84 -16.80 6.00
N ILE A 577 -35.14 -17.04 6.22
CA ILE A 577 -35.94 -17.93 5.39
C ILE A 577 -37.12 -17.10 4.90
N CYS A 578 -37.32 -17.04 3.57
CA CYS A 578 -38.47 -16.32 3.03
C CYS A 578 -39.11 -17.15 1.93
N THR A 579 -40.42 -17.12 1.86
CA THR A 579 -41.18 -17.83 0.83
C THR A 579 -41.80 -16.80 -0.09
N THR A 580 -41.65 -17.01 -1.40
CA THR A 580 -42.21 -16.10 -2.41
C THR A 580 -43.28 -16.80 -3.24
N ALA A 581 -43.90 -15.99 -4.11
CA ALA A 581 -45.07 -16.36 -4.91
C ALA A 581 -44.77 -17.16 -6.18
N VAL A 582 -43.51 -17.37 -6.54
CA VAL A 582 -43.23 -18.11 -7.77
C VAL A 582 -43.44 -19.61 -7.52
N PRO A 583 -44.27 -20.29 -8.31
CA PRO A 583 -44.48 -21.73 -8.10
C PRO A 583 -43.28 -22.53 -8.58
N TRP A 584 -43.19 -23.75 -8.09
CA TRP A 584 -42.21 -24.74 -8.56
C TRP A 584 -42.97 -25.75 -9.41
N ASN A 585 -42.93 -25.61 -10.75
CA ASN A 585 -43.76 -26.44 -11.63
C ASN A 585 -42.97 -27.63 -12.19
N SER A 586 -42.28 -28.33 -11.32
CA SER A 586 -41.38 -29.44 -11.69
C SER A 586 -40.31 -28.90 -12.64
N SER A 587 -39.74 -29.77 -13.47
CA SER A 587 -38.68 -29.51 -14.45
C SER A 587 -37.34 -29.21 -13.78
N TRP A 588 -37.34 -28.24 -12.87
CA TRP A 588 -36.16 -27.92 -12.09
C TRP A 588 -35.68 -29.13 -11.30
N SER A 589 -36.62 -29.85 -10.72
CA SER A 589 -36.37 -31.09 -10.00
C SER A 589 -37.69 -31.84 -10.01
N ASN A 590 -37.62 -33.14 -10.25
CA ASN A 590 -38.79 -33.99 -10.33
C ASN A 590 -39.11 -34.70 -9.03
N LYS A 591 -38.44 -34.33 -7.94
CA LYS A 591 -38.67 -34.93 -6.64
C LYS A 591 -39.81 -34.23 -5.90
N SER A 592 -40.48 -34.99 -5.05
CA SER A 592 -41.56 -34.47 -4.22
C SER A 592 -41.01 -33.70 -3.03
N HIS A 593 -41.89 -32.91 -2.40
CA HIS A 593 -41.51 -32.14 -1.22
C HIS A 593 -40.95 -33.04 -0.13
N ASP A 594 -41.59 -34.18 0.11
CA ASP A 594 -41.22 -34.97 1.27
C ASP A 594 -39.91 -35.70 1.03
N GLU A 595 -39.68 -36.19 -0.18
CA GLU A 595 -38.41 -36.90 -0.41
C GLU A 595 -37.25 -35.92 -0.45
N ILE A 596 -37.51 -34.67 -0.88
CA ILE A 596 -36.44 -33.67 -0.92
C ILE A 596 -36.03 -33.31 0.49
N TRP A 597 -37.01 -32.99 1.34
CA TRP A 597 -36.63 -32.59 2.69
C TRP A 597 -36.19 -33.81 3.50
N GLY A 598 -36.65 -34.99 3.15
CA GLY A 598 -36.30 -36.22 3.82
C GLY A 598 -34.93 -36.82 3.55
N ASN A 599 -34.64 -37.22 2.31
CA ASN A 599 -33.40 -37.95 2.00
C ASN A 599 -32.33 -37.16 1.27
N MET A 600 -32.58 -35.92 0.86
CA MET A 600 -31.58 -35.14 0.13
C MET A 600 -30.80 -34.24 1.08
N THR A 601 -29.52 -34.05 0.76
CA THR A 601 -28.66 -33.11 1.47
C THR A 601 -28.59 -31.82 0.66
N TRP A 602 -28.08 -30.76 1.29
CA TRP A 602 -27.98 -29.50 0.56
C TRP A 602 -26.90 -29.54 -0.52
N MET A 603 -25.86 -30.36 -0.34
CA MET A 603 -24.85 -30.46 -1.39
C MET A 603 -25.45 -31.12 -2.63
N GLN A 604 -26.22 -32.19 -2.43
CA GLN A 604 -26.81 -32.89 -3.55
C GLN A 604 -27.84 -32.01 -4.23
N TRP A 605 -28.63 -31.29 -3.42
CA TRP A 605 -29.66 -30.42 -3.96
C TRP A 605 -29.04 -29.33 -4.81
N ASP A 606 -27.98 -28.70 -4.30
CA ASP A 606 -27.35 -27.62 -5.06
C ASP A 606 -26.74 -28.16 -6.35
N ARG A 607 -26.16 -29.37 -6.30
CA ARG A 607 -25.60 -29.93 -7.53
C ARG A 607 -26.69 -30.16 -8.56
N GLU A 608 -27.85 -30.67 -8.11
CA GLU A 608 -28.95 -30.91 -9.04
C GLU A 608 -29.54 -29.61 -9.59
N ILE A 609 -29.57 -28.56 -8.77
CA ILE A 609 -30.14 -27.28 -9.16
C ILE A 609 -29.09 -26.34 -9.76
N GLY A 610 -27.81 -26.71 -9.73
CA GLY A 610 -26.76 -25.85 -10.26
C GLY A 610 -26.95 -25.41 -11.70
N ASN A 611 -27.60 -26.24 -12.52
CA ASN A 611 -27.84 -25.89 -13.91
C ASN A 611 -29.07 -25.02 -14.12
N TYR A 612 -29.84 -24.75 -13.07
CA TYR A 612 -31.04 -23.92 -13.13
C TYR A 612 -30.95 -22.63 -12.34
N THR A 613 -30.09 -22.55 -11.32
CA THR A 613 -30.02 -21.43 -10.38
C THR A 613 -30.17 -20.04 -11.01
N ASN A 614 -29.50 -19.76 -12.14
CA ASN A 614 -29.60 -18.41 -12.69
C ASN A 614 -30.97 -18.11 -13.29
N THR A 615 -31.67 -19.12 -13.82
CA THR A 615 -32.98 -18.84 -14.39
C THR A 615 -33.98 -18.72 -13.25
N ILE A 616 -33.73 -19.46 -12.17
CA ILE A 616 -34.63 -19.40 -11.04
C ILE A 616 -34.54 -18.02 -10.43
N TYR A 617 -33.30 -17.55 -10.21
CA TYR A 617 -33.11 -16.23 -9.62
C TYR A 617 -33.76 -15.17 -10.50
N ARG A 618 -33.58 -15.27 -11.82
CA ARG A 618 -34.17 -14.25 -12.69
C ARG A 618 -35.69 -14.28 -12.62
N LEU A 619 -36.28 -15.47 -12.49
CA LEU A 619 -37.74 -15.51 -12.37
C LEU A 619 -38.22 -14.93 -11.05
N LEU A 620 -37.44 -15.10 -9.98
CA LEU A 620 -37.88 -14.58 -8.68
C LEU A 620 -37.61 -13.09 -8.60
N GLU A 621 -36.52 -12.67 -9.22
CA GLU A 621 -36.05 -11.30 -9.17
C GLU A 621 -36.95 -10.35 -9.94
N ASP A 622 -37.15 -9.17 -9.35
CA ASP A 622 -37.86 -8.03 -9.92
C ASP A 622 -39.36 -8.20 -10.14
N SER A 623 -39.79 -9.24 -10.87
CA SER A 623 -41.20 -9.36 -11.23
C SER A 623 -42.11 -9.40 -10.01
N GLN A 624 -41.78 -10.25 -9.03
CA GLN A 624 -42.67 -10.39 -7.89
C GLN A 624 -42.58 -9.22 -6.93
N ASN A 625 -41.38 -8.65 -6.76
CA ASN A 625 -41.26 -7.57 -5.80
C ASN A 625 -41.78 -6.27 -6.39
N GLN A 626 -41.61 -6.08 -7.71
CA GLN A 626 -42.19 -4.90 -8.34
C GLN A 626 -43.69 -5.00 -8.33
N GLN A 627 -44.23 -6.18 -8.61
CA GLN A 627 -45.67 -6.35 -8.63
C GLN A 627 -46.27 -6.10 -7.25
N GLU A 628 -45.64 -6.66 -6.20
CA GLU A 628 -46.19 -6.45 -4.86
C GLU A 628 -46.09 -4.99 -4.43
N GLN A 629 -44.97 -4.32 -4.72
CA GLN A 629 -44.85 -2.93 -4.29
C GLN A 629 -45.80 -2.02 -5.07
N ASN A 630 -46.00 -2.30 -6.36
CA ASN A 630 -46.88 -1.46 -7.15
C ASN A 630 -48.33 -1.67 -6.76
N GLU A 631 -48.71 -2.92 -6.47
CA GLU A 631 -50.09 -3.17 -6.06
C GLU A 631 -50.36 -2.58 -4.68
N LYS A 632 -49.39 -2.70 -3.77
CA LYS A 632 -49.57 -2.12 -2.43
C LYS A 632 -49.63 -0.60 -2.49
N ASP A 633 -48.83 0.03 -3.37
CA ASP A 633 -48.86 1.48 -3.48
C ASP A 633 -50.19 1.96 -4.04
N LEU A 634 -50.72 1.27 -5.04
CA LEU A 634 -52.01 1.60 -5.66
C LEU A 634 -52.97 0.42 -5.55
N ASN B 3 -45.33 -7.63 33.78
CA ASN B 3 -44.08 -8.18 33.25
C ASN B 3 -43.47 -7.23 32.23
N LEU B 4 -42.15 -7.33 32.08
CA LEU B 4 -41.38 -6.53 31.12
C LEU B 4 -40.67 -7.47 30.16
N TRP B 5 -40.46 -7.00 28.93
CA TRP B 5 -39.75 -7.77 27.92
C TRP B 5 -38.56 -6.98 27.40
N VAL B 6 -37.59 -7.73 26.87
CA VAL B 6 -36.36 -7.12 26.38
C VAL B 6 -36.61 -6.31 25.12
N THR B 7 -36.16 -5.06 25.11
CA THR B 7 -36.21 -4.17 23.97
C THR B 7 -34.79 -3.77 23.58
N VAL B 8 -34.49 -3.84 22.29
CA VAL B 8 -33.17 -3.51 21.76
C VAL B 8 -33.23 -2.10 21.19
N TYR B 9 -32.29 -1.27 21.62
CA TYR B 9 -32.16 0.12 21.21
C TYR B 9 -30.84 0.30 20.47
N TYR B 10 -30.88 0.87 19.26
CA TYR B 10 -29.68 1.10 18.47
C TYR B 10 -29.45 2.61 18.43
N GLY B 11 -28.23 3.02 18.75
CA GLY B 11 -27.87 4.42 18.80
C GLY B 11 -27.76 4.92 20.23
N VAL B 12 -27.53 4.02 21.18
CA VAL B 12 -27.45 4.36 22.61
C VAL B 12 -26.18 5.17 22.87
N PRO B 13 -26.26 6.32 23.60
CA PRO B 13 -25.05 7.14 23.86
C PRO B 13 -24.15 6.53 24.94
N VAL B 14 -23.55 5.40 24.61
CA VAL B 14 -22.66 4.66 25.50
C VAL B 14 -21.36 4.38 24.74
N TRP B 15 -20.25 4.38 25.48
CA TRP B 15 -18.95 4.14 24.86
C TRP B 15 -18.00 3.43 25.81
N LYS B 16 -16.93 2.88 25.21
CA LYS B 16 -15.84 2.22 25.92
C LYS B 16 -14.51 2.74 25.42
N ASP B 17 -13.50 2.72 26.30
CA ASP B 17 -12.17 3.17 25.91
C ASP B 17 -11.63 2.30 24.78
N ALA B 18 -10.96 2.92 23.80
CA ALA B 18 -10.41 2.16 22.69
C ALA B 18 -9.20 2.85 22.07
N GLU B 19 -8.34 2.05 21.45
CA GLU B 19 -7.19 2.50 20.68
C GLU B 19 -7.53 2.45 19.20
N THR B 20 -7.33 3.55 18.49
CA THR B 20 -7.61 3.53 17.05
C THR B 20 -6.83 4.61 16.31
N THR B 21 -6.60 4.34 15.03
CA THR B 21 -5.96 5.29 14.13
C THR B 21 -6.92 6.43 13.84
N LEU B 22 -6.41 7.66 13.89
CA LEU B 22 -7.19 8.86 13.64
C LEU B 22 -6.85 9.45 12.27
N PHE B 23 -7.83 10.13 11.65
CA PHE B 23 -7.63 10.81 10.36
C PHE B 23 -7.31 12.28 10.60
N CYS B 24 -6.05 12.67 10.37
CA CYS B 24 -5.67 14.04 10.66
C CYS B 24 -6.32 15.02 9.70
N ALA B 25 -6.26 16.30 10.06
CA ALA B 25 -6.73 17.34 9.16
C ALA B 25 -5.95 18.63 9.43
N SER B 26 -5.85 19.46 8.41
CA SER B 26 -5.22 20.78 8.50
C SER B 26 -6.08 21.81 7.79
N ASP B 27 -5.84 23.07 8.13
CA ASP B 27 -6.53 24.16 7.45
C ASP B 27 -6.09 24.19 5.98
N ALA B 28 -6.96 24.73 5.13
CA ALA B 28 -6.68 24.80 3.71
C ALA B 28 -5.39 25.56 3.43
N LYS B 29 -4.62 25.05 2.48
CA LYS B 29 -3.34 25.60 2.01
C LYS B 29 -2.22 25.25 2.99
N LYS B 35 1.23 23.00 3.32
CA LYS B 35 1.67 23.21 1.95
C LYS B 35 2.79 22.21 1.63
N HIS B 36 3.93 22.67 1.09
CA HIS B 36 5.05 21.80 0.75
C HIS B 36 6.08 21.66 1.86
N ASN B 37 5.97 22.45 2.93
CA ASN B 37 7.00 22.51 3.95
C ASN B 37 7.02 21.23 4.79
N VAL B 38 8.06 21.15 5.64
CA VAL B 38 8.25 20.03 6.54
C VAL B 38 7.16 20.06 7.61
N TRP B 39 6.54 18.90 7.83
CA TRP B 39 5.40 18.67 8.71
C TRP B 39 4.10 19.16 8.07
N ALA B 40 4.13 19.57 6.80
CA ALA B 40 2.88 19.90 6.13
C ALA B 40 2.08 18.62 5.98
N THR B 41 0.76 18.74 5.99
CA THR B 41 -0.10 17.55 5.92
C THR B 41 -0.73 17.38 4.54
N HIS B 42 0.07 16.88 3.60
CA HIS B 42 -0.45 16.61 2.27
C HIS B 42 -1.18 15.27 2.25
N ALA B 43 -1.04 14.48 3.34
CA ALA B 43 -1.55 13.13 3.53
C ALA B 43 -2.98 13.06 4.05
N CYS B 44 -3.65 14.17 4.33
CA CYS B 44 -4.99 14.07 4.90
C CYS B 44 -5.87 15.26 4.53
N VAL B 45 -7.15 15.10 4.85
CA VAL B 45 -8.29 15.96 4.51
C VAL B 45 -8.27 17.38 5.11
N PRO B 46 -8.86 18.37 4.43
CA PRO B 46 -9.08 19.67 5.08
C PRO B 46 -10.00 19.55 6.29
N THR B 47 -9.79 20.46 7.26
CA THR B 47 -10.57 20.51 8.48
C THR B 47 -11.99 21.02 8.27
N ASP B 48 -12.82 20.67 9.25
CA ASP B 48 -14.18 21.16 9.37
C ASP B 48 -14.12 22.55 10.01
N PRO B 49 -14.58 23.61 9.36
CA PRO B 49 -14.44 24.96 9.95
C PRO B 49 -15.19 25.15 11.26
N ASN B 50 -16.13 24.27 11.59
CA ASN B 50 -16.90 24.35 12.84
C ASN B 50 -16.80 23.00 13.54
N PRO B 51 -15.96 22.86 14.57
CA PRO B 51 -15.82 21.54 15.24
C PRO B 51 -17.11 20.95 15.80
N GLN B 52 -18.18 21.73 15.95
CA GLN B 52 -19.46 21.25 16.49
C GLN B 52 -19.28 20.68 17.90
N GLU B 53 -18.58 21.44 18.74
CA GLU B 53 -18.39 21.03 20.13
C GLU B 53 -19.72 21.05 20.87
N MET B 54 -20.03 19.97 21.58
CA MET B 54 -21.23 19.88 22.38
C MET B 54 -20.87 19.36 23.75
N VAL B 55 -21.39 20.01 24.79
CA VAL B 55 -21.08 19.66 26.17
C VAL B 55 -21.98 18.51 26.59
N LEU B 56 -21.38 17.50 27.24
CA LEU B 56 -22.12 16.36 27.75
C LEU B 56 -22.41 16.64 29.22
N GLU B 57 -23.66 16.90 29.55
CA GLU B 57 -23.99 17.26 30.92
C GLU B 57 -24.09 16.01 31.78
N ASN B 58 -23.79 16.17 33.07
CA ASN B 58 -23.87 15.09 34.05
C ASN B 58 -23.04 13.88 33.63
N VAL B 59 -21.85 14.15 33.07
CA VAL B 59 -20.90 13.13 32.66
C VAL B 59 -19.56 13.42 33.34
N THR B 60 -18.99 12.42 34.00
CA THR B 60 -17.70 12.57 34.70
C THR B 60 -16.74 11.51 34.21
N GLU B 61 -16.10 11.79 33.07
CA GLU B 61 -15.18 10.87 32.43
C GLU B 61 -13.84 10.90 33.17
N ASN B 62 -13.26 9.72 33.39
CA ASN B 62 -11.96 9.61 34.04
C ASN B 62 -10.85 9.65 32.98
N PHE B 63 -10.08 10.75 32.97
CA PHE B 63 -9.04 10.96 31.97
C PHE B 63 -7.69 10.51 32.55
N ASN B 64 -6.83 9.99 31.68
CA ASN B 64 -5.48 9.62 32.07
C ASN B 64 -4.56 9.90 30.87
N MET B 65 -3.94 11.08 30.86
CA MET B 65 -3.21 11.51 29.67
C MET B 65 -1.99 10.64 29.41
N TRP B 66 -1.44 10.04 30.46
CA TRP B 66 -0.21 9.26 30.32
C TRP B 66 -0.40 7.94 29.60
N LYS B 67 -1.64 7.51 29.37
CA LYS B 67 -1.93 6.25 28.70
C LYS B 67 -2.61 6.46 27.35
N ASN B 68 -2.70 7.71 26.87
CA ASN B 68 -3.36 7.99 25.62
C ASN B 68 -2.62 7.37 24.44
N ASP B 69 -3.37 6.83 23.50
CA ASP B 69 -2.79 6.32 22.27
C ASP B 69 -2.60 7.44 21.26
N MET B 70 -3.17 8.62 21.51
CA MET B 70 -3.02 9.73 20.60
C MET B 70 -1.58 10.23 20.59
N VAL B 71 -0.87 10.05 21.70
CA VAL B 71 0.52 10.49 21.76
C VAL B 71 1.38 9.61 20.87
N GLU B 72 1.18 8.28 20.95
CA GLU B 72 1.94 7.38 20.09
C GLU B 72 1.57 7.61 18.63
N GLN B 73 0.28 7.89 18.38
CA GLN B 73 -0.15 8.14 17.01
C GLN B 73 0.50 9.40 16.47
N MET B 74 0.57 10.45 17.30
CA MET B 74 1.20 11.68 16.86
C MET B 74 2.68 11.46 16.60
N HIS B 75 3.34 10.69 17.47
CA HIS B 75 4.76 10.45 17.29
C HIS B 75 4.99 9.76 15.95
N THR B 76 4.21 8.72 15.67
CA THR B 76 4.37 8.00 14.42
C THR B 76 4.10 8.92 13.22
N ASP B 77 3.04 9.73 13.30
CA ASP B 77 2.72 10.60 12.18
C ASP B 77 3.81 11.65 11.94
N VAL B 78 4.38 12.19 13.02
CA VAL B 78 5.44 13.18 12.87
C VAL B 78 6.67 12.53 12.25
N ILE B 79 7.03 11.33 12.70
CA ILE B 79 8.19 10.65 12.12
C ILE B 79 7.94 10.38 10.65
N SER B 80 6.73 9.94 10.30
CA SER B 80 6.41 9.66 8.91
C SER B 80 6.55 10.91 8.05
N LEU B 81 6.01 12.04 8.53
CA LEU B 81 6.09 13.26 7.73
C LEU B 81 7.53 13.73 7.60
N TRP B 82 8.30 13.60 8.67
CA TRP B 82 9.71 13.97 8.65
C TRP B 82 10.46 13.16 7.60
N ASP B 83 10.29 11.84 7.63
CA ASP B 83 11.02 10.98 6.71
C ASP B 83 10.54 11.22 5.28
N GLN B 84 9.25 11.48 5.08
CA GLN B 84 8.79 11.76 3.72
C GLN B 84 9.42 13.04 3.21
N SER B 85 9.61 14.02 4.10
CA SER B 85 10.18 15.29 3.68
C SER B 85 11.65 15.15 3.30
N LEU B 86 12.42 14.34 4.03
CA LEU B 86 13.84 14.21 3.71
C LEU B 86 14.16 13.17 2.64
N LYS B 87 13.41 12.07 2.60
CA LYS B 87 13.61 10.92 1.70
C LYS B 87 14.00 11.23 0.25
N PRO B 88 13.31 12.09 -0.50
CA PRO B 88 13.59 12.21 -1.94
C PRO B 88 14.75 13.10 -2.35
N CYS B 89 15.59 13.62 -1.45
CA CYS B 89 16.64 14.55 -1.88
C CYS B 89 18.05 13.99 -1.66
N VAL B 90 19.03 14.81 -1.30
CA VAL B 90 20.44 14.43 -1.36
C VAL B 90 20.87 13.66 -0.12
N LYS B 91 21.53 12.50 -0.36
CA LYS B 91 22.00 11.61 0.70
C LYS B 91 23.42 11.91 1.18
N LEU B 92 24.14 12.83 0.52
CA LEU B 92 25.50 13.23 0.88
C LEU B 92 26.47 12.07 1.07
N THR B 93 26.33 11.03 0.25
CA THR B 93 27.28 9.91 0.37
C THR B 93 28.67 10.25 -0.19
N PRO B 94 28.83 11.26 -1.07
CA PRO B 94 30.21 11.72 -1.39
C PRO B 94 30.97 12.33 -0.23
N LEU B 95 30.31 12.69 0.86
CA LEU B 95 31.01 13.24 2.02
C LEU B 95 31.49 12.05 2.86
N CYS B 96 31.90 12.31 4.11
CA CYS B 96 32.56 11.28 4.92
C CYS B 96 33.89 10.94 4.28
N VAL B 97 34.66 12.00 4.06
CA VAL B 97 35.98 11.97 3.47
C VAL B 97 36.90 12.65 4.47
N THR B 98 38.20 12.50 4.28
CA THR B 98 39.12 13.17 5.19
C THR B 98 39.07 14.67 4.91
N LEU B 99 39.05 15.46 5.98
CA LEU B 99 39.06 16.91 5.90
C LEU B 99 40.33 17.42 6.58
N GLU B 100 40.91 18.48 6.02
CA GLU B 100 42.08 19.14 6.61
C GLU B 100 41.61 20.50 7.10
N CYS B 101 41.43 20.61 8.42
CA CYS B 101 40.78 21.74 9.04
C CYS B 101 41.78 22.66 9.69
N ARG B 102 41.72 23.94 9.31
CA ARG B 102 42.57 25.02 9.80
C ARG B 102 41.69 26.05 10.49
N GLN B 103 42.30 26.84 11.37
CA GLN B 103 41.57 27.93 12.01
C GLN B 103 41.02 28.90 10.97
N VAL B 104 39.84 29.44 11.24
CA VAL B 104 39.17 30.39 10.35
C VAL B 104 39.71 31.79 10.62
N ASN B 105 39.98 32.52 9.54
CA ASN B 105 40.48 33.89 9.64
C ASN B 105 39.33 34.86 9.88
N GLU B 119 37.24 29.13 17.87
CA GLU B 119 37.46 27.70 17.70
C GLU B 119 36.17 26.94 17.39
N GLU B 120 35.06 27.67 17.22
CA GLU B 120 33.79 27.02 16.91
C GLU B 120 33.65 26.62 15.45
N ILE B 121 34.33 27.33 14.53
CA ILE B 121 34.24 27.05 13.09
C ILE B 121 35.64 26.84 12.54
N LYS B 122 35.81 25.76 11.76
CA LYS B 122 37.06 25.41 11.12
C LYS B 122 36.93 25.41 9.59
N ASN B 123 38.05 25.73 8.91
CA ASN B 123 38.03 25.89 7.45
C ASN B 123 37.72 24.59 6.71
N CYS B 124 38.23 23.47 7.21
CA CYS B 124 37.99 22.11 6.71
C CYS B 124 37.93 21.90 5.19
N SER B 125 39.08 21.90 4.54
CA SER B 125 39.17 21.59 3.11
C SER B 125 38.98 20.09 2.88
N PHE B 126 38.35 19.74 1.76
CA PHE B 126 38.18 18.33 1.38
C PHE B 126 38.00 18.22 -0.12
N ASN B 127 38.15 16.99 -0.63
CA ASN B 127 38.03 16.71 -2.07
C ASN B 127 36.64 16.25 -2.53
N ALA B 128 35.94 15.46 -1.72
CA ALA B 128 34.63 14.87 -2.06
C ALA B 128 34.69 14.24 -3.46
N THR B 129 33.68 14.48 -4.31
CA THR B 129 33.65 14.01 -5.69
C THR B 129 33.09 15.14 -6.56
N THR B 130 33.28 14.99 -7.87
CA THR B 130 32.69 15.88 -8.87
C THR B 130 31.52 15.19 -9.56
N GLU B 131 30.83 15.96 -10.40
CA GLU B 131 29.69 15.43 -11.13
C GLU B 131 30.08 14.28 -12.05
N LEU B 132 31.31 14.26 -12.55
CA LEU B 132 31.80 13.13 -13.33
C LEU B 132 32.56 12.18 -12.41
N ARG B 133 32.36 10.88 -12.63
CA ARG B 133 33.00 9.86 -11.80
C ARG B 133 34.52 9.84 -11.88
N ASP B 134 35.11 10.33 -12.98
CA ASP B 134 36.55 10.26 -13.16
C ASP B 134 37.34 11.41 -12.54
N LYS B 135 36.69 12.43 -11.97
CA LYS B 135 37.42 13.57 -11.44
C LYS B 135 37.02 13.88 -10.01
N LYS B 136 37.96 14.49 -9.31
CA LYS B 136 37.77 15.02 -7.97
C LYS B 136 38.14 16.50 -8.03
N GLN B 137 37.65 17.27 -7.07
CA GLN B 137 37.87 18.71 -7.04
C GLN B 137 38.18 19.13 -5.62
N LYS B 138 39.22 19.94 -5.45
CA LYS B 138 39.56 20.43 -4.13
C LYS B 138 38.59 21.55 -3.79
N VAL B 139 37.81 21.36 -2.73
CA VAL B 139 36.79 22.30 -2.29
C VAL B 139 36.97 22.52 -0.81
N TYR B 140 36.28 23.53 -0.30
CA TYR B 140 36.28 23.77 1.14
C TYR B 140 34.88 24.17 1.55
N ALA B 141 34.59 23.92 2.83
CA ALA B 141 33.34 24.33 3.44
C ALA B 141 33.63 24.56 4.91
N LEU B 142 32.93 25.53 5.50
CA LEU B 142 33.10 25.78 6.92
C LEU B 142 32.15 24.85 7.67
N PHE B 143 32.65 24.27 8.75
CA PHE B 143 31.85 23.41 9.60
C PHE B 143 32.02 23.85 11.04
N TYR B 144 31.01 23.56 11.84
CA TYR B 144 31.10 23.83 13.27
C TYR B 144 31.96 22.76 13.93
N ARG B 145 32.66 23.15 14.99
CA ARG B 145 33.54 22.21 15.69
C ARG B 145 32.76 21.05 16.30
N LEU B 146 31.45 21.20 16.49
CA LEU B 146 30.63 20.14 17.05
C LEU B 146 30.31 19.05 16.03
N ASP B 147 30.49 19.34 14.73
CA ASP B 147 30.18 18.37 13.69
C ASP B 147 31.40 17.55 13.26
N ILE B 148 32.60 18.11 13.38
CA ILE B 148 33.83 17.43 12.96
C ILE B 148 34.47 16.74 14.16
N VAL B 149 34.92 15.50 13.95
CA VAL B 149 35.54 14.65 14.96
C VAL B 149 37.02 14.54 14.60
N PRO B 150 37.95 14.87 15.50
CA PRO B 150 39.36 14.85 15.14
C PRO B 150 39.94 13.47 14.89
N LEU B 151 40.91 13.43 14.00
CA LEU B 151 41.73 12.27 13.70
C LEU B 151 43.16 12.65 14.06
N GLU B 152 43.99 11.64 14.33
CA GLU B 152 45.41 11.86 14.63
C GLU B 152 45.48 12.76 15.86
N GLU B 153 46.00 13.98 15.78
CA GLU B 153 46.14 14.89 16.91
C GLU B 153 45.81 16.29 16.43
N GLU B 154 45.06 17.03 17.24
CA GLU B 154 44.68 18.40 16.90
C GLU B 154 45.80 19.37 17.26
N ARG B 155 46.30 20.09 16.26
CA ARG B 155 47.35 21.09 16.44
C ARG B 155 46.68 22.45 16.46
N LYS B 156 46.74 23.13 17.61
CA LYS B 156 46.05 24.40 17.80
C LYS B 156 46.39 25.41 16.70
N GLY B 157 47.65 25.46 16.29
CA GLY B 157 48.12 26.41 15.31
C GLY B 157 48.29 25.91 13.89
N ASN B 158 47.80 24.71 13.55
CA ASN B 158 48.06 24.12 12.25
C ASN B 158 46.84 23.33 11.79
N SER B 159 46.90 22.88 10.54
CA SER B 159 45.84 22.05 9.97
C SER B 159 45.89 20.65 10.57
N SER B 160 44.72 20.11 10.90
CA SER B 160 44.62 18.74 11.41
C SER B 160 43.54 17.98 10.66
N LYS B 161 43.66 16.65 10.66
CA LYS B 161 42.67 15.82 9.97
C LYS B 161 41.42 15.59 10.83
N TYR B 162 40.27 15.70 10.18
CA TYR B 162 38.96 15.48 10.80
C TYR B 162 38.08 14.66 9.87
N ARG B 163 37.02 14.08 10.46
CA ARG B 163 35.95 13.45 9.71
C ARG B 163 34.63 14.04 10.20
N LEU B 164 33.59 13.95 9.37
CA LEU B 164 32.30 14.47 9.82
C LEU B 164 31.66 13.49 10.78
N ILE B 165 30.91 14.03 11.75
CA ILE B 165 30.18 13.19 12.70
C ILE B 165 29.16 12.33 11.98
N ASN B 166 28.93 11.13 12.52
CA ASN B 166 28.04 10.09 12.00
C ASN B 166 28.61 9.36 10.79
N CYS B 167 29.85 9.64 10.38
CA CYS B 167 30.41 8.87 9.28
C CYS B 167 30.80 7.47 9.70
N ASN B 168 30.82 7.17 10.99
CA ASN B 168 31.03 5.82 11.49
C ASN B 168 29.71 5.11 11.77
N THR B 169 28.57 5.80 11.55
CA THR B 169 27.24 5.29 11.84
C THR B 169 26.39 5.30 10.58
N SER B 170 26.21 6.44 9.94
CA SER B 170 25.39 6.52 8.75
C SER B 170 25.63 7.86 8.07
N ALA B 171 25.66 7.86 6.73
CA ALA B 171 25.75 9.12 6.03
C ALA B 171 24.47 9.90 6.27
N CYS B 172 24.59 11.22 6.40
CA CYS B 172 23.44 12.06 6.68
C CYS B 172 22.76 12.51 5.41
N THR B 173 21.44 12.64 5.48
CA THR B 173 20.64 13.15 4.38
C THR B 173 20.60 14.67 4.49
N GLN B 174 20.81 15.35 3.38
CA GLN B 174 20.78 16.81 3.36
C GLN B 174 19.33 17.28 3.36
N ALA B 175 19.01 18.25 4.22
CA ALA B 175 17.66 18.80 4.20
C ALA B 175 17.45 19.36 2.80
N CYS B 176 16.29 19.09 2.25
CA CYS B 176 16.05 19.47 0.88
C CYS B 176 15.71 20.97 0.82
N PRO B 177 16.46 21.78 0.05
CA PRO B 177 16.27 23.25 0.12
C PRO B 177 14.91 23.73 -0.33
N LYS B 178 14.12 22.90 -0.99
CA LYS B 178 12.81 23.29 -1.49
C LYS B 178 11.75 23.38 -0.39
N VAL B 179 12.02 22.85 0.81
CA VAL B 179 11.07 22.87 1.91
C VAL B 179 11.70 23.56 3.10
N THR B 180 10.84 24.03 4.01
CA THR B 180 11.26 24.67 5.26
C THR B 180 10.61 23.95 6.44
N PHE B 181 10.95 24.41 7.63
CA PHE B 181 10.50 23.81 8.88
C PHE B 181 9.46 24.74 9.51
N ASP B 182 8.20 24.30 9.52
CA ASP B 182 7.11 25.14 10.04
C ASP B 182 6.07 24.28 10.75
N PRO B 183 5.87 24.44 12.08
CA PRO B 183 4.96 23.52 12.82
C PRO B 183 3.49 23.80 12.56
N ILE B 184 3.03 23.48 11.36
CA ILE B 184 1.62 23.70 10.98
C ILE B 184 0.69 22.96 11.93
N PRO B 185 -0.42 23.56 12.39
CA PRO B 185 -1.35 22.83 13.27
C PRO B 185 -1.92 21.59 12.59
N ILE B 186 -2.06 20.50 13.35
CA ILE B 186 -2.65 19.25 12.89
C ILE B 186 -3.88 18.92 13.73
N HIS B 187 -5.04 18.75 13.06
CA HIS B 187 -6.32 18.49 13.71
C HIS B 187 -6.60 17.00 13.53
N TYR B 188 -6.73 16.28 14.64
CA TYR B 188 -7.12 14.84 14.56
C TYR B 188 -8.63 14.79 14.84
N CYS B 189 -9.39 14.59 13.77
CA CYS B 189 -10.86 14.51 13.90
C CYS B 189 -11.19 13.04 14.12
N ALA B 190 -12.04 12.76 15.10
CA ALA B 190 -12.28 11.33 15.45
C ALA B 190 -12.75 10.63 14.17
N PRO B 191 -12.38 9.35 13.94
CA PRO B 191 -12.84 8.61 12.78
C PRO B 191 -14.26 8.15 13.08
N ALA B 192 -14.98 7.74 12.03
CA ALA B 192 -16.37 7.32 12.20
C ALA B 192 -16.43 6.12 13.12
N GLY B 193 -17.39 6.15 14.04
CA GLY B 193 -17.61 5.12 15.01
C GLY B 193 -16.93 5.39 16.34
N TYR B 194 -16.07 6.40 16.38
CA TYR B 194 -15.30 6.84 17.53
C TYR B 194 -15.59 8.32 17.76
N ALA B 195 -15.36 8.77 18.99
CA ALA B 195 -15.53 10.18 19.30
C ALA B 195 -14.42 10.61 20.24
N ILE B 196 -14.07 11.89 20.17
CA ILE B 196 -13.06 12.48 21.05
C ILE B 196 -13.75 13.31 22.12
N LEU B 197 -13.44 12.98 23.37
CA LEU B 197 -13.96 13.66 24.54
C LEU B 197 -12.90 14.64 25.00
N LYS B 198 -13.27 15.92 25.06
CA LYS B 198 -12.38 16.99 25.44
C LYS B 198 -12.73 17.42 26.86
N CYS B 199 -11.71 17.49 27.71
CA CYS B 199 -11.86 17.94 29.09
C CYS B 199 -11.65 19.45 29.14
N ASN B 200 -12.67 20.17 29.56
CA ASN B 200 -12.62 21.63 29.68
C ASN B 200 -12.50 22.10 31.13
N ASN B 201 -12.19 21.21 32.05
CA ASN B 201 -12.05 21.60 33.45
C ASN B 201 -10.72 22.30 33.66
N LYS B 202 -10.77 23.43 34.36
CA LYS B 202 -9.58 24.19 34.68
C LYS B 202 -8.93 23.62 35.93
N THR B 203 -7.64 23.90 36.08
CA THR B 203 -6.82 23.38 37.18
C THR B 203 -6.96 21.86 37.26
N PHE B 204 -6.96 21.22 36.10
CA PHE B 204 -7.08 19.78 35.95
C PHE B 204 -5.70 19.20 35.63
N ASN B 205 -5.28 18.22 36.41
CA ASN B 205 -3.98 17.59 36.18
C ASN B 205 -4.14 16.44 35.18
N GLY B 206 -3.03 15.76 34.91
CA GLY B 206 -3.02 14.74 33.87
C GLY B 206 -3.94 13.56 34.10
N THR B 207 -4.18 13.17 35.35
CA THR B 207 -4.98 11.99 35.67
C THR B 207 -6.09 12.33 36.66
N GLY B 208 -7.30 11.86 36.35
CA GLY B 208 -8.45 11.98 37.23
C GLY B 208 -9.76 12.34 36.55
N PRO B 209 -10.86 12.26 37.31
CA PRO B 209 -12.17 12.63 36.77
C PRO B 209 -12.24 14.08 36.30
N CYS B 210 -12.90 14.29 35.16
CA CYS B 210 -13.13 15.61 34.60
C CYS B 210 -14.64 15.88 34.68
N ASN B 211 -15.02 17.00 35.28
CA ASN B 211 -16.44 17.31 35.48
C ASN B 211 -17.07 18.17 34.39
N ASN B 212 -16.33 18.53 33.33
CA ASN B 212 -16.88 19.32 32.24
C ASN B 212 -16.30 18.72 30.97
N VAL B 213 -17.03 17.74 30.42
CA VAL B 213 -16.56 16.92 29.31
C VAL B 213 -17.46 17.18 28.11
N SER B 214 -16.85 17.55 26.98
CA SER B 214 -17.58 17.82 25.74
C SER B 214 -17.09 16.85 24.67
N THR B 215 -17.90 16.65 23.64
CA THR B 215 -17.55 15.78 22.53
C THR B 215 -17.31 16.66 21.31
N VAL B 216 -16.20 16.44 20.60
CA VAL B 216 -15.87 17.25 19.44
C VAL B 216 -15.62 16.36 18.23
N GLN B 217 -15.80 16.96 17.05
CA GLN B 217 -15.38 16.29 15.83
C GLN B 217 -13.87 16.33 15.69
N CYS B 218 -13.27 17.46 16.07
CA CYS B 218 -11.84 17.68 15.92
C CYS B 218 -11.28 18.38 17.15
N THR B 219 -10.00 18.13 17.39
CA THR B 219 -9.25 18.73 18.47
C THR B 219 -8.80 20.12 18.04
N HIS B 220 -8.27 20.89 18.99
CA HIS B 220 -7.68 22.15 18.59
C HIS B 220 -6.41 21.77 17.84
N GLY B 221 -5.85 22.70 17.06
CA GLY B 221 -4.67 22.34 16.31
C GLY B 221 -3.48 22.15 17.23
N ILE B 222 -2.71 21.10 16.96
CA ILE B 222 -1.52 20.76 17.71
C ILE B 222 -0.34 21.12 16.83
N LYS B 223 0.58 21.95 17.34
CA LYS B 223 1.73 22.32 16.54
C LYS B 223 2.89 21.38 16.83
N PRO B 224 3.49 20.69 15.84
CA PRO B 224 4.61 19.79 16.16
C PRO B 224 5.90 20.55 16.40
N VAL B 225 5.94 21.34 17.47
CA VAL B 225 7.12 22.14 17.78
C VAL B 225 8.14 21.23 18.45
N VAL B 226 9.37 21.28 17.96
CA VAL B 226 10.45 20.45 18.48
C VAL B 226 11.32 21.31 19.39
N SER B 227 11.45 20.87 20.63
CA SER B 227 12.29 21.55 21.61
C SER B 227 12.53 20.58 22.76
N THR B 228 13.51 20.91 23.59
CA THR B 228 13.75 20.20 24.84
C THR B 228 13.73 21.19 25.99
N GLN B 229 13.53 20.66 27.20
CA GLN B 229 13.54 21.42 28.45
C GLN B 229 12.43 22.46 28.56
N LEU B 230 12.31 23.35 27.58
CA LEU B 230 11.27 24.37 27.53
C LEU B 230 10.26 24.05 26.44
N LEU B 231 8.98 24.18 26.78
CA LEU B 231 7.89 23.92 25.83
C LEU B 231 7.52 25.25 25.18
N LEU B 232 7.65 25.31 23.86
CA LEU B 232 7.45 26.54 23.11
C LEU B 232 6.17 26.48 22.28
N ASN B 233 5.55 27.65 22.13
CA ASN B 233 4.39 27.85 21.26
C ASN B 233 3.28 26.86 21.55
N GLY B 234 3.07 26.53 22.83
CA GLY B 234 2.03 25.62 23.22
C GLY B 234 0.83 26.34 23.82
N SER B 235 -0.04 25.56 24.45
CA SER B 235 -1.20 26.09 25.13
C SER B 235 -0.78 26.54 26.53
N LEU B 236 -1.54 27.46 27.10
CA LEU B 236 -1.29 27.91 28.47
C LEU B 236 -2.56 27.81 29.30
N ALA B 237 -2.36 27.61 30.60
CA ALA B 237 -3.46 27.43 31.54
C ALA B 237 -4.23 28.74 31.71
N GLU B 238 -5.54 28.63 31.88
CA GLU B 238 -6.36 29.81 32.18
C GLU B 238 -6.53 30.02 33.68
N GLY B 239 -6.03 29.10 34.51
CA GLY B 239 -6.19 29.13 35.94
C GLY B 239 -4.89 29.51 36.63
N GLU B 240 -4.14 28.48 37.02
CA GLU B 240 -2.91 28.61 37.79
C GLU B 240 -1.88 27.69 37.16
N ILE B 241 -0.68 27.65 37.74
CA ILE B 241 0.35 26.74 37.25
C ILE B 241 -0.06 25.32 37.58
N ILE B 242 -0.02 24.43 36.58
CA ILE B 242 -0.45 23.05 36.73
C ILE B 242 0.75 22.12 36.61
N ILE B 243 0.93 21.25 37.61
CA ILE B 243 2.00 20.27 37.67
C ILE B 243 1.42 18.94 37.24
N ARG B 244 1.93 18.34 36.16
CA ARG B 244 1.42 17.06 35.66
C ARG B 244 2.51 15.99 35.65
N SER B 245 2.18 14.83 36.19
CA SER B 245 3.09 13.70 36.22
C SER B 245 2.26 12.43 36.42
N GLU B 246 2.88 11.26 36.17
CA GLU B 246 2.18 10.03 36.51
C GLU B 246 2.10 9.87 38.01
N GLN B 247 3.17 10.24 38.70
CA GLN B 247 3.27 10.19 40.14
C GLN B 247 4.43 11.11 40.50
N LEU B 248 4.25 11.94 41.52
CA LEU B 248 5.36 12.81 41.92
C LEU B 248 6.35 12.07 42.82
N THR B 249 5.88 11.05 43.54
CA THR B 249 6.76 10.29 44.42
C THR B 249 7.83 9.54 43.62
N ASN B 250 7.46 9.00 42.46
CA ASN B 250 8.38 8.22 41.64
C ASN B 250 9.26 9.18 40.84
N ASN B 251 10.56 9.21 41.16
CA ASN B 251 11.50 10.14 40.58
C ASN B 251 11.92 9.83 39.14
N VAL B 252 11.44 8.75 38.51
CA VAL B 252 11.84 8.45 37.12
C VAL B 252 10.90 9.10 36.11
N LYS B 253 9.76 9.65 36.54
CA LYS B 253 8.78 10.20 35.63
C LYS B 253 9.10 11.67 35.36
N THR B 254 8.73 12.13 34.17
CA THR B 254 8.92 13.52 33.80
C THR B 254 7.73 14.32 34.32
N ILE B 255 8.01 15.53 34.78
CA ILE B 255 7.00 16.47 35.26
C ILE B 255 6.85 17.58 34.25
N ILE B 256 5.64 17.75 33.74
CA ILE B 256 5.30 18.80 32.77
C ILE B 256 4.66 19.93 33.57
N VAL B 257 5.23 21.12 33.49
CA VAL B 257 4.76 22.28 34.24
C VAL B 257 4.14 23.23 33.23
N HIS B 258 2.85 23.53 33.42
CA HIS B 258 2.11 24.46 32.58
C HIS B 258 1.94 25.79 33.29
N LEU B 259 2.31 26.86 32.61
CA LEU B 259 2.20 28.21 33.14
C LEU B 259 0.86 28.80 32.70
N ASN B 260 0.38 29.79 33.47
CA ASN B 260 -0.83 30.51 33.10
C ASN B 260 -0.53 31.79 32.33
N GLU B 261 0.74 32.05 32.04
CA GLU B 261 1.17 33.18 31.22
C GLU B 261 2.45 32.75 30.55
N SER B 262 2.66 33.22 29.32
CA SER B 262 3.88 32.88 28.61
C SER B 262 5.01 33.84 28.94
N VAL B 263 6.22 33.40 28.62
CA VAL B 263 7.43 34.22 28.75
C VAL B 263 8.03 34.36 27.35
N GLU B 264 8.33 35.58 26.95
CA GLU B 264 8.86 35.77 25.61
C GLU B 264 10.33 35.36 25.58
N ILE B 265 10.71 34.63 24.54
CA ILE B 265 12.08 34.22 24.30
C ILE B 265 12.45 34.63 22.87
N VAL B 266 13.59 35.32 22.71
CA VAL B 266 14.06 35.73 21.38
C VAL B 266 15.46 35.18 21.16
N CYS B 267 15.61 34.31 20.17
CA CYS B 267 16.86 33.64 19.85
C CYS B 267 17.39 34.19 18.53
N THR B 268 18.70 34.50 18.50
CA THR B 268 19.36 35.03 17.31
C THR B 268 20.68 34.34 17.05
N ARG B 269 21.08 34.49 15.78
CA ARG B 269 22.37 34.03 15.24
C ARG B 269 23.02 35.27 14.60
N PRO B 270 23.66 36.12 15.40
CA PRO B 270 24.03 37.46 14.93
C PRO B 270 25.23 37.49 14.00
N ASN B 271 25.13 36.76 12.88
CA ASN B 271 26.20 36.67 11.91
C ASN B 271 25.58 36.56 10.53
N GLN B 272 26.44 36.52 9.51
CA GLN B 272 26.03 36.35 8.12
C GLN B 272 26.94 35.35 7.46
N TYR B 273 26.35 34.44 6.67
CA TYR B 273 27.08 33.41 5.96
C TYR B 273 26.61 33.39 4.52
N THR B 274 27.48 32.93 3.63
CA THR B 274 27.15 32.76 2.22
C THR B 274 27.00 31.28 1.93
N ARG B 275 25.92 30.94 1.25
CA ARG B 275 25.70 29.57 0.81
C ARG B 275 26.50 29.32 -0.46
N LYS B 276 27.24 28.21 -0.48
CA LYS B 276 28.02 27.79 -1.63
C LYS B 276 27.44 26.48 -2.15
N SER B 277 27.46 26.30 -3.47
CA SER B 277 26.97 25.07 -4.08
C SER B 277 28.16 24.29 -4.60
N ILE B 278 28.37 23.10 -4.03
CA ILE B 278 29.42 22.18 -4.44
C ILE B 278 28.73 21.03 -5.13
N ARG B 279 29.05 20.79 -6.39
CA ARG B 279 28.38 19.71 -7.11
C ARG B 279 29.17 18.44 -6.84
N ILE B 280 28.49 17.44 -6.26
CA ILE B 280 29.14 16.22 -5.81
C ILE B 280 28.74 15.00 -6.63
N GLY B 281 27.70 15.09 -7.44
CA GLY B 281 27.28 14.01 -8.30
C GLY B 281 26.22 14.53 -9.22
N PRO B 282 25.71 13.69 -10.13
CA PRO B 282 24.66 14.16 -11.04
C PRO B 282 23.46 14.66 -10.25
N GLY B 283 23.03 15.89 -10.55
CA GLY B 283 21.87 16.43 -9.89
C GLY B 283 22.14 16.92 -8.47
N GLN B 284 22.46 15.97 -7.60
CA GLN B 284 22.68 16.25 -6.19
C GLN B 284 23.76 17.31 -5.98
N THR B 285 23.43 18.30 -5.16
CA THR B 285 24.31 19.42 -4.83
C THR B 285 24.43 19.54 -3.32
N PHE B 286 25.66 19.72 -2.85
CA PHE B 286 25.92 19.94 -1.43
C PHE B 286 25.95 21.44 -1.17
N TYR B 287 25.23 21.88 -0.14
CA TYR B 287 25.18 23.29 0.23
C TYR B 287 26.09 23.55 1.42
N ALA B 288 27.15 24.29 1.16
CA ALA B 288 28.22 24.56 2.11
C ALA B 288 28.08 25.97 2.68
N MET B 289 28.61 26.16 3.88
CA MET B 289 28.68 27.46 4.52
C MET B 289 30.05 28.08 4.23
N GLY B 290 30.08 29.37 3.93
CA GLY B 290 31.38 30.00 3.76
C GLY B 290 31.29 31.51 3.67
N ASP B 291 32.45 32.11 3.38
CA ASP B 291 32.61 33.56 3.20
C ASP B 291 31.97 34.37 4.33
N ILE B 292 32.44 34.15 5.56
CA ILE B 292 31.87 34.83 6.71
C ILE B 292 32.14 36.33 6.56
N ILE B 293 31.12 37.14 6.76
CA ILE B 293 31.20 38.59 6.62
C ILE B 293 31.27 39.19 8.01
N GLY B 294 32.34 39.93 8.30
CA GLY B 294 32.49 40.53 9.61
C GLY B 294 33.07 39.55 10.61
N ASN B 295 32.84 39.87 11.88
CA ASN B 295 33.36 39.08 12.99
C ASN B 295 32.40 37.94 13.27
N ILE B 296 32.90 36.89 13.92
CA ILE B 296 32.05 35.76 14.29
C ILE B 296 31.59 36.00 15.72
N ARG B 297 30.30 36.27 15.87
CA ARG B 297 29.65 36.50 17.14
C ARG B 297 28.99 35.20 17.60
N GLN B 298 28.96 34.98 18.90
CA GLN B 298 28.34 33.76 19.41
C GLN B 298 26.83 33.87 19.33
N ALA B 299 26.18 32.78 18.93
CA ALA B 299 24.73 32.75 18.90
C ALA B 299 24.21 32.89 20.32
N TYR B 300 23.05 33.50 20.47
CA TYR B 300 22.53 33.69 21.82
C TYR B 300 21.02 33.79 21.80
N CYS B 301 20.43 33.69 22.99
CA CYS B 301 18.98 33.84 23.10
C CYS B 301 18.64 34.59 24.38
N ASN B 302 17.71 35.54 24.30
CA ASN B 302 17.33 36.38 25.44
C ASN B 302 15.98 35.97 26.02
N ILE B 303 15.93 35.89 27.36
CA ILE B 303 14.70 35.70 28.12
C ILE B 303 14.61 36.83 29.14
N SER B 304 13.47 37.52 29.20
CA SER B 304 13.36 38.64 30.14
C SER B 304 13.58 38.16 31.57
N LYS B 305 14.36 38.93 32.32
CA LYS B 305 14.75 38.51 33.67
C LYS B 305 13.59 38.53 34.66
N ASP B 306 12.74 39.57 34.62
CA ASP B 306 11.67 39.67 35.60
C ASP B 306 10.60 38.61 35.39
N ASP B 307 10.31 38.28 34.13
CA ASP B 307 9.27 37.30 33.88
C ASP B 307 9.76 35.91 34.26
N TRP B 308 11.02 35.63 33.96
CA TRP B 308 11.59 34.33 34.29
C TRP B 308 11.62 34.15 35.80
N ILE B 309 12.07 35.18 36.53
CA ILE B 309 12.18 35.05 37.98
C ILE B 309 10.80 34.85 38.59
N ARG B 310 9.80 35.65 38.16
CA ARG B 310 8.47 35.47 38.73
C ARG B 310 7.92 34.09 38.39
N THR B 311 8.19 33.62 37.16
CA THR B 311 7.70 32.32 36.73
C THR B 311 8.26 31.22 37.61
N LEU B 312 9.58 31.27 37.87
CA LEU B 312 10.17 30.19 38.66
C LEU B 312 9.79 30.31 40.13
N GLN B 313 9.58 31.52 40.65
CA GLN B 313 9.13 31.62 42.02
C GLN B 313 7.75 31.01 42.18
N ARG B 314 6.85 31.25 41.21
CA ARG B 314 5.52 30.67 41.33
C ARG B 314 5.55 29.16 41.11
N VAL B 315 6.40 28.67 40.20
CA VAL B 315 6.50 27.23 40.01
C VAL B 315 7.02 26.59 41.29
N GLY B 316 8.01 27.24 41.91
CA GLY B 316 8.53 26.75 43.18
C GLY B 316 7.43 26.64 44.21
N LYS B 317 6.62 27.70 44.36
CA LYS B 317 5.53 27.68 45.32
C LYS B 317 4.56 26.54 45.05
N LYS B 318 4.19 26.33 43.78
CA LYS B 318 3.24 25.27 43.48
C LYS B 318 3.83 23.89 43.77
N LEU B 319 5.11 23.69 43.42
CA LEU B 319 5.73 22.42 43.73
C LEU B 319 5.82 22.23 45.24
N ALA B 320 6.10 23.33 45.98
CA ALA B 320 6.16 23.24 47.43
C ALA B 320 4.81 22.79 47.97
N GLU B 321 3.73 23.22 47.31
CA GLU B 321 2.41 22.75 47.74
C GLU B 321 2.33 21.25 47.49
N HIS B 322 2.93 20.80 46.39
CA HIS B 322 2.95 19.37 46.07
C HIS B 322 4.01 18.63 46.89
N PHE B 323 5.07 19.32 47.30
CA PHE B 323 6.17 18.77 48.08
C PHE B 323 6.31 19.57 49.37
N PRO B 324 5.41 19.35 50.34
CA PRO B 324 5.43 20.17 51.56
C PRO B 324 6.64 19.85 52.43
N ARG B 325 6.99 20.83 53.26
CA ARG B 325 8.12 20.71 54.20
C ARG B 325 9.42 20.42 53.46
N ARG B 326 9.62 21.07 52.32
CA ARG B 326 10.84 20.92 51.53
C ARG B 326 11.26 22.27 50.95
N ILE B 327 12.56 22.40 50.73
CA ILE B 327 13.17 23.54 50.03
C ILE B 327 13.31 23.07 48.60
N ILE B 328 12.92 23.90 47.62
CA ILE B 328 12.99 23.48 46.22
C ILE B 328 14.10 24.25 45.51
N GLN B 329 15.06 23.53 44.95
CA GLN B 329 16.21 24.15 44.32
C GLN B 329 16.34 23.73 42.86
N PHE B 330 16.58 24.72 42.00
CA PHE B 330 16.77 24.53 40.57
C PHE B 330 18.26 24.78 40.34
N THR B 331 18.97 23.76 39.82
CA THR B 331 20.42 23.81 39.72
C THR B 331 20.95 23.79 38.29
N SER B 332 20.93 22.63 37.66
CA SER B 332 21.50 22.46 36.34
C SER B 332 21.03 21.13 35.78
N PRO B 333 21.21 20.85 34.49
CA PRO B 333 21.03 19.46 34.03
C PRO B 333 22.05 18.56 34.71
N ALA B 334 21.63 17.31 34.95
CA ALA B 334 22.47 16.36 35.68
C ALA B 334 23.79 16.10 34.99
N GLY B 335 23.82 16.12 33.66
CA GLY B 335 25.02 15.82 32.92
C GLY B 335 24.70 14.84 31.80
N GLY B 336 25.61 14.73 30.84
CA GLY B 336 25.41 13.89 29.68
C GLY B 336 25.97 14.60 28.47
N ASP B 337 25.57 14.14 27.29
CA ASP B 337 26.11 14.73 26.08
C ASP B 337 25.33 16.01 25.74
N LEU B 338 25.78 16.67 24.68
CA LEU B 338 25.20 17.95 24.26
C LEU B 338 23.70 17.87 23.98
N GLU B 339 23.28 16.85 23.22
CA GLU B 339 21.88 16.74 22.80
C GLU B 339 20.89 16.66 23.95
N ILE B 340 21.29 16.11 25.10
CA ILE B 340 20.41 16.01 26.26
C ILE B 340 20.62 17.16 27.23
N THR B 341 21.89 17.52 27.47
CA THR B 341 22.23 18.54 28.44
C THR B 341 21.69 19.92 28.05
N THR B 342 21.73 20.24 26.76
CA THR B 342 21.31 21.55 26.27
C THR B 342 19.84 21.60 25.86
N HIS B 343 19.41 22.84 25.60
CA HIS B 343 18.07 23.19 25.13
C HIS B 343 18.05 23.25 23.61
N SER B 344 17.48 22.23 22.98
CA SER B 344 17.39 22.12 21.53
C SER B 344 16.31 23.08 21.02
N PHE B 345 16.64 23.89 20.02
CA PHE B 345 15.73 24.90 19.50
C PHE B 345 15.89 24.96 17.99
N ASN B 346 14.79 24.94 17.25
CA ASN B 346 14.82 24.98 15.78
C ASN B 346 14.38 26.36 15.29
N CYS B 347 15.32 27.15 14.77
CA CYS B 347 15.06 28.50 14.27
C CYS B 347 15.20 28.52 12.74
N ARG B 348 14.07 28.41 12.04
CA ARG B 348 14.05 28.40 10.58
C ARG B 348 14.98 27.35 9.98
N GLY B 349 15.08 26.19 10.63
CA GLY B 349 15.94 25.14 10.15
C GLY B 349 17.35 25.15 10.71
N GLU B 350 17.72 26.19 11.47
CA GLU B 350 19.03 26.29 12.07
C GLU B 350 18.87 25.73 13.48
N PHE B 351 19.63 24.68 13.79
CA PHE B 351 19.46 23.96 15.06
C PHE B 351 20.42 24.48 16.13
N PHE B 352 19.82 25.08 17.16
CA PHE B 352 20.47 25.71 18.29
C PHE B 352 20.49 24.72 19.45
N TYR B 353 21.57 24.75 20.22
CA TYR B 353 21.72 23.98 21.46
C TYR B 353 22.20 24.96 22.53
N CYS B 354 21.24 25.54 23.24
CA CYS B 354 21.49 26.60 24.20
C CYS B 354 21.83 26.02 25.58
N ASN B 355 22.74 26.70 26.27
CA ASN B 355 23.16 26.31 27.61
C ASN B 355 22.25 26.99 28.62
N THR B 356 21.32 26.23 29.20
CA THR B 356 20.30 26.76 30.09
C THR B 356 20.69 26.72 31.56
N SER B 357 21.94 26.37 31.88
CA SER B 357 22.35 26.26 33.28
C SER B 357 22.25 27.60 33.99
N SER B 358 22.32 28.72 33.28
CA SER B 358 22.20 30.02 33.91
C SER B 358 20.77 30.41 34.23
N LEU B 359 19.77 29.70 33.69
CA LEU B 359 18.37 30.00 33.97
C LEU B 359 17.83 29.27 35.19
N PHE B 360 18.16 27.99 35.33
CA PHE B 360 17.67 27.17 36.44
C PHE B 360 18.69 27.24 37.56
N ASN B 361 18.85 28.43 38.13
CA ASN B 361 19.85 28.72 39.15
C ASN B 361 19.19 29.52 40.26
N SER B 362 18.37 28.84 41.07
CA SER B 362 17.62 29.53 42.10
C SER B 362 17.17 28.53 43.16
N THR B 363 16.83 29.04 44.35
CA THR B 363 16.24 28.21 45.38
C THR B 363 14.97 28.87 45.90
N TYR B 364 13.89 28.10 45.96
CA TYR B 364 12.62 28.54 46.51
C TYR B 364 12.56 28.16 47.97
N ASN B 365 12.37 29.17 48.81
CA ASN B 365 12.29 29.10 50.26
C ASN B 365 10.82 29.12 50.65
N PRO B 366 10.23 28.03 51.18
CA PRO B 366 8.80 28.08 51.54
C PRO B 366 8.42 29.18 52.51
N ASN B 367 9.38 29.71 53.28
CA ASN B 367 9.11 30.78 54.24
C ASN B 367 9.41 32.17 53.68
N ASP B 368 9.72 32.28 52.39
CA ASP B 368 10.03 33.55 51.73
C ASP B 368 10.37 33.26 50.27
N LEU B 380 16.22 44.70 31.27
CA LEU B 380 17.29 43.80 31.67
C LEU B 380 16.90 42.36 31.37
N ASP B 381 17.55 41.78 30.35
CA ASP B 381 17.29 40.42 29.91
C ASP B 381 18.45 39.50 30.26
N ILE B 382 18.13 38.21 30.43
CA ILE B 382 19.13 37.18 30.65
C ILE B 382 19.56 36.67 29.29
N THR B 383 20.87 36.67 29.04
CA THR B 383 21.43 36.22 27.78
C THR B 383 21.90 34.79 27.98
N ILE B 384 21.43 33.90 27.11
CA ILE B 384 21.76 32.48 27.13
C ILE B 384 22.76 32.20 26.01
N PRO B 385 23.99 31.76 26.30
CA PRO B 385 24.88 31.45 25.19
C PRO B 385 24.37 30.20 24.51
N CYS B 386 24.49 30.15 23.18
CA CYS B 386 24.04 29.01 22.40
C CYS B 386 25.09 28.58 21.40
N ARG B 387 25.10 27.29 21.09
CA ARG B 387 25.94 26.76 20.03
C ARG B 387 25.01 26.23 18.96
N ILE B 388 25.50 26.15 17.73
CA ILE B 388 24.69 25.72 16.60
C ILE B 388 25.34 24.52 15.93
N LYS B 389 24.52 23.55 15.53
CA LYS B 389 25.01 22.38 14.81
C LYS B 389 24.30 22.29 13.47
N GLN B 390 25.03 21.80 12.47
CA GLN B 390 24.44 21.53 11.16
C GLN B 390 23.98 20.08 11.03
N ILE B 391 24.67 19.15 11.69
CA ILE B 391 24.37 17.73 11.62
C ILE B 391 23.69 17.36 12.93
N ILE B 392 22.48 16.83 12.85
CA ILE B 392 21.68 16.49 14.01
C ILE B 392 21.22 15.04 13.91
N ASN B 393 20.86 14.48 15.06
CA ASN B 393 20.28 13.15 15.17
C ASN B 393 18.93 13.35 15.83
N MET B 394 17.93 13.70 15.03
CA MET B 394 16.63 14.06 15.58
C MET B 394 15.89 12.81 16.03
N TRP B 395 15.04 12.97 17.04
CA TRP B 395 14.17 11.93 17.58
C TRP B 395 14.94 10.84 18.32
N GLN B 396 16.23 11.06 18.60
CA GLN B 396 17.08 10.09 19.31
C GLN B 396 17.26 8.79 18.53
N ARG B 397 17.14 8.84 17.21
CA ARG B 397 17.39 7.66 16.40
C ARG B 397 18.87 7.55 16.09
N VAL B 398 19.32 6.35 15.78
CA VAL B 398 20.70 6.08 15.42
C VAL B 398 20.71 5.62 13.97
N GLY B 399 21.52 6.29 13.15
CA GLY B 399 21.64 5.98 11.74
C GLY B 399 20.74 6.77 10.83
N GLN B 400 19.99 7.75 11.36
CA GLN B 400 19.10 8.58 10.56
C GLN B 400 19.44 10.05 10.73
N CYS B 401 20.71 10.40 10.61
CA CYS B 401 21.12 11.78 10.82
C CYS B 401 20.77 12.62 9.60
N MET B 402 20.62 13.93 9.85
CA MET B 402 20.28 14.90 8.82
C MET B 402 21.23 16.09 8.91
N TYR B 403 21.63 16.61 7.74
CA TYR B 403 22.50 17.77 7.64
C TYR B 403 21.67 18.98 7.22
N ALA B 404 21.64 20.00 8.06
CA ALA B 404 20.88 21.21 7.75
C ALA B 404 21.76 22.20 6.98
N PRO B 405 21.36 22.69 5.81
CA PRO B 405 22.21 23.65 5.10
C PRO B 405 22.20 24.98 5.83
N PRO B 406 23.21 25.83 5.63
CA PRO B 406 23.14 27.16 6.24
C PRO B 406 21.99 27.94 5.64
N ILE B 407 21.32 28.73 6.47
CA ILE B 407 20.22 29.58 6.04
C ILE B 407 20.70 31.01 6.02
N GLU B 408 20.59 31.65 4.86
CA GLU B 408 21.00 33.05 4.72
C GLU B 408 19.87 33.93 5.22
N GLY B 409 20.23 35.01 5.92
CA GLY B 409 19.25 35.95 6.40
C GLY B 409 19.54 36.38 7.82
N ASN B 410 18.56 37.11 8.37
CA ASN B 410 18.68 37.68 9.71
C ASN B 410 18.68 36.60 10.79
N ILE B 411 17.96 35.49 10.55
CA ILE B 411 17.84 34.37 11.49
C ILE B 411 17.52 34.86 12.90
N THR B 412 16.30 35.36 13.09
CA THR B 412 15.79 35.79 14.39
C THR B 412 14.47 35.07 14.60
N CYS B 413 14.29 34.44 15.76
CA CYS B 413 13.05 33.76 16.08
C CYS B 413 12.58 34.18 17.46
N LYS B 414 11.30 34.56 17.56
CA LYS B 414 10.66 34.89 18.82
C LYS B 414 9.57 33.85 19.08
N SER B 415 9.53 33.33 20.31
CA SER B 415 8.54 32.33 20.66
C SER B 415 8.07 32.53 22.09
N ASN B 416 6.97 31.86 22.42
CA ASN B 416 6.35 31.91 23.74
C ASN B 416 6.73 30.66 24.53
N ILE B 417 7.35 30.84 25.69
CA ILE B 417 7.62 29.73 26.59
C ILE B 417 6.35 29.55 27.40
N THR B 418 5.71 28.38 27.26
CA THR B 418 4.45 28.08 27.93
C THR B 418 4.58 27.02 29.00
N GLY B 419 5.66 26.25 29.01
CA GLY B 419 5.82 25.25 30.04
C GLY B 419 7.24 24.74 30.09
N LEU B 420 7.50 23.95 31.14
CA LEU B 420 8.82 23.41 31.43
C LEU B 420 8.75 21.90 31.61
N LEU B 421 9.85 21.22 31.30
CA LEU B 421 10.01 19.80 31.59
C LEU B 421 11.03 19.67 32.71
N LEU B 422 10.59 19.19 33.87
CA LEU B 422 11.45 19.03 35.03
C LEU B 422 11.51 17.55 35.41
N VAL B 423 12.66 17.13 35.93
CA VAL B 423 12.85 15.78 36.45
C VAL B 423 13.36 15.91 37.88
N ARG B 424 12.66 15.27 38.81
CA ARG B 424 13.07 15.33 40.21
C ARG B 424 14.14 14.27 40.45
N ASP B 425 15.21 14.65 41.12
CA ASP B 425 16.26 13.71 41.46
C ASP B 425 15.81 12.78 42.58
N GLY B 426 16.38 11.58 42.61
CA GLY B 426 16.10 10.64 43.67
C GLY B 426 16.80 10.97 44.96
N GLN B 431 14.88 14.55 52.48
CA GLN B 431 16.26 15.00 52.67
C GLN B 431 16.34 16.52 52.65
N GLU B 432 15.28 17.16 53.16
CA GLU B 432 15.14 18.61 53.29
C GLU B 432 15.00 19.35 51.95
N THR B 433 15.92 19.12 51.01
CA THR B 433 15.91 19.82 49.73
C THR B 433 15.69 18.85 48.58
N GLU B 434 14.73 19.17 47.73
CA GLU B 434 14.44 18.40 46.52
C GLU B 434 15.11 19.11 45.35
N ILE B 435 15.69 18.33 44.43
CA ILE B 435 16.38 18.88 43.27
C ILE B 435 15.56 18.58 42.02
N PHE B 436 15.22 19.62 41.28
CA PHE B 436 14.47 19.55 40.03
C PHE B 436 15.37 20.04 38.91
N ARG B 437 15.72 19.15 37.99
CA ARG B 437 16.64 19.45 36.91
C ARG B 437 15.90 19.54 35.57
N PRO B 438 16.37 20.34 34.62
CA PRO B 438 15.77 20.30 33.27
C PRO B 438 15.90 18.92 32.67
N GLY B 439 14.85 18.48 31.99
CA GLY B 439 14.83 17.19 31.33
C GLY B 439 14.47 17.30 29.87
N GLY B 440 14.24 16.17 29.23
CA GLY B 440 13.93 16.11 27.82
C GLY B 440 14.55 14.87 27.24
N GLY B 441 14.56 14.80 25.91
CA GLY B 441 15.08 13.64 25.21
C GLY B 441 14.04 12.69 24.68
N ASP B 442 12.78 12.81 25.09
CA ASP B 442 11.71 11.95 24.59
C ASP B 442 10.60 12.92 24.19
N MET B 443 10.49 13.14 22.88
CA MET B 443 9.60 14.15 22.33
C MET B 443 8.13 13.90 22.62
N ARG B 444 7.75 12.67 22.96
CA ARG B 444 6.34 12.39 23.20
C ARG B 444 5.79 13.21 24.36
N ASN B 445 6.64 13.57 25.32
CA ASN B 445 6.12 14.32 26.46
C ASN B 445 5.70 15.72 26.05
N ASN B 446 6.29 16.27 24.98
CA ASN B 446 5.91 17.63 24.62
C ASN B 446 4.51 17.60 24.05
N TRP B 447 4.18 16.52 23.35
CA TRP B 447 2.87 16.45 22.74
C TRP B 447 1.83 16.15 23.81
N ARG B 448 2.25 15.54 24.92
CA ARG B 448 1.31 15.33 26.01
C ARG B 448 0.82 16.68 26.51
N SER B 449 1.71 17.69 26.48
CA SER B 449 1.35 19.01 27.00
C SER B 449 0.19 19.62 26.23
N GLU B 450 -0.09 19.13 25.03
CA GLU B 450 -1.21 19.61 24.24
C GLU B 450 -2.36 18.60 24.22
N LEU B 451 -2.06 17.31 24.26
CA LEU B 451 -3.07 16.26 24.18
C LEU B 451 -3.65 15.89 25.53
N TYR B 452 -3.21 16.53 26.61
CA TYR B 452 -3.69 16.23 27.95
C TYR B 452 -5.20 16.32 28.13
N LYS B 453 -5.90 17.10 27.31
CA LYS B 453 -7.33 17.29 27.47
C LYS B 453 -8.20 16.38 26.60
N TYR B 454 -7.62 15.48 25.80
CA TYR B 454 -8.41 14.64 24.90
C TYR B 454 -8.31 13.16 25.22
N LYS B 455 -9.42 12.47 25.02
CA LYS B 455 -9.51 11.02 25.14
C LYS B 455 -10.29 10.50 23.94
N VAL B 456 -9.90 9.35 23.40
CA VAL B 456 -10.59 8.73 22.27
C VAL B 456 -11.41 7.56 22.80
N VAL B 457 -12.71 7.54 22.47
CA VAL B 457 -13.59 6.46 22.90
C VAL B 457 -14.33 5.87 21.71
N GLU B 458 -14.69 4.59 21.84
CA GLU B 458 -15.43 3.85 20.84
C GLU B 458 -16.91 3.86 21.21
N ILE B 459 -17.76 4.16 20.25
CA ILE B 459 -19.20 4.19 20.47
C ILE B 459 -19.73 2.77 20.35
N LYS B 460 -20.58 2.38 21.31
CA LYS B 460 -21.21 1.06 21.34
C LYS B 460 -22.71 1.30 21.22
N PRO B 461 -23.20 1.56 20.00
CA PRO B 461 -24.58 2.05 19.84
C PRO B 461 -25.67 1.06 20.20
N LEU B 462 -25.35 -0.21 20.38
CA LEU B 462 -26.36 -1.24 20.66
C LEU B 462 -26.51 -1.47 22.16
N GLY B 463 -27.72 -1.18 22.67
CA GLY B 463 -28.02 -1.34 24.07
C GLY B 463 -29.30 -2.12 24.25
N ILE B 464 -29.46 -2.67 25.44
CA ILE B 464 -30.61 -3.51 25.80
C ILE B 464 -31.28 -2.93 27.04
N ALA B 465 -32.62 -2.88 27.04
CA ALA B 465 -33.34 -2.44 28.23
C ALA B 465 -34.73 -3.04 28.29
N PRO B 466 -35.30 -3.28 29.48
CA PRO B 466 -36.67 -3.79 29.56
C PRO B 466 -37.72 -2.72 29.27
N THR B 467 -38.81 -3.13 28.64
CA THR B 467 -39.95 -2.23 28.40
C THR B 467 -41.25 -2.96 28.69
N ARG B 468 -42.32 -2.16 28.77
CA ARG B 468 -43.66 -2.70 29.02
C ARG B 468 -44.20 -3.57 27.90
N ALA B 469 -43.84 -3.28 26.64
CA ALA B 469 -44.36 -4.05 25.52
C ALA B 469 -43.67 -5.39 25.39
N LYS B 470 -44.39 -6.36 24.82
CA LYS B 470 -43.84 -7.68 24.53
C LYS B 470 -43.36 -7.85 23.09
N ARG B 471 -43.97 -7.16 22.13
CA ARG B 471 -43.56 -7.34 20.74
C ARG B 471 -44.10 -6.20 19.88
N ARG B 494 -29.43 18.43 18.49
CA ARG B 494 -28.31 17.78 19.15
C ARG B 494 -27.50 16.99 18.13
N GLY B 495 -26.50 16.26 18.60
CA GLY B 495 -25.65 15.51 17.71
C GLY B 495 -24.58 14.77 18.48
N PHE B 496 -23.79 13.99 17.74
CA PHE B 496 -22.71 13.19 18.30
C PHE B 496 -23.22 12.37 19.48
N LEU B 497 -22.64 12.56 20.68
CA LEU B 497 -22.98 11.85 21.89
C LEU B 497 -23.73 12.75 22.86
N GLY B 498 -24.28 13.87 22.38
CA GLY B 498 -24.88 14.88 23.24
C GLY B 498 -26.19 14.54 23.92
N ALA B 499 -26.24 13.33 24.49
CA ALA B 499 -27.34 12.85 25.33
C ALA B 499 -26.81 12.14 26.57
N ALA B 500 -25.53 11.81 26.62
CA ALA B 500 -24.97 11.05 27.73
C ALA B 500 -25.16 11.83 29.01
N GLY B 501 -25.51 11.12 30.08
CA GLY B 501 -25.76 11.73 31.36
C GLY B 501 -27.23 11.98 31.60
N SER B 502 -28.02 11.98 30.53
CA SER B 502 -29.46 12.17 30.63
C SER B 502 -30.08 10.83 31.00
N THR B 503 -31.35 10.86 31.36
CA THR B 503 -31.97 9.61 31.75
C THR B 503 -32.24 8.74 30.53
N MET B 504 -32.49 7.45 30.78
CA MET B 504 -32.74 6.52 29.69
C MET B 504 -33.96 6.93 28.89
N GLY B 505 -35.00 7.39 29.58
CA GLY B 505 -36.20 7.83 28.89
C GLY B 505 -35.97 9.10 28.09
N ALA B 506 -35.20 10.03 28.66
CA ALA B 506 -34.92 11.28 27.94
C ALA B 506 -34.14 11.02 26.66
N ALA B 507 -33.21 10.06 26.68
CA ALA B 507 -32.38 9.77 25.51
C ALA B 507 -33.12 8.85 24.54
N SER B 508 -34.25 9.35 24.04
CA SER B 508 -35.10 8.64 23.09
C SER B 508 -35.08 9.27 21.71
N ILE B 509 -34.59 10.49 21.58
CA ILE B 509 -34.59 11.23 20.33
C ILE B 509 -33.26 11.07 19.59
N THR B 510 -32.14 11.14 20.32
CA THR B 510 -30.83 11.08 19.71
C THR B 510 -30.43 9.67 19.27
N LEU B 511 -31.30 8.67 19.44
CA LEU B 511 -30.98 7.33 18.98
C LEU B 511 -30.82 7.29 17.46
N THR B 512 -31.54 8.15 16.75
CA THR B 512 -31.44 8.21 15.30
C THR B 512 -30.34 9.17 14.85
N VAL B 513 -30.09 10.22 15.62
CA VAL B 513 -29.06 11.18 15.25
C VAL B 513 -27.70 10.54 15.44
N GLN B 514 -27.53 9.89 16.59
CA GLN B 514 -26.32 9.14 16.88
C GLN B 514 -26.28 7.94 15.95
N ALA B 515 -25.07 7.56 15.54
CA ALA B 515 -24.73 6.48 14.62
C ALA B 515 -24.91 6.91 13.17
N ARG B 516 -25.16 8.19 12.90
CA ARG B 516 -25.10 8.67 11.53
C ARG B 516 -23.67 8.78 11.05
N GLN B 517 -22.70 8.71 11.96
CA GLN B 517 -21.29 8.71 11.60
C GLN B 517 -20.92 7.43 10.88
N LEU B 518 -21.65 6.35 11.15
CA LEU B 518 -21.36 5.03 10.58
C LEU B 518 -22.01 4.87 9.22
N VAL B 544 2.02 4.44 3.62
CA VAL B 544 1.88 4.07 5.02
C VAL B 544 0.58 4.65 5.53
N TRP B 545 0.44 5.98 5.45
CA TRP B 545 -0.79 6.60 5.93
C TRP B 545 -2.00 6.22 5.08
N GLY B 546 -1.79 5.90 3.80
CA GLY B 546 -2.91 5.52 2.95
C GLY B 546 -3.55 4.23 3.40
N ILE B 547 -2.71 3.26 3.76
CA ILE B 547 -3.25 1.95 4.11
C ILE B 547 -3.85 2.02 5.52
N LYS B 548 -3.23 2.77 6.43
CA LYS B 548 -3.82 2.89 7.76
C LYS B 548 -5.19 3.54 7.67
N GLN B 549 -5.33 4.52 6.77
CA GLN B 549 -6.63 5.17 6.58
C GLN B 549 -7.65 4.19 6.01
N LEU B 550 -7.23 3.34 5.08
CA LEU B 550 -8.17 2.33 4.59
C LEU B 550 -8.50 1.32 5.67
N GLN B 551 -7.53 0.94 6.51
CA GLN B 551 -7.84 -0.03 7.56
C GLN B 551 -8.89 0.54 8.50
N THR B 552 -8.77 1.83 8.82
CA THR B 552 -9.73 2.45 9.73
C THR B 552 -11.11 2.48 9.11
N ARG B 553 -11.20 2.87 7.84
CA ARG B 553 -12.51 2.95 7.20
C ARG B 553 -13.13 1.56 7.04
N VAL B 554 -12.33 0.58 6.65
CA VAL B 554 -12.84 -0.77 6.45
C VAL B 554 -13.32 -1.36 7.76
N LEU B 555 -12.55 -1.15 8.85
CA LEU B 555 -13.01 -1.67 10.14
C LEU B 555 -14.29 -0.98 10.59
N ALA B 556 -14.43 0.33 10.35
CA ALA B 556 -15.68 0.99 10.71
C ALA B 556 -16.85 0.39 9.94
N ILE B 557 -16.63 0.07 8.67
CA ILE B 557 -17.65 -0.56 7.85
C ILE B 557 -17.99 -1.94 8.39
N GLU B 558 -16.97 -2.72 8.72
CA GLU B 558 -17.17 -4.07 9.22
C GLU B 558 -17.97 -4.06 10.52
N ARG B 559 -17.65 -3.13 11.43
CA ARG B 559 -18.38 -3.09 12.69
C ARG B 559 -19.84 -2.70 12.45
N TYR B 560 -20.08 -1.73 11.55
CA TYR B 560 -21.45 -1.36 11.24
C TYR B 560 -22.22 -2.55 10.70
N LEU B 561 -21.61 -3.28 9.77
CA LEU B 561 -22.30 -4.43 9.18
C LEU B 561 -22.53 -5.51 10.21
N LYS B 562 -21.60 -5.70 11.16
CA LYS B 562 -21.83 -6.70 12.19
C LYS B 562 -23.05 -6.33 13.01
N ASP B 563 -23.20 -5.05 13.33
CA ASP B 563 -24.38 -4.63 14.08
C ASP B 563 -25.65 -4.83 13.27
N GLN B 564 -25.61 -4.54 11.97
CA GLN B 564 -26.82 -4.69 11.17
C GLN B 564 -27.16 -6.16 11.00
N GLN B 565 -26.14 -7.02 10.86
CA GLN B 565 -26.40 -8.45 10.74
C GLN B 565 -27.01 -8.97 12.03
N LEU B 566 -26.51 -8.51 13.17
CA LEU B 566 -27.02 -9.00 14.44
C LEU B 566 -28.48 -8.56 14.61
N LEU B 567 -28.79 -7.32 14.23
CA LEU B 567 -30.17 -6.87 14.33
C LEU B 567 -31.08 -7.66 13.38
N GLY B 568 -30.57 -8.00 12.19
CA GLY B 568 -31.35 -8.81 11.27
C GLY B 568 -31.64 -10.20 11.83
N ILE B 569 -30.63 -10.80 12.47
CA ILE B 569 -30.79 -12.13 13.06
C ILE B 569 -31.87 -12.11 14.12
N TRP B 570 -31.95 -11.01 14.86
CA TRP B 570 -32.94 -10.85 15.92
C TRP B 570 -34.32 -10.47 15.38
N GLY B 571 -34.45 -10.24 14.07
CA GLY B 571 -35.71 -9.78 13.52
C GLY B 571 -35.98 -8.32 13.75
N CYS B 572 -34.93 -7.51 13.85
CA CYS B 572 -35.03 -6.10 14.16
C CYS B 572 -34.51 -5.17 13.08
N SER B 573 -33.96 -5.68 11.97
CA SER B 573 -33.34 -4.76 11.03
C SER B 573 -34.42 -3.88 10.41
N GLY B 574 -34.01 -2.68 10.01
CA GLY B 574 -34.90 -1.71 9.43
C GLY B 574 -35.50 -0.78 10.46
N LYS B 575 -35.33 -1.09 11.75
CA LYS B 575 -35.85 -0.33 12.86
C LYS B 575 -34.69 0.11 13.74
N LEU B 576 -34.91 1.16 14.51
CA LEU B 576 -33.96 1.61 15.52
C LEU B 576 -34.31 1.09 16.90
N ILE B 577 -35.60 0.92 17.19
CA ILE B 577 -36.07 0.39 18.47
C ILE B 577 -36.94 -0.80 18.14
N CYS B 578 -36.63 -1.97 18.71
CA CYS B 578 -37.46 -3.15 18.49
C CYS B 578 -37.68 -3.87 19.81
N THR B 579 -38.87 -4.40 20.01
CA THR B 579 -39.22 -5.16 21.21
C THR B 579 -39.41 -6.61 20.79
N THR B 580 -38.80 -7.52 21.56
CA THR B 580 -38.89 -8.96 21.30
C THR B 580 -39.60 -9.68 22.44
N ALA B 581 -39.83 -10.98 22.22
CA ALA B 581 -40.63 -11.86 23.07
C ALA B 581 -39.91 -12.40 24.30
N VAL B 582 -38.61 -12.16 24.47
CA VAL B 582 -37.93 -12.70 25.64
C VAL B 582 -38.28 -11.86 26.87
N PRO B 583 -38.78 -12.47 27.95
CA PRO B 583 -39.11 -11.69 29.15
C PRO B 583 -37.85 -11.28 29.90
N TRP B 584 -38.00 -10.27 30.75
CA TRP B 584 -36.96 -9.84 31.68
C TRP B 584 -37.39 -10.33 33.07
N ASN B 585 -36.85 -11.46 33.54
CA ASN B 585 -37.32 -12.06 34.80
C ASN B 585 -36.43 -11.69 35.98
N SER B 586 -36.14 -10.40 36.12
CA SER B 586 -35.22 -9.88 37.12
C SER B 586 -33.85 -10.52 36.92
N SER B 587 -33.05 -10.59 37.99
CA SER B 587 -31.70 -11.14 38.04
C SER B 587 -30.69 -10.27 37.29
N TRP B 588 -30.99 -9.99 36.02
CA TRP B 588 -30.16 -9.10 35.22
C TRP B 588 -30.07 -7.72 35.85
N SER B 589 -31.18 -7.24 36.37
CA SER B 589 -31.28 -5.99 37.09
C SER B 589 -32.52 -6.09 37.95
N ASN B 590 -32.42 -5.64 39.19
CA ASN B 590 -33.51 -5.71 40.13
C ASN B 590 -34.32 -4.44 40.22
N LYS B 591 -34.09 -3.51 39.30
CA LYS B 591 -34.81 -2.24 39.27
C LYS B 591 -36.12 -2.37 38.49
N SER B 592 -37.09 -1.55 38.87
CA SER B 592 -38.38 -1.51 38.19
C SER B 592 -38.28 -0.72 36.88
N HIS B 593 -39.30 -0.88 36.04
CA HIS B 593 -39.36 -0.16 34.77
C HIS B 593 -39.28 1.34 34.98
N ASP B 594 -40.01 1.85 35.96
CA ASP B 594 -40.13 3.30 36.08
C ASP B 594 -38.86 3.91 36.65
N GLU B 595 -38.21 3.24 37.61
CA GLU B 595 -36.98 3.83 38.14
C GLU B 595 -35.85 3.73 37.13
N ILE B 596 -35.88 2.71 36.27
CA ILE B 596 -34.83 2.56 35.25
C ILE B 596 -34.96 3.68 34.23
N TRP B 597 -36.17 3.88 33.70
CA TRP B 597 -36.31 4.92 32.69
C TRP B 597 -36.25 6.30 33.33
N GLY B 598 -36.60 6.42 34.60
CA GLY B 598 -36.57 7.66 35.34
C GLY B 598 -35.23 8.20 35.77
N ASN B 599 -34.51 7.49 36.65
CA ASN B 599 -33.28 8.02 37.25
C ASN B 599 -31.98 7.42 36.73
N MET B 600 -32.01 6.41 35.87
CA MET B 600 -30.78 5.80 35.37
C MET B 600 -30.38 6.41 34.04
N THR B 601 -29.06 6.51 33.83
CA THR B 601 -28.49 6.93 32.56
C THR B 601 -28.06 5.69 31.79
N TRP B 602 -27.78 5.87 30.50
CA TRP B 602 -27.36 4.72 29.70
C TRP B 602 -25.97 4.24 30.07
N MET B 603 -25.10 5.14 30.56
CA MET B 603 -23.78 4.68 30.99
C MET B 603 -23.90 3.78 32.21
N GLN B 604 -24.74 4.19 33.17
CA GLN B 604 -24.89 3.41 34.38
C GLN B 604 -25.56 2.09 34.06
N TRP B 605 -26.56 2.12 33.17
CA TRP B 605 -27.28 0.92 32.80
C TRP B 605 -26.34 -0.07 32.14
N ASP B 606 -25.52 0.42 31.19
CA ASP B 606 -24.61 -0.50 30.50
C ASP B 606 -23.59 -1.07 31.48
N ARG B 607 -23.12 -0.26 32.43
CA ARG B 607 -22.16 -0.79 33.41
C ARG B 607 -22.80 -1.90 34.24
N GLU B 608 -24.06 -1.70 34.64
CA GLU B 608 -24.75 -2.71 35.44
C GLU B 608 -25.03 -3.98 34.63
N ILE B 609 -25.33 -3.83 33.33
CA ILE B 609 -25.65 -4.96 32.46
C ILE B 609 -24.42 -5.51 31.75
N GLY B 610 -23.25 -4.86 31.89
CA GLY B 610 -22.05 -5.34 31.23
C GLY B 610 -21.68 -6.78 31.52
N ASN B 611 -22.01 -7.28 32.71
CA ASN B 611 -21.69 -8.65 33.07
C ASN B 611 -22.72 -9.67 32.58
N TYR B 612 -23.82 -9.20 31.96
CA TYR B 612 -24.87 -10.07 31.44
C TYR B 612 -25.03 -10.01 29.93
N THR B 613 -24.61 -8.92 29.28
CA THR B 613 -24.84 -8.67 27.85
C THR B 613 -24.70 -9.89 26.93
N ASN B 614 -23.64 -10.70 27.10
CA ASN B 614 -23.47 -11.82 26.18
C ASN B 614 -24.51 -12.92 26.39
N THR B 615 -25.00 -13.11 27.62
CA THR B 615 -25.99 -14.16 27.82
C THR B 615 -27.33 -13.65 27.34
N ILE B 616 -27.54 -12.34 27.47
CA ILE B 616 -28.79 -11.76 27.03
C ILE B 616 -28.87 -11.88 25.52
N TYR B 617 -27.79 -11.51 24.83
CA TYR B 617 -27.77 -11.58 23.38
C TYR B 617 -28.01 -13.02 22.93
N ARG B 618 -27.36 -13.98 23.59
CA ARG B 618 -27.53 -15.36 23.17
C ARG B 618 -28.97 -15.82 23.38
N LEU B 619 -29.62 -15.37 24.46
CA LEU B 619 -31.01 -15.75 24.66
C LEU B 619 -31.93 -15.13 23.61
N LEU B 620 -31.61 -13.92 23.16
CA LEU B 620 -32.48 -13.26 22.19
C LEU B 620 -32.20 -13.80 20.80
N GLU B 621 -30.94 -14.13 20.56
CA GLU B 621 -30.47 -14.58 19.26
C GLU B 621 -30.97 -15.96 18.90
N ASP B 622 -31.34 -16.11 17.62
CA ASP B 622 -31.73 -17.36 16.98
C ASP B 622 -33.04 -17.97 17.44
N SER B 623 -33.21 -18.22 18.74
CA SER B 623 -34.39 -18.94 19.22
C SER B 623 -35.70 -18.25 18.83
N GLN B 624 -35.79 -16.94 19.09
CA GLN B 624 -37.05 -16.26 18.82
C GLN B 624 -37.27 -16.00 17.34
N ASN B 625 -36.20 -15.72 16.60
CA ASN B 625 -36.40 -15.42 15.19
C ASN B 625 -36.61 -16.69 14.39
N GLN B 626 -35.96 -17.79 14.79
CA GLN B 626 -36.20 -19.06 14.13
C GLN B 626 -37.60 -19.54 14.42
N GLN B 627 -38.04 -19.38 15.68
CA GLN B 627 -39.38 -19.82 16.03
C GLN B 627 -40.44 -19.02 15.27
N GLU B 628 -40.27 -17.70 15.19
CA GLU B 628 -41.27 -16.90 14.48
C GLU B 628 -41.28 -17.20 13.00
N GLN B 629 -40.11 -17.37 12.37
CA GLN B 629 -40.10 -17.64 10.93
C GLN B 629 -40.65 -19.03 10.63
N ASN B 630 -40.36 -20.00 11.49
CA ASN B 630 -40.85 -21.36 11.23
C ASN B 630 -42.35 -21.43 11.45
N GLU B 631 -42.87 -20.74 12.46
CA GLU B 631 -44.31 -20.77 12.70
C GLU B 631 -45.05 -20.02 11.60
N LYS B 632 -44.49 -18.90 11.14
CA LYS B 632 -45.13 -18.15 10.05
C LYS B 632 -45.10 -18.95 8.75
N ASP B 633 -44.00 -19.67 8.50
CA ASP B 633 -43.93 -20.46 7.27
C ASP B 633 -44.93 -21.61 7.28
N LEU B 634 -45.09 -22.27 8.43
CA LEU B 634 -46.04 -23.37 8.59
C LEU B 634 -47.01 -23.06 9.73
N ASN C 3 -54.93 15.24 -2.12
CA ASN C 3 -53.59 15.51 -1.58
C ASN C 3 -52.61 14.45 -2.04
N LEU C 4 -51.33 14.83 -2.07
CA LEU C 4 -50.24 13.95 -2.44
C LEU C 4 -49.26 13.86 -1.29
N TRP C 5 -48.58 12.71 -1.17
CA TRP C 5 -47.58 12.51 -0.13
C TRP C 5 -46.25 12.13 -0.76
N VAL C 6 -45.18 12.37 -0.02
CA VAL C 6 -43.83 12.13 -0.49
C VAL C 6 -43.57 10.63 -0.59
N THR C 7 -43.09 10.19 -1.76
CA THR C 7 -42.68 8.82 -2.02
C THR C 7 -41.20 8.82 -2.40
N VAL C 8 -40.44 7.91 -1.80
CA VAL C 8 -39.01 7.78 -2.03
C VAL C 8 -38.79 6.63 -3.01
N TYR C 9 -38.05 6.90 -4.07
CA TYR C 9 -37.71 5.96 -5.12
C TYR C 9 -36.21 5.75 -5.14
N TYR C 10 -35.77 4.49 -5.08
CA TYR C 10 -34.35 4.15 -5.10
C TYR C 10 -34.06 3.49 -6.44
N GLY C 11 -33.03 3.96 -7.11
CA GLY C 11 -32.66 3.47 -8.43
C GLY C 11 -33.07 4.42 -9.53
N VAL C 12 -33.25 5.70 -9.20
CA VAL C 12 -33.69 6.73 -10.15
C VAL C 12 -32.58 6.99 -11.18
N PRO C 13 -32.88 7.00 -12.50
CA PRO C 13 -31.83 7.25 -13.52
C PRO C 13 -31.42 8.72 -13.60
N VAL C 14 -30.78 9.21 -12.54
CA VAL C 14 -30.32 10.58 -12.42
C VAL C 14 -28.84 10.55 -12.01
N TRP C 15 -28.08 11.53 -12.50
CA TRP C 15 -26.66 11.59 -12.20
C TRP C 15 -26.16 13.03 -12.13
N LYS C 16 -24.98 13.17 -11.55
CA LYS C 16 -24.26 14.44 -11.44
C LYS C 16 -22.81 14.26 -11.86
N ASP C 17 -22.21 15.31 -12.39
CA ASP C 17 -20.81 15.25 -12.79
C ASP C 17 -19.92 14.94 -11.60
N ALA C 18 -18.91 14.09 -11.80
CA ALA C 18 -18.02 13.74 -10.69
C ALA C 18 -16.64 13.33 -11.21
N GLU C 19 -15.65 13.51 -10.33
CA GLU C 19 -14.27 13.07 -10.55
C GLU C 19 -14.04 11.77 -9.77
N THR C 20 -13.54 10.74 -10.45
CA THR C 20 -13.26 9.50 -9.75
C THR C 20 -12.22 8.65 -10.47
N THR C 21 -11.54 7.83 -9.69
CA THR C 21 -10.57 6.87 -10.21
C THR C 21 -11.31 5.76 -10.94
N LEU C 22 -10.80 5.39 -12.12
CA LEU C 22 -11.39 4.35 -12.96
C LEU C 22 -10.53 3.09 -12.90
N PHE C 23 -11.18 1.91 -13.08
CA PHE C 23 -10.49 0.63 -13.12
C PHE C 23 -10.22 0.24 -14.57
N CYS C 24 -8.95 0.30 -14.98
CA CYS C 24 -8.65 0.02 -16.38
C CYS C 24 -8.86 -1.45 -16.70
N ALA C 25 -8.88 -1.76 -18.01
CA ALA C 25 -8.94 -3.13 -18.45
C ALA C 25 -8.26 -3.25 -19.81
N SER C 26 -7.75 -4.44 -20.10
CA SER C 26 -7.15 -4.77 -21.38
C SER C 26 -7.63 -6.14 -21.85
N ASP C 27 -7.49 -6.38 -23.15
CA ASP C 27 -7.83 -7.67 -23.69
C ASP C 27 -6.88 -8.72 -23.12
N ALA C 28 -7.35 -9.98 -23.09
CA ALA C 28 -6.55 -11.06 -22.54
C ALA C 28 -5.21 -11.19 -23.27
N LYS C 29 -4.17 -11.46 -22.50
CA LYS C 29 -2.79 -11.66 -22.96
C LYS C 29 -2.13 -10.31 -23.26
N LYS C 35 0.85 -7.77 -21.91
CA LYS C 35 1.78 -8.84 -21.55
C LYS C 35 2.90 -8.23 -20.68
N HIS C 36 4.17 -8.48 -21.00
CA HIS C 36 5.30 -7.97 -20.24
C HIS C 36 5.83 -6.64 -20.78
N ASN C 37 5.37 -6.19 -21.93
CA ASN C 37 5.94 -5.03 -22.59
C ASN C 37 5.60 -3.73 -21.85
N VAL C 38 6.24 -2.66 -22.32
CA VAL C 38 6.04 -1.33 -21.76
C VAL C 38 4.63 -0.86 -22.12
N TRP C 39 3.92 -0.35 -21.12
CA TRP C 39 2.53 0.09 -21.14
C TRP C 39 1.59 -1.11 -21.10
N ALA C 40 2.10 -2.33 -20.89
CA ALA C 40 1.21 -3.47 -20.69
C ALA C 40 0.47 -3.25 -19.39
N THR C 41 -0.75 -3.76 -19.30
CA THR C 41 -1.58 -3.56 -18.12
C THR C 41 -1.65 -4.81 -17.25
N HIS C 42 -0.58 -5.05 -16.49
CA HIS C 42 -0.58 -6.18 -15.57
C HIS C 42 -1.31 -5.81 -14.28
N ALA C 43 -1.60 -4.52 -14.10
CA ALA C 43 -2.20 -3.91 -12.94
C ALA C 43 -3.73 -3.94 -12.90
N CYS C 44 -4.42 -4.47 -13.91
CA CYS C 44 -5.87 -4.43 -13.88
C CYS C 44 -6.50 -5.59 -14.64
N VAL C 45 -7.81 -5.70 -14.45
CA VAL C 45 -8.71 -6.79 -14.91
C VAL C 45 -8.85 -6.96 -16.42
N PRO C 46 -9.11 -8.18 -16.91
CA PRO C 46 -9.50 -8.35 -18.32
C PRO C 46 -10.81 -7.63 -18.62
N THR C 47 -10.94 -7.21 -19.88
CA THR C 47 -12.11 -6.52 -20.37
C THR C 47 -13.33 -7.41 -20.53
N ASP C 48 -14.48 -6.74 -20.55
CA ASP C 48 -15.76 -7.35 -20.84
C ASP C 48 -15.89 -7.46 -22.36
N PRO C 49 -16.02 -8.67 -22.93
CA PRO C 49 -16.06 -8.77 -24.40
C PRO C 49 -17.24 -8.07 -25.06
N ASN C 50 -18.27 -7.69 -24.30
CA ASN C 50 -19.44 -7.00 -24.82
C ASN C 50 -19.67 -5.76 -23.96
N PRO C 51 -19.29 -4.56 -24.43
CA PRO C 51 -19.45 -3.35 -23.60
C PRO C 51 -20.89 -3.06 -23.15
N GLN C 52 -21.90 -3.68 -23.75
CA GLN C 52 -23.31 -3.46 -23.39
C GLN C 52 -23.69 -1.99 -23.55
N GLU C 53 -23.33 -1.42 -24.70
CA GLU C 53 -23.68 -0.04 -24.99
C GLU C 53 -25.18 0.08 -25.16
N MET C 54 -25.78 1.07 -24.49
CA MET C 54 -27.20 1.35 -24.59
C MET C 54 -27.40 2.83 -24.82
N VAL C 55 -28.24 3.17 -25.80
CA VAL C 55 -28.48 4.57 -26.14
C VAL C 55 -29.52 5.14 -25.20
N LEU C 56 -29.25 6.34 -24.68
CA LEU C 56 -30.17 7.05 -23.81
C LEU C 56 -30.97 8.01 -24.69
N GLU C 57 -32.25 7.72 -24.88
CA GLU C 57 -33.05 8.55 -25.78
C GLU C 57 -33.52 9.80 -25.04
N ASN C 58 -33.71 10.86 -25.81
CA ASN C 58 -34.20 12.14 -25.29
C ASN C 58 -33.32 12.67 -24.16
N VAL C 59 -32.00 12.50 -24.31
CA VAL C 59 -31.00 12.98 -23.37
C VAL C 59 -30.01 13.84 -24.13
N THR C 60 -29.76 15.06 -23.63
CA THR C 60 -28.83 16.00 -24.27
C THR C 60 -27.79 16.44 -23.24
N GLU C 61 -26.76 15.60 -23.07
CA GLU C 61 -25.71 15.85 -22.09
C GLU C 61 -24.74 16.89 -22.65
N ASN C 62 -24.33 17.83 -21.80
CA ASN C 62 -23.37 18.86 -22.16
C ASN C 62 -21.95 18.37 -21.89
N PHE C 63 -21.19 18.10 -22.97
CA PHE C 63 -19.84 17.57 -22.84
C PHE C 63 -18.83 18.70 -22.91
N ASN C 64 -17.72 18.54 -22.18
CA ASN C 64 -16.63 19.51 -22.21
C ASN C 64 -15.32 18.71 -22.05
N MET C 65 -14.70 18.37 -23.18
CA MET C 65 -13.56 17.45 -23.12
C MET C 65 -12.37 18.08 -22.41
N TRP C 66 -12.27 19.40 -22.44
CA TRP C 66 -11.11 20.09 -21.87
C TRP C 66 -11.08 20.06 -20.34
N LYS C 67 -12.15 19.65 -19.69
CA LYS C 67 -12.23 19.60 -18.23
C LYS C 67 -12.34 18.18 -17.70
N ASN C 68 -12.20 17.18 -18.57
CA ASN C 68 -12.34 15.79 -18.17
C ASN C 68 -11.24 15.39 -17.20
N ASP C 69 -11.61 14.62 -16.19
CA ASP C 69 -10.63 14.07 -15.26
C ASP C 69 -10.03 12.78 -15.80
N MET C 70 -10.60 12.24 -16.88
CA MET C 70 -10.08 11.02 -17.47
C MET C 70 -8.72 11.27 -18.11
N VAL C 71 -8.48 12.51 -18.56
CA VAL C 71 -7.20 12.83 -19.17
C VAL C 71 -6.10 12.83 -18.11
N GLU C 72 -6.37 13.44 -16.95
CA GLU C 72 -5.38 13.44 -15.88
C GLU C 72 -5.18 12.03 -15.37
N GLN C 73 -6.26 11.24 -15.31
CA GLN C 73 -6.14 9.87 -14.85
C GLN C 73 -5.29 9.06 -15.81
N MET C 74 -5.49 9.26 -17.11
CA MET C 74 -4.69 8.53 -18.09
C MET C 74 -3.23 8.94 -17.99
N HIS C 75 -2.98 10.23 -17.80
CA HIS C 75 -1.60 10.69 -17.72
C HIS C 75 -0.91 10.03 -16.53
N THR C 76 -1.58 10.01 -15.38
CA THR C 76 -0.99 9.40 -14.20
C THR C 76 -0.76 7.91 -14.43
N ASP C 77 -1.74 7.21 -15.03
CA ASP C 77 -1.58 5.78 -15.24
C ASP C 77 -0.44 5.47 -16.21
N VAL C 78 -0.29 6.29 -17.25
CA VAL C 78 0.79 6.06 -18.20
C VAL C 78 2.14 6.29 -17.54
N ILE C 79 2.25 7.35 -16.73
CA ILE C 79 3.51 7.61 -16.03
C ILE C 79 3.82 6.45 -15.10
N SER C 80 2.81 5.97 -14.38
CA SER C 80 3.02 4.86 -13.45
C SER C 80 3.52 3.63 -14.19
N LEU C 81 2.89 3.28 -15.31
CA LEU C 81 3.31 2.09 -16.04
C LEU C 81 4.71 2.26 -16.60
N TRP C 82 5.03 3.46 -17.09
CA TRP C 82 6.36 3.75 -17.60
C TRP C 82 7.41 3.55 -16.52
N ASP C 83 7.19 4.14 -15.34
CA ASP C 83 8.17 4.05 -14.28
C ASP C 83 8.27 2.62 -13.79
N GLN C 84 7.16 1.88 -13.73
CA GLN C 84 7.24 0.49 -13.29
C GLN C 84 8.08 -0.31 -14.27
N SER C 85 7.96 0.01 -15.57
CA SER C 85 8.70 -0.73 -16.57
C SER C 85 10.20 -0.47 -16.49
N LEU C 86 10.60 0.78 -16.22
CA LEU C 86 12.04 1.07 -16.16
C LEU C 86 12.69 0.81 -14.80
N LYS C 87 11.96 1.04 -13.71
CA LYS C 87 12.43 0.92 -12.32
C LYS C 87 13.35 -0.26 -11.99
N PRO C 88 13.02 -1.51 -12.31
CA PRO C 88 13.82 -2.63 -11.80
C PRO C 88 15.10 -2.99 -12.56
N CYS C 89 15.56 -2.22 -13.56
CA CYS C 89 16.73 -2.65 -14.32
C CYS C 89 17.93 -1.72 -14.13
N VAL C 90 18.74 -1.47 -15.17
CA VAL C 90 20.05 -0.85 -15.01
C VAL C 90 19.96 0.66 -14.94
N LYS C 91 20.61 1.25 -13.92
CA LYS C 91 20.61 2.70 -13.68
C LYS C 91 21.76 3.43 -14.36
N LEU C 92 22.71 2.72 -14.97
CA LEU C 92 23.86 3.28 -15.69
C LEU C 92 24.64 4.33 -14.89
N THR C 93 24.77 4.11 -13.58
CA THR C 93 25.56 5.06 -12.78
C THR C 93 27.07 4.93 -13.04
N PRO C 94 27.59 3.80 -13.54
CA PRO C 94 29.01 3.80 -13.99
C PRO C 94 29.30 4.71 -15.18
N LEU C 95 28.30 5.20 -15.90
CA LEU C 95 28.54 6.11 -17.00
C LEU C 95 28.63 7.52 -16.41
N CYS C 96 28.55 8.55 -17.25
CA CYS C 96 28.81 9.93 -16.81
C CYS C 96 30.27 10.04 -16.41
N VAL C 97 31.11 9.61 -17.36
CA VAL C 97 32.56 9.62 -17.26
C VAL C 97 33.06 10.43 -18.44
N THR C 98 34.33 10.79 -18.41
CA THR C 98 34.88 11.53 -19.54
C THR C 98 34.99 10.57 -20.72
N LEU C 99 34.61 11.06 -21.90
CA LEU C 99 34.71 10.31 -23.14
C LEU C 99 35.65 11.05 -24.08
N GLU C 100 36.44 10.31 -24.84
CA GLU C 100 37.33 10.87 -25.85
C GLU C 100 36.77 10.47 -27.21
N CYS C 101 36.12 11.43 -27.87
CA CYS C 101 35.33 11.16 -29.05
C CYS C 101 36.06 11.61 -30.32
N ARG C 102 36.19 10.67 -31.25
CA ARG C 102 36.85 10.84 -32.54
C ARG C 102 35.82 10.61 -33.63
N GLN C 103 36.08 11.16 -34.82
CA GLN C 103 35.21 10.91 -35.97
C GLN C 103 35.14 9.42 -36.27
N VAL C 104 33.96 8.97 -36.69
CA VAL C 104 33.71 7.57 -37.03
C VAL C 104 34.17 7.31 -38.45
N ASN C 105 34.85 6.18 -38.65
CA ASN C 105 35.34 5.79 -39.97
C ASN C 105 34.22 5.13 -40.77
N GLU C 119 29.06 13.58 -39.05
CA GLU C 119 29.27 14.20 -37.76
C GLU C 119 28.16 13.86 -36.76
N GLU C 120 27.23 12.99 -37.16
CA GLU C 120 26.14 12.61 -36.27
C GLU C 120 26.54 11.57 -35.24
N ILE C 121 27.53 10.72 -35.54
CA ILE C 121 27.97 9.66 -34.64
C ILE C 121 29.48 9.80 -34.39
N LYS C 122 29.88 9.74 -33.13
CA LYS C 122 31.27 9.82 -32.70
C LYS C 122 31.71 8.53 -31.98
N ASN C 123 33.01 8.22 -32.12
CA ASN C 123 33.55 6.95 -31.60
C ASN C 123 33.48 6.86 -30.08
N CYS C 124 33.73 7.98 -29.38
CA CYS C 124 33.63 8.14 -27.92
C CYS C 124 34.13 6.98 -27.04
N SER C 125 35.44 6.84 -26.92
CA SER C 125 36.05 5.88 -26.00
C SER C 125 35.89 6.33 -24.55
N PHE C 126 35.71 5.38 -23.65
CA PHE C 126 35.63 5.67 -22.22
C PHE C 126 36.03 4.45 -21.41
N ASN C 127 36.30 4.67 -20.12
CA ASN C 127 36.71 3.60 -19.21
C ASN C 127 35.58 2.97 -18.40
N ALA C 128 34.60 3.75 -17.97
CA ALA C 128 33.48 3.31 -17.10
C ALA C 128 34.03 2.48 -15.93
N THR C 129 33.43 1.33 -15.61
CA THR C 129 33.89 0.42 -14.56
C THR C 129 33.75 -1.01 -15.07
N THR C 130 34.40 -1.94 -14.37
CA THR C 130 34.27 -3.37 -14.63
C THR C 130 33.41 -4.01 -13.54
N GLU C 131 33.12 -5.29 -13.74
CA GLU C 131 32.30 -6.02 -12.78
C GLU C 131 32.96 -6.09 -11.40
N LEU C 132 34.29 -6.05 -11.33
CA LEU C 132 34.99 -5.98 -10.05
C LEU C 132 35.32 -4.52 -9.74
N ARG C 133 35.16 -4.15 -8.47
CA ARG C 133 35.39 -2.78 -8.05
C ARG C 133 36.84 -2.32 -8.21
N ASP C 134 37.81 -3.23 -8.23
CA ASP C 134 39.21 -2.85 -8.30
C ASP C 134 39.76 -2.61 -9.70
N LYS C 135 38.99 -2.86 -10.76
CA LYS C 135 39.51 -2.72 -12.10
C LYS C 135 38.62 -1.85 -12.97
N LYS C 136 39.26 -1.24 -13.96
CA LYS C 136 38.61 -0.47 -15.01
C LYS C 136 39.03 -1.11 -16.33
N GLN C 137 38.25 -0.84 -17.38
CA GLN C 137 38.51 -1.43 -18.69
C GLN C 137 38.27 -0.38 -19.75
N LYS C 138 39.22 -0.25 -20.69
CA LYS C 138 39.05 0.71 -21.77
C LYS C 138 38.08 0.10 -22.76
N VAL C 139 36.95 0.78 -22.96
CA VAL C 139 35.88 0.34 -23.84
C VAL C 139 35.51 1.50 -24.73
N TYR C 140 34.72 1.20 -25.75
CA TYR C 140 34.20 2.24 -26.61
C TYR C 140 32.76 1.90 -26.96
N ALA C 141 32.00 2.95 -27.27
CA ALA C 141 30.63 2.83 -27.73
C ALA C 141 30.36 4.00 -28.65
N LEU C 142 29.53 3.78 -29.66
CA LEU C 142 29.17 4.86 -30.54
C LEU C 142 27.97 5.58 -29.94
N PHE C 143 28.01 6.91 -30.00
CA PHE C 143 26.92 7.73 -29.51
C PHE C 143 26.56 8.75 -30.57
N TYR C 144 25.30 9.19 -30.53
CA TYR C 144 24.87 10.24 -31.43
C TYR C 144 25.37 11.58 -30.91
N ARG C 145 25.64 12.50 -31.83
CA ARG C 145 26.16 13.81 -31.44
C ARG C 145 25.16 14.58 -30.60
N LEU C 146 23.88 14.22 -30.63
CA LEU C 146 22.87 14.89 -29.83
C LEU C 146 22.91 14.46 -28.37
N ASP C 147 23.57 13.35 -28.05
CA ASP C 147 23.64 12.85 -26.68
C ASP C 147 24.89 13.31 -25.94
N ILE C 148 25.98 13.56 -26.66
CA ILE C 148 27.25 13.97 -26.05
C ILE C 148 27.37 15.49 -26.07
N VAL C 149 27.81 16.05 -24.95
CA VAL C 149 27.98 17.49 -24.76
C VAL C 149 29.48 17.76 -24.71
N PRO C 150 30.01 18.67 -25.54
CA PRO C 150 31.46 18.87 -25.56
C PRO C 150 32.02 19.54 -24.31
N LEU C 151 33.26 19.16 -24.02
CA LEU C 151 34.08 19.75 -22.98
C LEU C 151 35.29 20.36 -23.67
N GLU C 152 35.92 21.33 -23.03
CA GLU C 152 37.13 21.97 -23.57
C GLU C 152 36.77 22.57 -24.93
N GLU C 153 37.34 22.11 -26.03
CA GLU C 153 37.08 22.64 -27.36
C GLU C 153 37.01 21.47 -28.33
N GLU C 154 36.05 21.51 -29.25
CA GLU C 154 35.88 20.46 -30.24
C GLU C 154 36.82 20.69 -31.43
N ARG C 155 37.68 19.70 -31.67
CA ARG C 155 38.64 19.75 -32.77
C ARG C 155 38.06 18.88 -33.89
N LYS C 156 37.72 19.51 -35.02
CA LYS C 156 37.06 18.81 -36.12
C LYS C 156 37.83 17.57 -36.56
N GLY C 157 39.15 17.65 -36.61
CA GLY C 157 40.00 16.57 -37.06
C GLY C 157 40.66 15.72 -35.99
N ASN C 158 40.28 15.85 -34.73
CA ASN C 158 40.98 15.16 -33.65
C ASN C 158 39.99 14.73 -32.57
N SER C 159 40.49 13.96 -31.62
CA SER C 159 39.69 13.52 -30.48
C SER C 159 39.45 14.69 -29.53
N SER C 160 38.22 14.81 -29.03
CA SER C 160 37.88 15.84 -28.04
C SER C 160 37.13 15.21 -26.88
N LYS C 161 37.19 15.88 -25.73
CA LYS C 161 36.49 15.38 -24.55
C LYS C 161 35.01 15.75 -24.54
N TYR C 162 34.18 14.77 -24.19
CA TYR C 162 32.73 14.92 -24.08
C TYR C 162 32.22 14.25 -22.82
N ARG C 163 31.00 14.63 -22.43
CA ARG C 163 30.26 13.96 -21.38
C ARG C 163 28.88 13.61 -21.92
N LEU C 164 28.22 12.62 -21.33
CA LEU C 164 26.88 12.29 -21.80
C LEU C 164 25.89 13.32 -21.28
N ILE C 165 24.86 13.58 -22.09
CA ILE C 165 23.79 14.50 -21.68
C ILE C 165 23.07 13.97 -20.45
N ASN C 166 22.61 14.89 -19.61
CA ASN C 166 21.94 14.66 -18.33
C ASN C 166 22.88 14.22 -17.22
N CYS C 167 24.20 14.19 -17.46
CA CYS C 167 25.10 13.86 -16.37
C CYS C 167 25.25 15.00 -15.37
N ASN C 168 24.77 16.19 -15.70
CA ASN C 168 24.72 17.30 -14.76
C ASN C 168 23.37 17.40 -14.08
N THR C 169 22.42 16.51 -14.43
CA THR C 169 21.05 16.53 -13.92
C THR C 169 20.73 15.21 -13.23
N SER C 170 20.85 14.08 -13.93
CA SER C 170 20.54 12.79 -13.33
C SER C 170 21.08 11.69 -14.24
N ALA C 171 21.60 10.63 -13.64
CA ALA C 171 22.00 9.49 -14.45
C ALA C 171 20.76 8.87 -15.05
N CYS C 172 20.87 8.40 -16.29
CA CYS C 172 19.74 7.83 -16.99
C CYS C 172 19.60 6.34 -16.71
N THR C 173 18.36 5.88 -16.67
CA THR C 173 18.04 4.47 -16.51
C THR C 173 18.04 3.83 -17.89
N GLN C 174 18.67 2.68 -18.02
CA GLN C 174 18.70 1.96 -19.28
C GLN C 174 17.38 1.24 -19.49
N ALA C 175 16.81 1.36 -20.69
CA ALA C 175 15.59 0.62 -20.97
C ALA C 175 15.93 -0.85 -20.79
N CYS C 176 15.05 -1.57 -20.14
CA CYS C 176 15.36 -2.95 -19.82
C CYS C 176 15.13 -3.82 -21.06
N PRO C 177 16.14 -4.57 -21.54
CA PRO C 177 16.00 -5.27 -22.83
C PRO C 177 14.92 -6.33 -22.86
N LYS C 178 14.41 -6.76 -21.71
CA LYS C 178 13.39 -7.80 -21.64
C LYS C 178 12.01 -7.31 -22.07
N VAL C 179 11.79 -5.99 -22.19
CA VAL C 179 10.50 -5.45 -22.57
C VAL C 179 10.67 -4.59 -23.81
N THR C 180 9.55 -4.37 -24.51
CA THR C 180 9.49 -3.52 -25.70
C THR C 180 8.43 -2.45 -25.50
N PHE C 181 8.31 -1.58 -26.50
CA PHE C 181 7.41 -0.44 -26.48
C PHE C 181 6.25 -0.73 -27.43
N ASP C 182 5.06 -0.96 -26.87
CA ASP C 182 3.89 -1.31 -27.68
C ASP C 182 2.62 -0.69 -27.11
N PRO C 183 1.94 0.24 -27.82
CA PRO C 183 0.80 0.96 -27.21
C PRO C 183 -0.47 0.12 -27.13
N ILE C 184 -0.45 -0.88 -26.24
CA ILE C 184 -1.61 -1.77 -26.06
C ILE C 184 -2.86 -0.98 -25.70
N PRO C 185 -4.03 -1.27 -26.28
CA PRO C 185 -5.25 -0.54 -25.90
C PRO C 185 -5.58 -0.70 -24.42
N ILE C 186 -6.04 0.39 -23.80
CA ILE C 186 -6.47 0.40 -22.40
C ILE C 186 -7.93 0.81 -22.31
N HIS C 187 -8.76 -0.05 -21.71
CA HIS C 187 -10.20 0.15 -21.58
C HIS C 187 -10.46 0.61 -20.15
N TYR C 188 -11.03 1.82 -20.00
CA TYR C 188 -11.42 2.28 -18.65
C TYR C 188 -12.92 2.01 -18.51
N CYS C 189 -13.23 0.99 -17.74
CA CYS C 189 -14.65 0.61 -17.51
C CYS C 189 -15.10 1.38 -16.27
N ALA C 190 -16.27 2.01 -16.34
CA ALA C 190 -16.67 2.89 -15.22
C ALA C 190 -16.66 2.02 -13.95
N PRO C 191 -16.28 2.57 -12.77
CA PRO C 191 -16.31 1.82 -11.53
C PRO C 191 -17.76 1.78 -11.05
N ALA C 192 -18.05 0.88 -10.12
CA ALA C 192 -19.42 0.73 -9.63
C ALA C 192 -19.87 2.03 -8.99
N GLY C 193 -21.10 2.43 -9.29
CA GLY C 193 -21.71 3.63 -8.79
C GLY C 193 -21.56 4.81 -9.72
N TYR C 194 -20.74 4.65 -10.76
CA TYR C 194 -20.44 5.65 -11.78
C TYR C 194 -20.73 5.03 -13.14
N ALA C 195 -20.96 5.89 -14.13
CA ALA C 195 -21.17 5.42 -15.48
C ALA C 195 -20.48 6.37 -16.45
N ILE C 196 -20.07 5.82 -17.59
CA ILE C 196 -19.44 6.60 -18.65
C ILE C 196 -20.44 6.84 -19.77
N LEU C 197 -20.63 8.11 -20.09
CA LEU C 197 -21.52 8.57 -21.14
C LEU C 197 -20.67 8.83 -22.37
N LYS C 198 -20.98 8.15 -23.46
CA LYS C 198 -20.26 8.26 -24.71
C LYS C 198 -21.09 9.09 -25.68
N CYS C 199 -20.46 10.09 -26.28
CA CYS C 199 -21.10 10.94 -27.28
C CYS C 199 -20.86 10.35 -28.66
N ASN C 200 -21.93 9.98 -29.34
CA ASN C 200 -21.87 9.41 -30.68
C ASN C 200 -22.27 10.40 -31.77
N ASN C 201 -22.37 11.68 -31.44
CA ASN C 201 -22.75 12.68 -32.43
C ASN C 201 -21.57 12.97 -33.35
N LYS C 202 -21.82 12.98 -34.65
CA LYS C 202 -20.80 13.29 -35.63
C LYS C 202 -20.69 14.81 -35.78
N THR C 203 -19.54 15.24 -36.29
CA THR C 203 -19.22 16.67 -36.45
C THR C 203 -19.44 17.40 -35.13
N PHE C 204 -19.03 16.76 -34.04
CA PHE C 204 -19.14 17.28 -32.68
C PHE C 204 -17.77 17.77 -32.23
N ASN C 205 -17.71 19.02 -31.78
CA ASN C 205 -16.45 19.58 -31.31
C ASN C 205 -16.27 19.27 -29.82
N GLY C 206 -15.17 19.75 -29.26
CA GLY C 206 -14.81 19.40 -27.89
C GLY C 206 -15.80 19.82 -26.82
N THR C 207 -16.51 20.94 -27.02
CA THR C 207 -17.42 21.47 -26.02
C THR C 207 -18.80 21.74 -26.59
N GLY C 208 -19.83 21.28 -25.86
CA GLY C 208 -21.22 21.54 -26.21
C GLY C 208 -22.16 20.36 -26.03
N PRO C 209 -23.47 20.63 -26.15
CA PRO C 209 -24.47 19.57 -26.05
C PRO C 209 -24.29 18.48 -27.09
N CYS C 210 -24.48 17.23 -26.67
CA CYS C 210 -24.43 16.07 -27.55
C CYS C 210 -25.84 15.48 -27.59
N ASN C 211 -26.37 15.30 -28.81
CA ASN C 211 -27.76 14.83 -28.97
C ASN C 211 -27.89 13.33 -29.13
N ASN C 212 -26.80 12.55 -29.07
CA ASN C 212 -26.87 11.10 -29.21
C ASN C 212 -25.88 10.55 -28.18
N VAL C 213 -26.39 10.33 -26.96
CA VAL C 213 -25.58 9.97 -25.79
C VAL C 213 -25.95 8.57 -25.36
N SER C 214 -24.95 7.68 -25.26
CA SER C 214 -25.15 6.31 -24.83
C SER C 214 -24.35 6.08 -23.57
N THR C 215 -24.72 5.05 -22.80
CA THR C 215 -24.01 4.68 -21.58
C THR C 215 -23.30 3.36 -21.85
N VAL C 216 -22.01 3.29 -21.49
CA VAL C 216 -21.24 2.07 -21.72
C VAL C 216 -20.60 1.59 -20.43
N GLN C 217 -20.30 0.29 -20.39
CA GLN C 217 -19.48 -0.23 -19.30
C GLN C 217 -18.03 0.16 -19.50
N CYS C 218 -17.57 0.14 -20.75
CA CYS C 218 -16.18 0.41 -21.08
C CYS C 218 -16.09 1.27 -22.33
N THR C 219 -15.00 2.02 -22.40
CA THR C 219 -14.69 2.87 -23.52
C THR C 219 -14.05 2.02 -24.63
N HIS C 220 -13.89 2.61 -25.81
CA HIS C 220 -13.13 1.90 -26.81
C HIS C 220 -11.69 1.91 -26.32
N GLY C 221 -10.85 1.03 -26.86
CA GLY C 221 -9.48 1.01 -26.37
C GLY C 221 -8.74 2.25 -26.80
N ILE C 222 -7.96 2.79 -25.87
CA ILE C 222 -7.15 3.98 -26.08
C ILE C 222 -5.71 3.50 -26.16
N LYS C 223 -5.01 3.84 -27.25
CA LYS C 223 -3.64 3.42 -27.38
C LYS C 223 -2.71 4.50 -26.86
N PRO C 224 -1.82 4.22 -25.89
CA PRO C 224 -0.93 5.32 -25.39
C PRO C 224 0.21 5.58 -26.36
N VAL C 225 -0.12 6.09 -27.54
CA VAL C 225 0.88 6.38 -28.56
C VAL C 225 1.55 7.70 -28.21
N VAL C 226 2.87 7.71 -28.21
CA VAL C 226 3.64 8.90 -27.86
C VAL C 226 4.15 9.53 -29.15
N SER C 227 3.79 10.79 -29.36
CA SER C 227 4.22 11.55 -30.52
C SER C 227 3.99 13.02 -30.22
N THR C 228 4.60 13.88 -31.03
CA THR C 228 4.32 15.31 -31.01
C THR C 228 3.92 15.77 -32.40
N GLN C 229 3.26 16.93 -32.44
CA GLN C 229 2.83 17.59 -33.68
C GLN C 229 1.81 16.80 -34.49
N LEU C 230 2.09 15.54 -34.82
CA LEU C 230 1.19 14.66 -35.54
C LEU C 230 0.65 13.58 -34.61
N LEU C 231 -0.66 13.35 -34.69
CA LEU C 231 -1.33 12.32 -33.89
C LEU C 231 -1.37 11.03 -34.70
N LEU C 232 -0.75 9.98 -34.17
CA LEU C 232 -0.61 8.72 -34.89
C LEU C 232 -1.49 7.64 -34.29
N ASN C 233 -1.96 6.75 -35.16
CA ASN C 233 -2.70 5.54 -34.77
C ASN C 233 -3.88 5.86 -33.86
N GLY C 234 -4.56 6.98 -34.14
CA GLY C 234 -5.72 7.36 -33.36
C GLY C 234 -7.02 7.11 -34.10
N SER C 235 -8.09 7.68 -33.56
CA SER C 235 -9.40 7.57 -34.19
C SER C 235 -9.51 8.64 -35.27
N LEU C 236 -10.40 8.41 -36.24
CA LEU C 236 -10.66 9.39 -37.28
C LEU C 236 -12.15 9.66 -37.38
N ALA C 237 -12.46 10.88 -37.83
CA ALA C 237 -13.83 11.33 -37.93
C ALA C 237 -14.56 10.60 -39.05
N GLU C 238 -15.84 10.33 -38.86
CA GLU C 238 -16.66 9.73 -39.90
C GLU C 238 -17.37 10.78 -40.74
N GLY C 239 -17.25 12.07 -40.38
CA GLY C 239 -17.93 13.16 -41.05
C GLY C 239 -16.97 13.99 -41.87
N GLU C 240 -16.46 15.05 -41.25
CA GLU C 240 -15.60 16.04 -41.88
C GLU C 240 -14.44 16.32 -40.94
N ILE C 241 -13.55 17.23 -41.34
CA ILE C 241 -12.45 17.61 -40.47
C ILE C 241 -13.02 18.42 -39.30
N ILE C 242 -12.64 18.03 -38.08
CA ILE C 242 -13.16 18.66 -36.87
C ILE C 242 -12.03 19.42 -36.16
N ILE C 243 -12.28 20.70 -35.88
CA ILE C 243 -11.35 21.59 -35.20
C ILE C 243 -11.78 21.67 -33.74
N ARG C 244 -10.93 21.26 -32.80
CA ARG C 244 -11.27 21.27 -31.38
C ARG C 244 -10.30 22.16 -30.60
N SER C 245 -10.86 23.03 -29.76
CA SER C 245 -10.07 23.91 -28.91
C SER C 245 -10.97 24.38 -27.77
N GLU C 246 -10.35 24.94 -26.73
CA GLU C 246 -11.17 25.56 -25.69
C GLU C 246 -11.82 26.82 -26.23
N GLN C 247 -11.06 27.59 -27.00
CA GLN C 247 -11.51 28.81 -27.63
C GLN C 247 -10.53 29.06 -28.77
N LEU C 248 -11.04 29.44 -29.94
CA LEU C 248 -10.13 29.73 -31.03
C LEU C 248 -9.58 31.15 -30.94
N THR C 249 -10.33 32.05 -30.31
CA THR C 249 -9.86 33.43 -30.16
C THR C 249 -8.61 33.50 -29.29
N ASN C 250 -8.54 32.69 -28.23
CA ASN C 250 -7.41 32.72 -27.31
C ASN C 250 -6.26 31.92 -27.91
N ASN C 251 -5.18 32.63 -28.27
CA ASN C 251 -4.04 32.03 -28.97
C ASN C 251 -3.13 31.17 -28.09
N VAL C 252 -3.39 31.01 -26.79
CA VAL C 252 -2.51 30.15 -25.96
C VAL C 252 -2.98 28.70 -25.93
N LYS C 253 -4.17 28.39 -26.44
CA LYS C 253 -4.72 27.06 -26.39
C LYS C 253 -4.26 26.25 -27.59
N THR C 254 -4.14 24.94 -27.41
CA THR C 254 -3.77 24.05 -28.50
C THR C 254 -5.03 23.68 -29.26
N ILE C 255 -4.90 23.58 -30.58
CA ILE C 255 -5.98 23.18 -31.47
C ILE C 255 -5.69 21.77 -31.97
N ILE C 256 -6.62 20.87 -31.73
CA ILE C 256 -6.53 19.47 -32.16
C ILE C 256 -7.37 19.36 -33.42
N VAL C 257 -6.76 18.93 -34.51
CA VAL C 257 -7.43 18.82 -35.80
C VAL C 257 -7.59 17.35 -36.10
N HIS C 258 -8.84 16.91 -36.26
CA HIS C 258 -9.17 15.53 -36.59
C HIS C 258 -9.55 15.41 -38.06
N LEU C 259 -8.91 14.48 -38.74
CA LEU C 259 -9.15 14.23 -40.16
C LEU C 259 -10.21 13.14 -40.30
N ASN C 260 -10.89 13.13 -41.43
CA ASN C 260 -11.84 12.06 -41.72
C ASN C 260 -11.22 10.93 -42.55
N GLU C 261 -9.93 11.02 -42.83
CA GLU C 261 -9.19 9.97 -43.51
C GLU C 261 -7.76 10.07 -43.01
N SER C 262 -7.09 8.92 -42.90
CA SER C 262 -5.71 8.93 -42.45
C SER C 262 -4.74 9.14 -43.61
N VAL C 263 -3.52 9.52 -43.26
CA VAL C 263 -2.41 9.64 -44.20
C VAL C 263 -1.34 8.66 -43.78
N GLU C 264 -0.85 7.86 -44.71
CA GLU C 264 0.15 6.87 -44.34
C GLU C 264 1.50 7.55 -44.19
N ILE C 265 2.21 7.18 -43.13
CA ILE C 265 3.56 7.64 -42.85
C ILE C 265 4.45 6.43 -42.61
N VAL C 266 5.59 6.37 -43.30
CA VAL C 266 6.54 5.26 -43.14
C VAL C 266 7.90 5.83 -42.75
N CYS C 267 8.38 5.49 -41.56
CA CYS C 267 9.63 5.99 -41.01
C CYS C 267 10.63 4.84 -40.97
N THR C 268 11.86 5.13 -41.42
CA THR C 268 12.94 4.14 -41.44
C THR C 268 14.24 4.71 -40.90
N ARG C 269 15.09 3.75 -40.51
CA ARG C 269 16.46 3.98 -40.05
C ARG C 269 17.35 3.11 -40.94
N PRO C 270 17.69 3.57 -42.15
CA PRO C 270 18.26 2.67 -43.17
C PRO C 270 19.72 2.33 -42.93
N ASN C 271 20.01 1.74 -41.78
CA ASN C 271 21.37 1.35 -41.41
C ASN C 271 21.30 0.07 -40.60
N GLN C 272 22.47 -0.43 -40.23
CA GLN C 272 22.60 -1.61 -39.39
C GLN C 272 23.66 -1.36 -38.33
N TYR C 273 23.36 -1.77 -37.09
CA TYR C 273 24.26 -1.60 -35.97
C TYR C 273 24.36 -2.93 -35.23
N THR C 274 25.48 -3.12 -34.55
CA THR C 274 25.69 -4.30 -33.71
C THR C 274 25.60 -3.88 -32.26
N ARG C 275 24.84 -4.65 -31.49
CA ARG C 275 24.74 -4.44 -30.06
C ARG C 275 25.95 -5.07 -29.38
N LYS C 276 26.59 -4.30 -28.50
CA LYS C 276 27.73 -4.77 -27.71
C LYS C 276 27.33 -4.77 -26.25
N SER C 277 27.83 -5.74 -25.50
CA SER C 277 27.56 -5.82 -24.07
C SER C 277 28.83 -5.46 -23.31
N ILE C 278 28.76 -4.37 -22.55
CA ILE C 278 29.85 -3.90 -21.71
C ILE C 278 29.41 -4.15 -20.28
N ARG C 279 30.17 -4.95 -19.54
CA ARG C 279 29.78 -5.26 -18.18
C ARG C 279 30.35 -4.16 -17.29
N ILE C 280 29.46 -3.46 -16.58
CA ILE C 280 29.84 -2.28 -15.81
C ILE C 280 29.73 -2.50 -14.31
N GLY C 281 29.08 -3.57 -13.87
CA GLY C 281 28.96 -3.89 -12.47
C GLY C 281 28.34 -5.26 -12.35
N PRO C 282 28.18 -5.77 -11.13
CA PRO C 282 27.56 -7.09 -10.97
C PRO C 282 26.17 -7.10 -11.61
N GLY C 283 25.94 -8.08 -12.48
CA GLY C 283 24.64 -8.20 -13.10
C GLY C 283 24.38 -7.19 -14.21
N GLN C 284 24.31 -5.93 -13.82
CA GLN C 284 24.00 -4.84 -14.73
C GLN C 284 24.97 -4.80 -15.92
N THR C 285 24.40 -4.72 -17.12
CA THR C 285 25.14 -4.68 -18.37
C THR C 285 24.69 -3.47 -19.18
N PHE C 286 25.66 -2.75 -19.73
CA PHE C 286 25.39 -1.61 -20.60
C PHE C 286 25.38 -2.11 -22.04
N TYR C 287 24.34 -1.73 -22.80
CA TYR C 287 24.21 -2.11 -24.20
C TYR C 287 24.63 -0.96 -25.09
N ALA C 288 25.74 -1.14 -25.78
CA ALA C 288 26.39 -0.14 -26.60
C ALA C 288 26.11 -0.39 -28.08
N MET C 289 26.16 0.68 -28.86
CA MET C 289 26.04 0.59 -30.32
C MET C 289 27.44 0.54 -30.91
N GLY C 290 27.64 -0.30 -31.93
CA GLY C 290 28.93 -0.28 -32.59
C GLY C 290 28.94 -1.10 -33.86
N ASP C 291 30.15 -1.22 -34.42
CA ASP C 291 30.42 -1.99 -35.64
C ASP C 291 29.44 -1.69 -36.77
N ILE C 292 29.42 -0.42 -37.20
CA ILE C 292 28.48 -0.02 -38.25
C ILE C 292 28.85 -0.75 -39.53
N ILE C 293 27.86 -1.33 -40.19
CA ILE C 293 28.05 -2.11 -41.40
C ILE C 293 27.62 -1.23 -42.58
N GLY C 294 28.53 -0.98 -43.52
CA GLY C 294 28.22 -0.15 -44.65
C GLY C 294 28.34 1.32 -44.34
N ASN C 295 27.66 2.13 -45.15
CA ASN C 295 27.70 3.57 -45.04
C ASN C 295 26.66 4.00 -44.03
N ILE C 296 26.84 5.20 -43.47
CA ILE C 296 25.86 5.74 -42.52
C ILE C 296 24.91 6.63 -43.31
N ARG C 297 23.67 6.17 -43.43
CA ARG C 297 22.61 6.88 -44.12
C ARG C 297 21.77 7.63 -43.10
N GLN C 298 21.25 8.78 -43.49
CA GLN C 298 20.43 9.55 -42.57
C GLN C 298 19.07 8.91 -42.40
N ALA C 299 18.57 8.88 -41.16
CA ALA C 299 17.24 8.36 -40.91
C ALA C 299 16.23 9.27 -41.60
N TYR C 300 15.12 8.70 -42.05
CA TYR C 300 14.14 9.52 -42.76
C TYR C 300 12.76 8.93 -42.62
N CYS C 301 11.76 9.74 -42.99
CA CYS C 301 10.39 9.26 -42.97
C CYS C 301 9.62 9.83 -44.15
N ASN C 302 8.83 8.98 -44.82
CA ASN C 302 8.09 9.37 -46.02
C ASN C 302 6.60 9.58 -45.73
N ILE C 303 6.05 10.68 -46.26
CA ILE C 303 4.62 10.96 -46.25
C ILE C 303 4.21 11.22 -47.70
N SER C 304 3.15 10.55 -48.17
CA SER C 304 2.75 10.73 -49.56
C SER C 304 2.40 12.20 -49.82
N LYS C 305 2.87 12.71 -50.96
CA LYS C 305 2.72 14.13 -51.26
C LYS C 305 1.27 14.52 -51.56
N ASP C 306 0.54 13.70 -52.33
CA ASP C 306 -0.81 14.09 -52.71
C ASP C 306 -1.77 14.04 -51.53
N ASP C 307 -1.59 13.08 -50.63
CA ASP C 307 -2.50 12.98 -49.50
C ASP C 307 -2.24 14.11 -48.52
N TRP C 308 -0.96 14.44 -48.32
CA TRP C 308 -0.62 15.52 -47.42
C TRP C 308 -1.16 16.84 -47.94
N ILE C 309 -0.97 17.10 -49.24
CA ILE C 309 -1.42 18.38 -49.79
C ILE C 309 -2.93 18.48 -49.71
N ARG C 310 -3.66 17.41 -50.07
CA ARG C 310 -5.11 17.49 -49.97
C ARG C 310 -5.55 17.68 -48.53
N THR C 311 -4.87 17.00 -47.60
CA THR C 311 -5.21 17.10 -46.18
C THR C 311 -5.07 18.53 -45.71
N LEU C 312 -3.94 19.17 -46.04
CA LEU C 312 -3.73 20.52 -45.54
C LEU C 312 -4.63 21.52 -46.26
N GLN C 313 -4.96 21.30 -47.53
CA GLN C 313 -5.89 22.22 -48.18
C GLN C 313 -7.26 22.15 -47.51
N ARG C 314 -7.72 20.95 -47.16
CA ARG C 314 -9.02 20.84 -46.51
C ARG C 314 -8.98 21.41 -45.09
N VAL C 315 -7.87 21.19 -44.36
CA VAL C 315 -7.76 21.75 -43.03
C VAL C 315 -7.79 23.27 -43.12
N GLY C 316 -7.08 23.82 -44.11
CA GLY C 316 -7.08 25.24 -44.33
C GLY C 316 -8.50 25.76 -44.55
N LYS C 317 -9.25 25.09 -45.43
CA LYS C 317 -10.63 25.51 -45.69
C LYS C 317 -11.47 25.48 -44.42
N LYS C 318 -11.34 24.43 -43.60
CA LYS C 318 -12.16 24.36 -42.40
C LYS C 318 -11.77 25.45 -41.41
N LEU C 319 -10.47 25.71 -41.27
CA LEU C 319 -10.06 26.78 -40.37
C LEU C 319 -10.55 28.12 -40.91
N ALA C 320 -10.52 28.29 -42.24
CA ALA C 320 -11.01 29.53 -42.83
C ALA C 320 -12.48 29.71 -42.49
N GLU C 321 -13.22 28.60 -42.41
CA GLU C 321 -14.62 28.71 -42.00
C GLU C 321 -14.66 29.20 -40.57
N HIS C 322 -13.71 28.73 -39.75
CA HIS C 322 -13.64 29.14 -38.36
C HIS C 322 -12.99 30.52 -38.21
N PHE C 323 -12.13 30.90 -39.17
CA PHE C 323 -11.43 32.18 -39.19
C PHE C 323 -11.75 32.89 -40.50
N PRO C 324 -12.95 33.47 -40.62
CA PRO C 324 -13.35 34.08 -41.89
C PRO C 324 -12.57 35.34 -42.18
N ARG C 325 -12.51 35.68 -43.47
CA ARG C 325 -11.82 36.88 -43.96
C ARG C 325 -10.35 36.88 -43.55
N ARG C 326 -9.71 35.71 -43.63
CA ARG C 326 -8.30 35.58 -43.32
C ARG C 326 -7.64 34.61 -44.30
N ILE C 327 -6.34 34.81 -44.50
CA ILE C 327 -5.47 33.92 -45.28
C ILE C 327 -4.82 33.03 -44.23
N ILE C 328 -4.79 31.72 -44.46
CA ILE C 328 -4.22 30.80 -43.47
C ILE C 328 -2.90 30.25 -43.99
N GLN C 329 -1.83 30.47 -43.23
CA GLN C 329 -0.49 30.07 -43.66
C GLN C 329 0.15 29.13 -42.65
N PHE C 330 0.73 28.04 -43.16
CA PHE C 330 1.44 27.04 -42.37
C PHE C 330 2.91 27.25 -42.69
N THR C 331 3.72 27.56 -41.67
CA THR C 331 5.11 27.97 -41.87
C THR C 331 6.13 27.00 -41.29
N SER C 332 6.29 27.03 -39.98
CA SER C 332 7.31 26.24 -39.31
C SER C 332 7.03 26.26 -37.82
N PRO C 333 7.67 25.41 -37.01
CA PRO C 333 7.61 25.63 -35.57
C PRO C 333 8.27 26.95 -35.22
N ALA C 334 7.74 27.60 -34.17
CA ALA C 334 8.20 28.92 -33.78
C ALA C 334 9.68 28.96 -33.43
N GLY C 335 10.19 27.88 -32.85
CA GLY C 335 11.58 27.83 -32.41
C GLY C 335 11.65 27.28 -31.01
N GLY C 336 12.85 26.87 -30.60
CA GLY C 336 13.06 26.26 -29.31
C GLY C 336 14.06 25.14 -29.47
N ASP C 337 14.11 24.26 -28.47
CA ASP C 337 15.09 23.19 -28.52
C ASP C 337 14.55 22.04 -29.38
N LEU C 338 15.38 21.02 -29.55
CA LEU C 338 15.06 19.87 -30.40
C LEU C 338 13.77 19.17 -29.98
N GLU C 339 13.63 18.89 -28.69
CA GLU C 339 12.48 18.11 -28.20
C GLU C 339 11.12 18.75 -28.51
N ILE C 340 11.05 20.07 -28.60
CA ILE C 340 9.79 20.76 -28.91
C ILE C 340 9.68 21.07 -30.39
N THR C 341 10.78 21.53 -30.99
CA THR C 341 10.77 21.95 -32.39
C THR C 341 10.47 20.80 -33.34
N THR C 342 11.01 19.61 -33.05
CA THR C 342 10.85 18.45 -33.92
C THR C 342 9.65 17.58 -33.57
N HIS C 343 9.39 16.64 -34.48
CA HIS C 343 8.35 15.62 -34.38
C HIS C 343 8.90 14.36 -33.74
N SER C 344 8.55 14.14 -32.48
CA SER C 344 9.01 12.98 -31.71
C SER C 344 8.24 11.75 -32.17
N PHE C 345 8.95 10.67 -32.48
CA PHE C 345 8.34 9.45 -33.00
C PHE C 345 9.06 8.26 -32.38
N ASN C 346 8.31 7.28 -31.87
CA ASN C 346 8.89 6.08 -31.25
C ASN C 346 8.72 4.88 -32.18
N CYS C 347 9.82 4.41 -32.77
CA CYS C 347 9.82 3.27 -33.69
C CYS C 347 10.52 2.08 -33.04
N ARG C 348 9.73 1.18 -32.47
CA ARG C 348 10.25 -0.02 -31.79
C ARG C 348 11.30 0.32 -30.73
N GLY C 349 11.10 1.43 -30.02
CA GLY C 349 12.03 1.84 -29.00
C GLY C 349 13.13 2.77 -29.47
N GLU C 350 13.23 3.03 -30.77
CA GLU C 350 14.23 3.93 -31.33
C GLU C 350 13.53 5.28 -31.45
N PHE C 351 14.08 6.29 -30.77
CA PHE C 351 13.42 7.59 -30.69
C PHE C 351 13.93 8.54 -31.76
N PHE C 352 13.01 8.88 -32.68
CA PHE C 352 13.22 9.73 -33.84
C PHE C 352 12.76 11.14 -33.51
N TYR C 353 13.48 12.13 -34.04
CA TYR C 353 13.13 13.54 -33.93
C TYR C 353 13.21 14.12 -35.34
N CYS C 354 12.08 14.08 -36.03
CA CYS C 354 12.00 14.45 -37.45
C CYS C 354 11.78 15.95 -37.61
N ASN C 355 12.39 16.51 -38.66
CA ASN C 355 12.27 17.93 -38.98
C ASN C 355 11.07 18.09 -39.91
N THR C 356 9.96 18.61 -39.37
CA THR C 356 8.71 18.73 -40.09
C THR C 356 8.52 20.07 -40.78
N SER C 357 9.54 20.93 -40.79
CA SER C 357 9.40 22.25 -41.39
C SER C 357 9.10 22.17 -42.88
N SER C 358 9.47 21.08 -43.55
CA SER C 358 9.19 20.93 -44.97
C SER C 358 7.75 20.51 -45.25
N LEU C 359 7.00 20.07 -44.23
CA LEU C 359 5.61 19.66 -44.42
C LEU C 359 4.62 20.81 -44.26
N PHE C 360 4.82 21.64 -43.23
CA PHE C 360 3.92 22.75 -42.95
C PHE C 360 4.45 24.00 -43.67
N ASN C 361 4.43 23.94 -44.99
CA ASN C 361 5.00 24.97 -45.85
C ASN C 361 4.00 25.26 -46.96
N SER C 362 2.91 25.96 -46.61
CA SER C 362 1.86 26.22 -47.59
C SER C 362 1.01 27.38 -47.12
N THR C 363 0.28 27.98 -48.06
CA THR C 363 -0.69 29.01 -47.72
C THR C 363 -2.03 28.67 -48.35
N TYR C 364 -3.09 28.71 -47.55
CA TYR C 364 -4.46 28.50 -48.00
C TYR C 364 -5.07 29.87 -48.32
N ASN C 365 -5.52 29.99 -49.56
CA ASN C 365 -6.14 31.17 -50.15
C ASN C 365 -7.65 30.96 -50.13
N PRO C 366 -8.44 31.70 -49.33
CA PRO C 366 -9.89 31.48 -49.32
C PRO C 366 -10.57 31.62 -50.68
N ASN C 367 -9.94 32.31 -51.64
CA ASN C 367 -10.50 32.49 -52.97
C ASN C 367 -9.96 31.49 -53.98
N ASP C 368 -9.19 30.49 -53.54
CA ASP C 368 -8.60 29.47 -54.40
C ASP C 368 -7.75 28.53 -53.54
N LEU C 380 5.22 9.77 -55.83
CA LEU C 380 6.04 10.89 -55.37
C LEU C 380 5.73 11.19 -53.90
N ASP C 381 6.68 10.88 -53.04
CA ASP C 381 6.55 11.07 -51.60
C ASP C 381 7.46 12.19 -51.10
N ILE C 382 7.05 12.82 -50.01
CA ILE C 382 7.84 13.85 -49.34
C ILE C 382 8.73 13.12 -48.34
N THR C 383 10.04 13.38 -48.41
CA THR C 383 11.01 12.77 -47.52
C THR C 383 11.31 13.77 -46.42
N ILE C 384 11.17 13.32 -45.18
CA ILE C 384 11.40 14.13 -43.99
C ILE C 384 12.73 13.70 -43.38
N PRO C 385 13.75 14.56 -43.29
CA PRO C 385 14.98 14.12 -42.65
C PRO C 385 14.70 13.98 -41.16
N CYS C 386 15.31 12.98 -40.54
CA CYS C 386 15.13 12.73 -39.12
C CYS C 386 16.47 12.49 -38.44
N ARG C 387 16.53 12.85 -37.16
CA ARG C 387 17.69 12.55 -36.34
C ARG C 387 17.20 11.60 -35.25
N ILE C 388 18.11 10.81 -34.69
CA ILE C 388 17.76 9.82 -33.68
C ILE C 388 18.57 10.07 -32.42
N LYS C 389 17.92 9.92 -31.27
CA LYS C 389 18.59 10.06 -29.99
C LYS C 389 18.43 8.77 -29.19
N GLN C 390 19.45 8.44 -28.41
CA GLN C 390 19.38 7.31 -27.50
C GLN C 390 18.95 7.73 -26.09
N ILE C 391 19.30 8.95 -25.68
CA ILE C 391 18.99 9.46 -24.36
C ILE C 391 17.86 10.46 -24.53
N ILE C 392 16.74 10.22 -23.85
CA ILE C 392 15.56 11.05 -23.96
C ILE C 392 15.11 11.50 -22.57
N ASN C 393 14.32 12.56 -22.56
CA ASN C 393 13.69 13.08 -21.34
C ASN C 393 12.20 13.06 -21.63
N MET C 394 11.58 11.89 -21.44
CA MET C 394 10.19 11.72 -21.81
C MET C 394 9.29 12.42 -20.81
N TRP C 395 8.12 12.86 -21.29
CA TRP C 395 7.07 13.49 -20.49
C TRP C 395 7.47 14.87 -19.98
N GLN C 396 8.56 15.45 -20.49
CA GLN C 396 9.05 16.77 -20.08
C GLN C 396 9.45 16.82 -18.61
N ARG C 397 9.83 15.69 -18.03
CA ARG C 397 10.32 15.68 -16.65
C ARG C 397 11.81 15.99 -16.64
N VAL C 398 12.29 16.47 -15.49
CA VAL C 398 13.70 16.78 -15.29
C VAL C 398 14.22 15.82 -14.24
N GLY C 399 15.31 15.13 -14.57
CA GLY C 399 15.93 14.18 -13.67
C GLY C 399 15.47 12.75 -13.83
N GLN C 400 14.62 12.46 -14.82
CA GLN C 400 14.12 11.12 -15.07
C GLN C 400 14.43 10.68 -16.49
N CYS C 401 15.68 10.85 -16.92
CA CYS C 401 16.03 10.50 -18.29
C CYS C 401 16.20 9.00 -18.43
N MET C 402 16.02 8.53 -19.66
CA MET C 402 16.13 7.11 -20.01
C MET C 402 17.03 6.95 -21.23
N TYR C 403 17.85 5.91 -21.21
CA TYR C 403 18.74 5.56 -22.32
C TYR C 403 18.18 4.37 -23.07
N ALA C 404 17.89 4.55 -24.35
CA ALA C 404 17.35 3.47 -25.16
C ALA C 404 18.48 2.68 -25.80
N PRO C 405 18.58 1.36 -25.65
CA PRO C 405 19.67 0.63 -26.29
C PRO C 405 19.45 0.59 -27.79
N PRO C 406 20.49 0.38 -28.60
CA PRO C 406 20.25 0.22 -30.03
C PRO C 406 19.44 -1.05 -30.28
N ILE C 407 18.54 -0.98 -31.26
CA ILE C 407 17.72 -2.11 -31.65
C ILE C 407 18.23 -2.64 -32.97
N GLU C 408 18.58 -3.92 -33.01
CA GLU C 408 19.07 -4.55 -34.21
C GLU C 408 17.88 -4.96 -35.07
N GLY C 409 18.00 -4.77 -36.37
CA GLY C 409 16.94 -5.17 -37.28
C GLY C 409 16.70 -4.12 -38.34
N ASN C 410 15.63 -4.36 -39.09
CA ASN C 410 15.25 -3.51 -40.22
C ASN C 410 14.81 -2.12 -39.77
N ILE C 411 14.18 -2.04 -38.58
CA ILE C 411 13.68 -0.79 -38.00
C ILE C 411 12.87 0.02 -39.01
N THR C 412 11.70 -0.50 -39.37
CA THR C 412 10.76 0.18 -40.26
C THR C 412 9.42 0.22 -39.54
N CYS C 413 8.80 1.40 -39.50
CA CYS C 413 7.50 1.56 -38.86
C CYS C 413 6.56 2.32 -39.78
N LYS C 414 5.36 1.77 -39.98
CA LYS C 414 4.31 2.40 -40.75
C LYS C 414 3.16 2.73 -39.81
N SER C 415 2.64 3.95 -39.89
CA SER C 415 1.55 4.37 -39.03
C SER C 415 0.59 5.28 -39.79
N ASN C 416 -0.58 5.47 -39.21
CA ASN C 416 -1.64 6.31 -39.74
C ASN C 416 -1.64 7.66 -39.06
N ILE C 417 -1.48 8.73 -39.83
CA ILE C 417 -1.62 10.09 -39.30
C ILE C 417 -3.10 10.39 -39.33
N THR C 418 -3.69 10.61 -38.14
CA THR C 418 -5.12 10.85 -38.01
C THR C 418 -5.45 12.28 -37.58
N GLY C 419 -4.48 13.02 -37.06
CA GLY C 419 -4.76 14.39 -36.66
C GLY C 419 -3.48 15.16 -36.45
N LEU C 420 -3.66 16.46 -36.26
CA LEU C 420 -2.58 17.42 -36.10
C LEU C 420 -2.77 18.25 -34.85
N LEU C 421 -1.66 18.70 -34.26
CA LEU C 421 -1.68 19.67 -33.17
C LEU C 421 -1.15 21.00 -33.71
N LEU C 422 -2.01 22.01 -33.74
CA LEU C 422 -1.66 23.32 -34.26
C LEU C 422 -1.80 24.35 -33.14
N VAL C 423 -0.95 25.36 -33.17
CA VAL C 423 -1.02 26.49 -32.24
C VAL C 423 -1.08 27.76 -33.08
N ARG C 424 -2.10 28.58 -32.84
CA ARG C 424 -2.24 29.82 -33.58
C ARG C 424 -1.38 30.89 -32.92
N ASP C 425 -0.62 31.63 -33.71
CA ASP C 425 0.19 32.71 -33.18
C ASP C 425 -0.68 33.90 -32.81
N GLY C 426 -0.22 34.69 -31.85
CA GLY C 426 -0.91 35.89 -31.45
C GLY C 426 -0.73 37.03 -32.43
N GLN C 431 -5.17 40.75 -38.72
CA GLN C 431 -3.94 41.18 -39.40
C GLN C 431 -3.80 40.46 -40.75
N GLU C 432 -4.94 40.22 -41.39
CA GLU C 432 -5.06 39.58 -42.70
C GLU C 432 -4.66 38.10 -42.73
N THR C 433 -3.47 37.77 -42.22
CA THR C 433 -2.97 36.39 -42.26
C THR C 433 -2.78 35.85 -40.86
N GLU C 434 -3.35 34.67 -40.61
CA GLU C 434 -3.20 33.96 -39.35
C GLU C 434 -2.10 32.91 -39.53
N ILE C 435 -1.26 32.73 -38.52
CA ILE C 435 -0.16 31.77 -38.57
C ILE C 435 -0.47 30.62 -37.62
N PHE C 436 -0.47 29.40 -38.16
CA PHE C 436 -0.70 28.17 -37.42
C PHE C 436 0.57 27.35 -37.47
N ARG C 437 1.20 27.13 -36.32
CA ARG C 437 2.47 26.43 -36.23
C ARG C 437 2.29 25.05 -35.60
N PRO C 438 3.11 24.06 -35.93
CA PRO C 438 3.06 22.80 -35.20
C PRO C 438 3.35 23.00 -33.73
N GLY C 439 2.60 22.29 -32.89
CA GLY C 439 2.78 22.36 -31.45
C GLY C 439 3.00 21.00 -30.83
N GLY C 440 2.97 20.95 -29.52
CA GLY C 440 3.21 19.73 -28.79
C GLY C 440 3.95 20.05 -27.52
N GLY C 441 4.45 19.02 -26.84
CA GLY C 441 5.14 19.18 -25.59
C GLY C 441 4.34 18.83 -24.36
N ASP C 442 3.02 18.67 -24.48
CA ASP C 442 2.18 18.30 -23.34
C ASP C 442 1.35 17.14 -23.85
N MET C 443 1.74 15.94 -23.44
CA MET C 443 1.16 14.71 -23.94
C MET C 443 -0.32 14.55 -23.65
N ARG C 444 -0.85 15.28 -22.67
CA ARG C 444 -2.26 15.12 -22.32
C ARG C 444 -3.17 15.47 -23.49
N ASN C 445 -2.72 16.37 -24.37
CA ASN C 445 -3.60 16.76 -25.47
C ASN C 445 -3.78 15.62 -26.45
N ASN C 446 -2.81 14.71 -26.54
CA ASN C 446 -2.97 13.64 -27.51
C ASN C 446 -4.06 12.69 -27.03
N TRP C 447 -4.15 12.53 -25.72
CA TRP C 447 -5.14 11.62 -25.19
C TRP C 447 -6.51 12.26 -25.26
N ARG C 448 -6.56 13.61 -25.28
CA ARG C 448 -7.85 14.25 -25.46
C ARG C 448 -8.43 13.85 -26.81
N SER C 449 -7.56 13.65 -27.82
CA SER C 449 -8.02 13.32 -29.16
C SER C 449 -8.79 12.01 -29.18
N GLU C 450 -8.63 11.18 -28.16
CA GLU C 450 -9.35 9.92 -28.07
C GLU C 450 -10.45 9.98 -27.01
N LEU C 451 -10.23 10.73 -25.93
CA LEU C 451 -11.18 10.81 -24.83
C LEU C 451 -12.25 11.89 -25.03
N TYR C 452 -12.21 12.61 -26.15
CA TYR C 452 -13.17 13.67 -26.42
C TYR C 452 -14.63 13.24 -26.36
N LYS C 453 -14.94 11.97 -26.59
CA LYS C 453 -16.32 11.51 -26.62
C LYS C 453 -16.84 10.94 -25.30
N TYR C 454 -16.04 10.92 -24.23
CA TYR C 454 -16.47 10.31 -22.97
C TYR C 454 -16.56 11.31 -21.83
N LYS C 455 -17.55 11.09 -20.96
CA LYS C 455 -17.73 11.84 -19.73
C LYS C 455 -18.03 10.83 -18.62
N VAL C 456 -17.51 11.09 -17.42
CA VAL C 456 -17.76 10.23 -16.26
C VAL C 456 -18.76 10.91 -15.35
N VAL C 457 -19.85 10.22 -15.01
CA VAL C 457 -20.87 10.77 -14.13
C VAL C 457 -21.14 9.83 -12.96
N GLU C 458 -21.57 10.42 -11.84
CA GLU C 458 -21.92 9.70 -10.62
C GLU C 458 -23.42 9.49 -10.59
N ILE C 459 -23.84 8.27 -10.30
CA ILE C 459 -25.25 7.92 -10.22
C ILE C 459 -25.77 8.32 -8.85
N LYS C 460 -26.92 8.98 -8.80
CA LYS C 460 -27.57 9.42 -7.57
C LYS C 460 -28.91 8.68 -7.51
N PRO C 461 -28.90 7.41 -7.12
CA PRO C 461 -30.09 6.57 -7.29
C PRO C 461 -31.28 6.95 -6.42
N LEU C 462 -31.10 7.81 -5.42
CA LEU C 462 -32.19 8.17 -4.51
C LEU C 462 -32.90 9.44 -4.96
N GLY C 463 -34.19 9.30 -5.26
CA GLY C 463 -35.00 10.41 -5.73
C GLY C 463 -36.29 10.48 -4.93
N ILE C 464 -36.91 11.66 -4.97
CA ILE C 464 -38.14 11.94 -4.24
C ILE C 464 -39.20 12.43 -5.21
N ALA C 465 -40.44 11.94 -5.06
CA ALA C 465 -41.53 12.44 -5.89
C ALA C 465 -42.87 12.30 -5.17
N PRO C 466 -43.84 13.19 -5.43
CA PRO C 466 -45.17 13.01 -4.83
C PRO C 466 -45.99 11.91 -5.49
N THR C 467 -46.78 11.21 -4.68
CA THR C 467 -47.71 10.19 -5.20
C THR C 467 -49.06 10.33 -4.51
N ARG C 468 -50.05 9.64 -5.09
CA ARG C 468 -51.40 9.63 -4.54
C ARG C 468 -51.52 8.95 -3.18
N ALA C 469 -50.70 7.92 -2.93
CA ALA C 469 -50.81 7.20 -1.66
C ALA C 469 -50.17 7.98 -0.53
N LYS C 470 -50.67 7.72 0.69
CA LYS C 470 -50.11 8.30 1.91
C LYS C 470 -49.13 7.38 2.64
N ARG C 471 -49.31 6.06 2.56
CA ARG C 471 -48.42 5.16 3.28
C ARG C 471 -48.54 3.73 2.75
N ARG C 494 -33.41 -3.97 -20.39
CA ARG C 494 -32.64 -2.73 -20.28
C ARG C 494 -31.55 -2.90 -19.23
N GLY C 495 -30.82 -1.83 -18.94
CA GLY C 495 -29.73 -1.90 -18.00
C GLY C 495 -29.07 -0.55 -17.86
N PHE C 496 -28.09 -0.51 -16.94
CA PHE C 496 -27.33 0.69 -16.65
C PHE C 496 -28.27 1.87 -16.39
N LEU C 497 -28.17 2.93 -17.19
CA LEU C 497 -28.97 4.15 -17.06
C LEU C 497 -29.99 4.24 -18.18
N GLY C 498 -30.28 3.13 -18.88
CA GLY C 498 -31.11 3.13 -20.07
C GLY C 498 -32.60 3.40 -19.89
N ALA C 499 -32.91 4.42 -19.09
CA ALA C 499 -34.25 4.93 -18.88
C ALA C 499 -34.26 6.45 -18.89
N ALA C 500 -33.10 7.12 -18.81
CA ALA C 500 -33.03 8.56 -18.72
C ALA C 500 -33.65 9.16 -19.96
N GLY C 501 -34.40 10.24 -19.77
CA GLY C 501 -35.08 10.90 -20.85
C GLY C 501 -36.52 10.47 -20.98
N SER C 502 -36.87 9.33 -20.38
CA SER C 502 -38.22 8.83 -20.39
C SER C 502 -38.99 9.53 -19.29
N THR C 503 -40.30 9.37 -19.28
CA THR C 503 -41.08 10.07 -18.28
C THR C 503 -40.90 9.40 -16.92
N MET C 504 -41.28 10.13 -15.87
CA MET C 504 -41.14 9.60 -14.52
C MET C 504 -41.96 8.33 -14.34
N GLY C 505 -43.17 8.32 -14.91
CA GLY C 505 -44.01 7.13 -14.82
C GLY C 505 -43.44 5.96 -15.59
N ALA C 506 -42.90 6.24 -16.79
CA ALA C 506 -42.32 5.18 -17.60
C ALA C 506 -41.13 4.54 -16.90
N ALA C 507 -40.31 5.33 -16.20
CA ALA C 507 -39.12 4.79 -15.53
C ALA C 507 -39.49 4.20 -14.18
N SER C 508 -40.33 3.16 -14.22
CA SER C 508 -40.78 2.44 -13.04
C SER C 508 -40.23 1.02 -12.98
N ILE C 509 -39.67 0.51 -14.08
CA ILE C 509 -39.17 -0.86 -14.15
C ILE C 509 -37.68 -0.92 -13.86
N THR C 510 -36.91 0.02 -14.41
CA THR C 510 -35.47 0.01 -14.27
C THR C 510 -34.99 0.46 -12.89
N LEU C 511 -35.91 0.79 -11.97
CA LEU C 511 -35.49 1.15 -10.62
C LEU C 511 -34.77 0.00 -9.93
N THR C 512 -35.15 -1.24 -10.25
CA THR C 512 -34.51 -2.41 -9.66
C THR C 512 -33.28 -2.83 -10.45
N VAL C 513 -33.29 -2.63 -11.77
CA VAL C 513 -32.16 -3.03 -12.60
C VAL C 513 -31.00 -2.09 -12.32
N GLN C 514 -31.30 -0.80 -12.28
CA GLN C 514 -30.32 0.22 -11.93
C GLN C 514 -29.97 0.04 -10.45
N ALA C 515 -28.72 0.31 -10.12
CA ALA C 515 -28.10 0.20 -8.78
C ALA C 515 -27.71 -1.24 -8.48
N ARG C 516 -27.80 -2.15 -9.46
CA ARG C 516 -27.21 -3.47 -9.27
C ARG C 516 -25.69 -3.43 -9.35
N GLN C 517 -25.15 -2.31 -9.85
CA GLN C 517 -23.70 -2.13 -9.88
C GLN C 517 -23.14 -1.97 -8.47
N LEU C 518 -23.96 -1.48 -7.54
CA LEU C 518 -23.53 -1.22 -6.18
C LEU C 518 -23.64 -2.48 -5.32
N VAL C 544 0.71 1.53 -5.84
CA VAL C 544 0.05 2.79 -6.12
C VAL C 544 -1.34 2.47 -6.68
N TRP C 545 -1.37 1.73 -7.79
CA TRP C 545 -2.66 1.39 -8.38
C TRP C 545 -3.49 0.47 -7.49
N GLY C 546 -2.84 -0.33 -6.66
CA GLY C 546 -3.57 -1.23 -5.79
C GLY C 546 -4.38 -0.48 -4.75
N ILE C 547 -3.78 0.56 -4.18
CA ILE C 547 -4.47 1.28 -3.12
C ILE C 547 -5.54 2.18 -3.72
N LYS C 548 -5.28 2.78 -4.89
CA LYS C 548 -6.31 3.60 -5.52
C LYS C 548 -7.53 2.74 -5.85
N GLN C 549 -7.28 1.49 -6.29
CA GLN C 549 -8.38 0.58 -6.58
C GLN C 549 -9.16 0.23 -5.32
N LEU C 550 -8.46 0.02 -4.20
CA LEU C 550 -9.19 -0.22 -2.97
C LEU C 550 -9.94 1.02 -2.53
N GLN C 551 -9.37 2.21 -2.70
CA GLN C 551 -10.08 3.41 -2.27
C GLN C 551 -11.39 3.55 -3.05
N THR C 552 -11.34 3.24 -4.35
CA THR C 552 -12.54 3.35 -5.18
C THR C 552 -13.60 2.35 -4.73
N ARG C 553 -13.19 1.10 -4.48
CA ARG C 553 -14.16 0.09 -4.07
C ARG C 553 -14.73 0.41 -2.69
N VAL C 554 -13.88 0.84 -1.76
CA VAL C 554 -14.34 1.13 -0.40
C VAL C 554 -15.30 2.32 -0.42
N LEU C 555 -14.98 3.35 -1.20
CA LEU C 555 -15.91 4.49 -1.27
C LEU C 555 -17.24 4.08 -1.89
N ALA C 556 -17.22 3.22 -2.92
CA ALA C 556 -18.48 2.77 -3.48
C ALA C 556 -19.31 2.02 -2.43
N ILE C 557 -18.64 1.22 -1.61
CA ILE C 557 -19.31 0.50 -0.54
C ILE C 557 -19.89 1.48 0.48
N GLU C 558 -19.09 2.47 0.86
CA GLU C 558 -19.53 3.44 1.85
C GLU C 558 -20.75 4.21 1.37
N ARG C 559 -20.75 4.62 0.09
CA ARG C 559 -21.90 5.36 -0.41
C ARG C 559 -23.15 4.48 -0.43
N TYR C 560 -22.99 3.22 -0.84
CA TYR C 560 -24.14 2.31 -0.84
C TYR C 560 -24.69 2.17 0.57
N LEU C 561 -23.81 1.97 1.56
CA LEU C 561 -24.28 1.80 2.92
C LEU C 561 -24.92 3.07 3.44
N LYS C 562 -24.41 4.24 3.05
CA LYS C 562 -25.06 5.48 3.49
C LYS C 562 -26.48 5.55 2.96
N ASP C 563 -26.68 5.14 1.72
CA ASP C 563 -28.04 5.15 1.17
C ASP C 563 -28.92 4.13 1.89
N GLN C 564 -28.39 2.95 2.23
CA GLN C 564 -29.22 1.97 2.90
C GLN C 564 -29.53 2.41 4.32
N GLN C 565 -28.58 3.06 4.99
CA GLN C 565 -28.83 3.54 6.34
C GLN C 565 -29.90 4.62 6.30
N LEU C 566 -29.84 5.50 5.30
CA LEU C 566 -30.81 6.58 5.23
C LEU C 566 -32.20 6.01 4.98
N LEU C 567 -32.29 5.01 4.11
CA LEU C 567 -33.60 4.39 3.86
C LEU C 567 -34.12 3.69 5.11
N GLY C 568 -33.21 3.05 5.88
CA GLY C 568 -33.63 2.43 7.13
C GLY C 568 -34.16 3.44 8.14
N ILE C 569 -33.49 4.59 8.23
CA ILE C 569 -33.91 5.64 9.16
C ILE C 569 -35.31 6.12 8.80
N TRP C 570 -35.62 6.17 7.52
CA TRP C 570 -36.92 6.60 7.04
C TRP C 570 -37.98 5.52 7.16
N GLY C 571 -37.60 4.30 7.55
CA GLY C 571 -38.54 3.20 7.59
C GLY C 571 -38.82 2.61 6.23
N CYS C 572 -37.86 2.67 5.32
CA CYS C 572 -38.00 2.20 3.96
C CYS C 572 -37.08 1.07 3.56
N SER C 573 -36.18 0.60 4.43
CA SER C 573 -35.22 -0.38 3.96
C SER C 573 -35.94 -1.67 3.61
N GLY C 574 -35.36 -2.42 2.68
CA GLY C 574 -35.94 -3.66 2.22
C GLY C 574 -36.84 -3.47 1.03
N LYS C 575 -37.18 -2.23 0.69
CA LYS C 575 -38.04 -1.87 -0.41
C LYS C 575 -37.28 -0.96 -1.36
N LEU C 576 -37.73 -0.91 -2.61
CA LEU C 576 -37.20 0.03 -3.59
C LEU C 576 -38.06 1.27 -3.72
N ILE C 577 -39.37 1.14 -3.52
CA ILE C 577 -40.31 2.26 -3.57
C ILE C 577 -41.04 2.26 -2.23
N CYS C 578 -41.01 3.38 -1.51
CA CYS C 578 -41.75 3.48 -0.25
C CYS C 578 -42.47 4.81 -0.19
N THR C 579 -43.68 4.80 0.36
CA THR C 579 -44.48 6.01 0.53
C THR C 579 -44.55 6.31 2.03
N THR C 580 -44.31 7.56 2.40
CA THR C 580 -44.36 8.00 3.78
C THR C 580 -45.48 9.02 4.00
N ALA C 581 -45.65 9.38 5.28
CA ALA C 581 -46.75 10.21 5.78
C ALA C 581 -46.57 11.71 5.60
N VAL C 582 -45.42 12.18 5.12
CA VAL C 582 -45.24 13.63 4.97
C VAL C 582 -45.99 14.10 3.73
N PRO C 583 -46.89 15.09 3.84
CA PRO C 583 -47.61 15.58 2.66
C PRO C 583 -46.70 16.42 1.79
N TRP C 584 -47.11 16.58 0.54
CA TRP C 584 -46.48 17.50 -0.42
C TRP C 584 -47.42 18.71 -0.56
N ASN C 585 -47.14 19.81 0.15
CA ASN C 585 -48.07 20.94 0.18
C ASN C 585 -47.67 22.03 -0.82
N SER C 586 -47.40 21.63 -2.05
CA SER C 586 -46.90 22.52 -3.11
C SER C 586 -45.57 23.14 -2.64
N SER C 587 -45.24 24.31 -3.18
CA SER C 587 -44.02 25.09 -2.92
C SER C 587 -42.77 24.41 -3.48
N TRP C 588 -42.56 23.15 -3.11
CA TRP C 588 -41.47 22.37 -3.64
C TRP C 588 -41.56 22.26 -5.15
N SER C 589 -42.76 22.06 -5.66
CA SER C 589 -43.07 22.02 -7.08
C SER C 589 -44.54 22.33 -7.19
N ASN C 590 -44.89 23.16 -8.16
CA ASN C 590 -46.26 23.58 -8.37
C ASN C 590 -46.99 22.76 -9.41
N LYS C 591 -46.40 21.66 -9.86
CA LYS C 591 -47.01 20.79 -10.86
C LYS C 591 -47.93 19.76 -10.20
N SER C 592 -48.94 19.35 -10.95
CA SER C 592 -49.88 18.33 -10.50
C SER C 592 -49.27 16.93 -10.62
N HIS C 593 -49.90 15.97 -9.94
CA HIS C 593 -49.45 14.58 -10.00
C HIS C 593 -49.39 14.06 -11.43
N ASP C 594 -50.42 14.36 -12.22
CA ASP C 594 -50.52 13.74 -13.52
C ASP C 594 -49.53 14.34 -14.49
N GLU C 595 -49.30 15.66 -14.43
CA GLU C 595 -48.34 16.25 -15.37
C GLU C 595 -46.92 15.87 -14.99
N ILE C 596 -46.67 15.64 -13.70
CA ILE C 596 -45.32 15.25 -13.25
C ILE C 596 -45.02 13.85 -13.76
N TRP C 597 -45.93 12.91 -13.51
CA TRP C 597 -45.64 11.55 -13.96
C TRP C 597 -45.77 11.43 -15.47
N GLY C 598 -46.56 12.29 -16.10
CA GLY C 598 -46.76 12.30 -17.52
C GLY C 598 -45.65 12.87 -18.39
N ASN C 599 -45.34 14.16 -18.27
CA ASN C 599 -44.41 14.82 -19.18
C ASN C 599 -43.04 15.14 -18.60
N MET C 600 -42.78 14.91 -17.32
CA MET C 600 -41.48 15.22 -16.74
C MET C 600 -40.58 13.99 -16.72
N THR C 601 -39.28 14.23 -16.90
CA THR C 601 -38.26 13.20 -16.78
C THR C 601 -37.62 13.31 -15.39
N TRP C 602 -36.88 12.27 -15.01
CA TRP C 602 -36.24 12.32 -13.70
C TRP C 602 -35.11 13.34 -13.65
N MET C 603 -34.45 13.61 -14.78
CA MET C 603 -33.40 14.62 -14.77
C MET C 603 -34.01 16.00 -14.52
N GLN C 604 -35.12 16.29 -15.19
CA GLN C 604 -35.75 17.60 -15.03
C GLN C 604 -36.30 17.73 -13.62
N TRP C 605 -36.90 16.64 -13.12
CA TRP C 605 -37.48 16.66 -11.78
C TRP C 605 -36.40 16.92 -10.74
N ASP C 606 -35.27 16.21 -10.86
CA ASP C 606 -34.21 16.40 -9.88
C ASP C 606 -33.64 17.81 -9.95
N ARG C 607 -33.53 18.37 -11.16
CA ARG C 607 -33.03 19.74 -11.29
C ARG C 607 -33.98 20.71 -10.59
N GLU C 608 -35.29 20.51 -10.77
CA GLU C 608 -36.27 21.40 -10.14
C GLU C 608 -36.28 21.24 -8.62
N ILE C 609 -36.06 20.01 -8.13
CA ILE C 609 -36.08 19.73 -6.69
C ILE C 609 -34.70 19.85 -6.05
N GLY C 610 -33.64 20.06 -6.85
CA GLY C 610 -32.30 20.17 -6.31
C GLY C 610 -32.13 21.22 -5.23
N ASN C 611 -32.90 22.30 -5.28
CA ASN C 611 -32.80 23.35 -4.28
C ASN C 611 -33.61 23.07 -3.02
N TYR C 612 -34.37 21.97 -2.98
CA TYR C 612 -35.19 21.59 -1.85
C TYR C 612 -34.77 20.29 -1.18
N THR C 613 -34.10 19.39 -1.91
CA THR C 613 -33.77 18.04 -1.45
C THR C 613 -33.34 17.93 0.02
N ASN C 614 -32.46 18.81 0.51
CA ASN C 614 -32.01 18.65 1.89
C ASN C 614 -33.09 18.98 2.91
N THR C 615 -34.01 19.91 2.59
CA THR C 615 -35.05 20.23 3.56
C THR C 615 -36.09 19.13 3.52
N ILE C 616 -36.28 18.53 2.34
CA ILE C 616 -37.25 17.47 2.21
C ILE C 616 -36.77 16.28 3.01
N TYR C 617 -35.49 15.92 2.84
CA TYR C 617 -34.94 14.78 3.56
C TYR C 617 -35.05 15.02 5.06
N ARG C 618 -34.74 16.24 5.51
CA ARG C 618 -34.80 16.49 6.95
C ARG C 618 -36.23 16.38 7.47
N LEU C 619 -37.21 16.81 6.67
CA LEU C 619 -38.60 16.68 7.12
C LEU C 619 -39.02 15.22 7.17
N LEU C 620 -38.51 14.38 6.26
CA LEU C 620 -38.93 12.98 6.24
C LEU C 620 -38.18 12.21 7.32
N GLU C 621 -36.93 12.61 7.54
CA GLU C 621 -36.03 11.93 8.45
C GLU C 621 -36.42 12.12 9.90
N ASP C 622 -36.28 11.03 10.67
CA ASP C 622 -36.46 10.97 12.12
C ASP C 622 -37.88 11.18 12.63
N SER C 623 -38.53 12.29 12.28
CA SER C 623 -39.83 12.60 12.88
C SER C 623 -40.87 11.52 12.62
N GLN C 624 -40.99 11.07 11.37
CA GLN C 624 -42.03 10.10 11.07
C GLN C 624 -41.67 8.70 11.55
N ASN C 625 -40.39 8.33 11.49
CA ASN C 625 -40.04 6.97 11.88
C ASN C 625 -39.99 6.86 13.40
N GLN C 626 -39.58 7.93 14.08
CA GLN C 626 -39.61 7.91 15.54
C GLN C 626 -41.04 7.89 16.02
N GLN C 627 -41.91 8.68 15.39
CA GLN C 627 -43.31 8.71 15.79
C GLN C 627 -43.97 7.35 15.60
N GLU C 628 -43.73 6.72 14.44
CA GLU C 628 -44.36 5.43 14.20
C GLU C 628 -43.82 4.36 15.15
N GLN C 629 -42.51 4.34 15.40
CA GLN C 629 -41.98 3.31 16.30
C GLN C 629 -42.43 3.53 17.74
N ASN C 630 -42.53 4.78 18.17
CA ASN C 630 -42.94 5.05 19.53
C ASN C 630 -44.41 4.73 19.72
N GLU C 631 -45.24 5.06 18.73
CA GLU C 631 -46.66 4.76 18.86
C GLU C 631 -46.91 3.25 18.80
N LYS C 632 -46.18 2.54 17.94
CA LYS C 632 -46.34 1.10 17.87
C LYS C 632 -45.86 0.42 19.15
N ASP C 633 -44.77 0.93 19.75
CA ASP C 633 -44.28 0.34 20.99
C ASP C 633 -45.26 0.56 22.13
N LEU C 634 -45.86 1.74 22.22
CA LEU C 634 -46.85 2.06 23.24
C LEU C 634 -48.16 2.50 22.60
C1 NAG D . 45.39 -15.44 6.94
C2 NAG D . 45.84 -16.11 8.22
C3 NAG D . 46.09 -15.05 9.28
C4 NAG D . 47.13 -14.05 8.78
C5 NAG D . 46.63 -13.44 7.47
C6 NAG D . 47.64 -12.51 6.84
C7 NAG D . 45.18 -18.29 9.15
C8 NAG D . 44.03 -19.14 9.60
N2 NAG D . 44.86 -17.07 8.70
O3 NAG D . 46.56 -15.67 10.48
O4 NAG D . 47.28 -13.00 9.72
O5 NAG D . 46.39 -14.49 6.52
O6 NAG D . 48.89 -13.16 6.63
O7 NAG D . 46.34 -18.69 9.20
C1 NAG D . 48.64 -12.90 10.18
C2 NAG D . 48.84 -11.50 10.75
C3 NAG D . 50.26 -11.37 11.27
C4 NAG D . 50.50 -12.43 12.33
C5 NAG D . 50.25 -13.81 11.73
C6 NAG D . 50.38 -14.93 12.74
C7 NAG D . 47.54 -9.62 9.82
C8 NAG D . 47.42 -8.64 8.70
N2 NAG D . 48.57 -10.47 9.75
O3 NAG D . 50.45 -10.07 11.82
O4 NAG D . 51.83 -12.36 12.82
O5 NAG D . 48.92 -13.88 11.20
O6 NAG D . 51.65 -14.93 13.37
O7 NAG D . 46.74 -9.64 10.75
C1 NAG E . -4.60 -41.98 -4.95
C2 NAG E . -4.14 -42.55 -6.27
C3 NAG E . -5.28 -42.48 -7.27
C4 NAG E . -6.47 -43.26 -6.72
C5 NAG E . -6.84 -42.73 -5.34
C6 NAG E . -7.92 -43.53 -4.66
C7 NAG E . -1.74 -42.33 -6.78
C8 NAG E . -0.67 -41.44 -7.33
N2 NAG E . -2.98 -41.83 -6.77
O3 NAG E . -4.83 -43.05 -8.49
O4 NAG E . -7.63 -43.04 -7.52
O5 NAG E . -5.69 -42.77 -4.46
O6 NAG E . -9.18 -43.34 -5.29
O7 NAG E . -1.49 -43.46 -6.36
C1 NAG E . -7.66 -43.59 -8.86
C2 NAG E . -7.55 -42.41 -9.83
C3 NAG E . -7.64 -42.92 -11.26
C4 NAG E . -6.52 -43.93 -11.49
C5 NAG E . -6.63 -45.07 -10.48
C6 NAG E . -5.51 -46.08 -10.60
C7 NAG E . -8.40 -40.11 -9.67
C8 NAG E . -9.58 -39.24 -9.37
N2 NAG E . -8.59 -41.42 -9.58
O3 NAG E . -7.50 -41.82 -12.16
O4 NAG E . -6.59 -44.44 -12.82
O5 NAG E . -6.60 -44.55 -9.14
O6 NAG E . -5.37 -46.54 -11.94
O7 NAG E . -7.31 -39.63 -10.00
C1 NAG F . -12.42 -38.15 11.98
C2 NAG F . -11.76 -39.32 12.70
C3 NAG F . -11.70 -39.04 14.19
C4 NAG F . -10.93 -37.75 14.43
C5 NAG F . -11.65 -36.62 13.70
C6 NAG F . -10.96 -35.28 13.83
C7 NAG F . -12.11 -41.45 11.52
C8 NAG F . -12.96 -42.68 11.41
N2 NAG F . -12.48 -40.56 12.44
O3 NAG F . -11.05 -40.13 14.86
O4 NAG F . -10.66 -37.44 15.80
O5 NAG F . -11.72 -36.93 12.30
O6 NAG F . -9.57 -35.38 13.54
O7 NAG F . -11.12 -41.28 10.81
C1 NAG F . -11.47 -37.89 16.94
C2 NAG F . -12.82 -37.16 16.90
C3 NAG F . -13.63 -37.54 18.14
C4 NAG F . -13.80 -39.06 18.16
C5 NAG F . -12.44 -39.75 18.17
C6 NAG F . -12.53 -41.25 18.12
C7 NAG F . -13.57 -34.84 16.53
C8 NAG F . -13.17 -33.40 16.55
N2 NAG F . -12.61 -35.71 16.87
O3 NAG F . -14.90 -36.93 18.10
O4 NAG F . -14.51 -39.44 19.34
O5 NAG F . -11.69 -39.34 17.01
O6 NAG F . -13.02 -41.78 19.35
O7 NAG F . -14.69 -35.20 16.21
C1 NAG G . 14.30 -29.33 13.74
C2 NAG G . 15.27 -28.31 13.16
C3 NAG G . 16.47 -28.20 14.07
C4 NAG G . 16.02 -27.80 15.47
C5 NAG G . 15.06 -28.86 15.99
C6 NAG G . 14.48 -28.53 17.34
C7 NAG G . 15.85 -27.80 10.83
C8 NAG G . 16.26 -28.37 9.51
N2 NAG G . 15.67 -28.69 11.82
O3 NAG G . 17.37 -27.22 13.55
O4 NAG G . 17.15 -27.73 16.34
O5 NAG G . 13.94 -28.96 15.08
O6 NAG G . 13.88 -27.25 17.36
O7 NAG G . 15.70 -26.60 11.00
C1 NAG G . 17.09 -26.57 17.20
C2 NAG G . 18.04 -26.79 18.38
C3 NAG G . 17.99 -25.58 19.30
C4 NAG G . 18.35 -24.34 18.51
C5 NAG G . 17.38 -24.18 17.35
C6 NAG G . 17.71 -23.00 16.45
C7 NAG G . 18.22 -29.20 18.82
C8 NAG G . 17.76 -30.33 19.69
N2 NAG G . 17.71 -28.00 19.11
O3 NAG G . 18.91 -25.76 20.37
O4 NAG G . 18.22 -23.20 19.35
O5 NAG G . 17.45 -25.35 16.51
O6 NAG G . 16.82 -22.91 15.35
O7 NAG G . 19.02 -29.37 17.91
C1 BMA G . 19.51 -22.73 19.81
C2 BMA G . 19.33 -21.27 20.21
C3 BMA G . 20.66 -20.75 20.71
C4 BMA G . 21.15 -21.60 21.88
C5 BMA G . 21.28 -23.06 21.42
C6 BMA G . 21.68 -23.99 22.55
O2 BMA G . 18.40 -21.14 21.27
O3 BMA G . 20.58 -19.38 21.12
O4 BMA G . 22.41 -21.13 22.34
O5 BMA G . 20.00 -23.51 20.90
O6 BMA G . 20.70 -23.90 23.57
C1 MAN G . 20.61 -18.50 19.97
C2 MAN G . 21.31 -17.19 20.41
C3 MAN G . 20.45 -16.51 21.47
C4 MAN G . 19.06 -16.26 20.87
C5 MAN G . 18.44 -17.60 20.48
C6 MAN G . 17.06 -17.40 19.89
O2 MAN G . 21.43 -16.26 19.33
O3 MAN G . 21.01 -15.28 21.90
O4 MAN G . 18.24 -15.60 21.82
O5 MAN G . 19.29 -18.26 19.50
O6 MAN G . 16.49 -16.23 20.47
C1 MAN G . 22.78 -16.28 18.84
C2 MAN G . 23.31 -14.83 18.81
C3 MAN G . 22.50 -14.03 17.80
C4 MAN G . 22.58 -14.71 16.43
C5 MAN G . 22.05 -16.14 16.55
C6 MAN G . 22.17 -16.91 15.25
O2 MAN G . 24.67 -14.76 18.37
O3 MAN G . 22.96 -12.69 17.69
O4 MAN G . 21.78 -13.98 15.50
O5 MAN G . 22.82 -16.85 17.54
O6 MAN G . 21.43 -18.12 15.38
C1 MAN G . 21.23 -24.48 24.78
C2 MAN G . 20.72 -25.93 24.87
C3 MAN G . 19.20 -25.91 25.02
C4 MAN G . 18.83 -25.08 26.26
C5 MAN G . 19.38 -23.66 26.11
C6 MAN G . 19.13 -22.80 27.33
O2 MAN G . 21.24 -26.62 26.01
O3 MAN G . 18.67 -27.22 25.16
O4 MAN G . 17.42 -25.03 26.42
O5 MAN G . 20.83 -23.74 25.93
O6 MAN G . 17.71 -22.71 27.51
C1 NAG H . 5.11 -48.51 10.24
C2 NAG H . 5.03 -49.31 11.53
C3 NAG H . 5.80 -50.62 11.36
C4 NAG H . 5.23 -51.39 10.18
C5 NAG H . 5.28 -50.52 8.94
C6 NAG H . 4.65 -51.17 7.73
C7 NAG H . 4.76 -47.77 13.42
C8 NAG H . 5.44 -47.06 14.55
N2 NAG H . 5.53 -48.56 12.66
O3 NAG H . 5.71 -51.39 12.55
O4 NAG H . 6.03 -52.54 9.95
O5 NAG H . 4.57 -49.29 9.16
O6 NAG H . 4.84 -50.40 6.55
O7 NAG H . 3.56 -47.63 13.20
C1 NAG H . 5.30 -53.75 10.21
C2 NAG H . 6.16 -54.92 9.73
C3 NAG H . 5.45 -56.23 10.01
C4 NAG H . 5.16 -56.33 11.50
C5 NAG H . 4.32 -55.13 11.94
C6 NAG H . 4.06 -55.10 13.43
C7 NAG H . 7.71 -54.78 7.82
C8 NAG H . 7.82 -54.64 6.34
N2 NAG H . 6.46 -54.79 8.31
O3 NAG H . 6.26 -57.32 9.59
O4 NAG H . 4.45 -57.53 11.79
O5 NAG H . 5.01 -53.92 11.62
O6 NAG H . 3.59 -56.36 13.90
O7 NAG H . 8.70 -54.89 8.54
C1 NAG I . 28.88 -39.87 14.45
C2 NAG I . 29.26 -39.32 15.82
C3 NAG I . 30.76 -39.43 16.00
C4 NAG I . 31.17 -40.89 15.88
C5 NAG I . 30.74 -41.41 14.51
C6 NAG I . 31.03 -42.88 14.33
C7 NAG I . 27.70 -37.57 16.56
C8 NAG I . 27.43 -36.10 16.61
N2 NAG I . 28.83 -37.94 15.95
O3 NAG I . 31.11 -38.94 17.29
O4 NAG I . 32.59 -40.99 15.98
O5 NAG I . 29.32 -41.25 14.35
O6 NAG I . 30.34 -43.67 15.29
O7 NAG I . 26.92 -38.39 17.05
C1 NAG I . 32.93 -41.97 16.97
C2 NAG I . 34.38 -42.37 16.76
C3 NAG I . 34.79 -43.38 17.82
C4 NAG I . 34.56 -42.79 19.20
C5 NAG I . 33.10 -42.39 19.34
C6 NAG I . 32.79 -41.70 20.66
C7 NAG I . 35.46 -42.39 14.54
C8 NAG I . 35.53 -43.08 13.22
N2 NAG I . 34.60 -42.91 15.43
O3 NAG I . 36.16 -43.74 17.65
O4 NAG I . 34.90 -43.74 20.21
O5 NAG I . 32.76 -41.46 18.31
O6 NAG I . 33.08 -42.55 21.76
O7 NAG I . 36.16 -41.41 14.80
C1 NAG J . 38.85 28.67 3.94
C2 NAG J . 38.76 30.19 3.88
C3 NAG J . 38.64 30.62 2.43
C4 NAG J . 39.83 30.11 1.64
C5 NAG J . 39.89 28.58 1.77
C6 NAG J . 41.10 27.98 1.09
C7 NAG J . 37.71 31.73 5.48
C8 NAG J . 36.44 32.11 6.18
N2 NAG J . 37.63 30.68 4.66
O3 NAG J . 38.60 32.04 2.37
O4 NAG J . 39.66 30.42 0.26
O5 NAG J . 39.97 28.23 3.16
O6 NAG J . 42.30 28.55 1.57
O7 NAG J . 38.75 32.37 5.64
C1 NAG J . 40.76 31.22 -0.22
C2 NAG J . 40.79 31.08 -1.75
C3 NAG J . 41.91 31.94 -2.30
C4 NAG J . 41.70 33.39 -1.88
C5 NAG J . 41.64 33.46 -0.35
C6 NAG J . 41.34 34.85 0.15
C7 NAG J . 40.01 28.99 -2.79
C8 NAG J . 40.36 27.57 -3.13
N2 NAG J . 40.96 29.70 -2.14
O3 NAG J . 41.94 31.84 -3.71
O4 NAG J . 42.76 34.20 -2.35
O5 NAG J . 40.60 32.60 0.13
O6 NAG J . 42.28 35.80 -0.32
O7 NAG J . 38.92 29.48 -3.08
C1 NAG K . -4.16 14.28 39.84
C2 NAG K . -3.26 13.64 40.87
C3 NAG K . -3.95 12.41 41.42
C4 NAG K . -5.29 12.80 42.03
C5 NAG K . -6.12 13.55 40.98
C6 NAG K . -7.41 14.10 41.54
C7 NAG K . -0.84 13.96 40.57
C8 NAG K . 0.40 13.45 39.88
N2 NAG K . -1.96 13.29 40.29
O3 NAG K . -3.10 11.84 42.42
O4 NAG K . -6.05 11.65 42.37
O5 NAG K . -5.38 14.67 40.47
O6 NAG K . -8.33 13.06 41.84
O7 NAG K . -0.81 14.92 41.33
C1 NAG K . -5.60 10.82 43.46
C2 NAG K . -5.09 9.51 42.85
C3 NAG K . -4.66 8.56 43.95
C4 NAG K . -3.58 9.24 44.79
C5 NAG K . -4.10 10.55 45.35
C6 NAG K . -3.06 11.32 46.13
C7 NAG K . -5.84 8.25 40.87
C8 NAG K . -7.01 7.67 40.15
N2 NAG K . -6.11 8.89 42.02
O3 NAG K . -4.15 7.36 43.38
O4 NAG K . -3.18 8.38 45.85
O5 NAG K . -4.56 11.41 44.29
O6 NAG K . -2.46 10.51 47.12
O7 NAG K . -4.69 8.14 40.44
C1 NAG L . -17.56 23.46 29.90
C2 NAG L . -17.27 24.83 30.51
C3 NAG L . -17.75 25.93 29.59
C4 NAG L . -17.07 25.78 28.24
C5 NAG L . -17.43 24.40 27.67
C6 NAG L . -16.78 24.11 26.34
C7 NAG L . -17.23 24.77 32.98
C8 NAG L . -18.04 24.95 34.23
N2 NAG L . -17.89 24.96 31.82
O3 NAG L . -17.44 27.20 30.15
O4 NAG L . -17.32 26.82 27.30
O5 NAG L . -16.98 23.39 28.59
O6 NAG L . -15.39 24.40 26.36
O7 NAG L . -16.05 24.45 33.01
C1 NAG L . -18.51 27.68 27.29
C2 NAG L . -19.72 26.84 26.86
C3 NAG L . -20.95 27.75 26.76
C4 NAG L . -21.18 28.42 28.11
C5 NAG L . -19.95 29.22 28.51
C6 NAG L . -20.08 29.87 29.87
C7 NAG L . -20.18 25.18 25.10
C8 NAG L . -19.76 24.65 23.76
N2 NAG L . -19.45 26.20 25.58
O3 NAG L . -22.08 26.97 26.41
O4 NAG L . -22.29 29.30 28.02
O5 NAG L . -18.80 28.35 28.57
O6 NAG L . -21.01 30.94 29.85
O7 NAG L . -21.12 24.70 25.73
C1 NAG M . 6.92 29.98 17.53
C2 NAG M . 8.07 29.36 16.76
C3 NAG M . 8.85 30.46 16.08
C4 NAG M . 7.93 31.25 15.15
C5 NAG M . 6.81 31.83 15.99
C6 NAG M . 5.78 32.58 15.16
C7 NAG M . 9.50 27.43 17.28
C8 NAG M . 10.36 26.77 18.32
N2 NAG M . 8.93 28.59 17.64
O3 NAG M . 9.93 29.88 15.33
O4 NAG M . 8.66 32.31 14.53
O5 NAG M . 6.10 30.76 16.64
O6 NAG M . 5.27 31.77 14.11
O7 NAG M . 9.35 26.94 16.16
C1 NAG M . 8.33 32.44 13.13
C2 NAG M . 8.76 33.82 12.66
C3 NAG M . 8.43 33.98 11.19
C4 NAG M . 9.10 32.87 10.39
C5 NAG M . 8.64 31.51 10.92
C6 NAG M . 9.33 30.36 10.24
C7 NAG M . 8.67 35.38 14.55
C8 NAG M . 7.87 36.47 15.21
N2 NAG M . 8.14 34.88 13.44
O3 NAG M . 8.87 35.25 10.72
O4 NAG M . 8.72 32.97 9.03
O5 NAG M . 8.97 31.43 12.32
O6 NAG M . 8.92 29.11 10.79
O7 NAG M . 9.74 35.01 14.99
C1 BMA M . 9.76 33.57 8.24
C2 BMA M . 9.51 33.15 6.78
C3 BMA M . 10.58 33.75 5.91
C4 BMA M . 10.55 35.27 6.05
C5 BMA M . 10.79 35.65 7.53
C6 BMA M . 10.70 37.14 7.78
O2 BMA M . 8.25 33.62 6.32
O3 BMA M . 10.41 33.41 4.53
O4 BMA M . 11.57 35.86 5.26
O5 BMA M . 9.77 34.99 8.34
O6 BMA M . 9.41 37.58 7.38
C1 MAN M . 10.89 32.08 4.28
C2 MAN M . 11.43 32.05 2.82
C3 MAN M . 10.27 32.29 1.87
C4 MAN M . 9.21 31.21 2.11
C5 MAN M . 8.73 31.31 3.56
C6 MAN M . 7.68 30.26 3.85
O2 MAN M . 11.99 30.78 2.47
O3 MAN M . 10.68 32.25 0.51
O4 MAN M . 8.13 31.39 1.22
O5 MAN M . 9.85 31.12 4.46
O6 MAN M . 6.98 29.97 2.64
C1 MAN M . 13.42 30.86 2.52
C2 MAN M . 13.98 30.33 1.18
C3 MAN M . 13.64 28.86 1.05
C4 MAN M . 14.19 28.10 2.25
C5 MAN M . 13.61 28.69 3.54
C6 MAN M . 14.17 28.04 4.80
O2 MAN M . 15.41 30.42 1.13
O3 MAN M . 14.16 28.29 -0.14
O4 MAN M . 13.83 26.73 2.17
O5 MAN M . 13.92 30.10 3.61
O6 MAN M . 13.38 28.47 5.89
C1 MAN M . 9.43 39.03 7.26
C2 MAN M . 8.86 39.60 8.59
C3 MAN M . 7.40 39.19 8.70
C4 MAN M . 6.63 39.67 7.47
C5 MAN M . 7.25 39.08 6.20
C6 MAN M . 6.60 39.56 4.92
O2 MAN M . 8.89 41.03 8.59
O3 MAN M . 6.80 39.73 9.86
O4 MAN M . 5.26 39.28 7.56
O5 MAN M . 8.66 39.47 6.15
O6 MAN M . 5.22 39.16 4.97
C1 NAG N . -1.09 33.04 37.30
C2 NAG N . -1.68 34.44 37.44
C3 NAG N . -0.95 35.18 38.55
C4 NAG N . -1.07 34.40 39.84
C5 NAG N . -0.53 32.98 39.63
C6 NAG N . -0.69 32.11 40.85
C7 NAG N . -2.57 35.14 35.26
C8 NAG N . -2.33 35.96 34.03
N2 NAG N . -1.60 35.18 36.19
O3 NAG N . -1.51 36.48 38.70
O4 NAG N . -0.29 35.03 40.85
O5 NAG N . -1.22 32.34 38.55
O6 NAG N . -0.04 30.85 40.67
O7 NAG N . -3.59 34.48 35.42
C1 NAG N . -1.12 35.57 41.90
C2 NAG N . -0.19 36.03 43.02
C3 NAG N . -1.01 36.62 44.14
C4 NAG N . -1.84 37.78 43.60
C5 NAG N . -2.73 37.28 42.48
C6 NAG N . -3.52 38.38 41.81
C7 NAG N . 1.96 34.95 43.54
C8 NAG N . 2.62 33.72 44.08
N2 NAG N . 0.62 34.92 43.50
O3 NAG N . -0.14 37.08 45.18
O4 NAG N . -2.65 38.33 44.64
O5 NAG N . -1.92 36.67 41.46
O6 NAG N . -4.19 39.18 42.77
O7 NAG N . 2.61 35.93 43.18
C1 NAG O . 19.74 40.60 24.40
C2 NAG O . 19.60 41.57 23.24
C3 NAG O . 20.92 42.30 23.03
C4 NAG O . 21.29 43.02 24.32
C5 NAG O . 21.37 42.02 25.46
C6 NAG O . 21.65 42.66 26.79
C7 NAG O . 17.95 40.81 21.59
C8 NAG O . 17.74 40.06 20.30
N2 NAG O . 19.20 40.88 22.02
O3 NAG O . 20.78 43.23 21.97
O4 NAG O . 22.56 43.65 24.16
O5 NAG O . 20.12 41.32 25.59
O6 NAG O . 20.62 43.58 27.15
O7 NAG O . 17.01 41.33 22.20
C1 NAG O . 22.47 45.03 24.52
C2 NAG O . 23.87 45.56 24.75
C3 NAG O . 23.81 47.04 25.11
C4 NAG O . 23.11 47.79 23.99
C5 NAG O . 21.72 47.21 23.78
C6 NAG O . 20.97 47.85 22.63
C7 NAG O . 25.70 44.15 25.63
C8 NAG O . 26.23 43.42 26.83
N2 NAG O . 24.54 44.81 25.81
O3 NAG O . 25.12 47.54 25.29
O4 NAG O . 23.01 49.17 24.33
O5 NAG O . 21.82 45.81 23.48
O6 NAG O . 20.79 49.24 22.83
O7 NAG O . 26.28 44.14 24.55
C1 NAG P . 35.73 3.08 -32.57
C2 NAG P . 35.73 2.29 -33.87
C3 NAG P . 36.18 0.87 -33.57
C4 NAG P . 37.56 0.87 -32.93
C5 NAG P . 37.50 1.72 -31.65
C6 NAG P . 38.85 1.88 -30.99
C7 NAG P . 34.23 2.48 -35.80
C8 NAG P . 32.81 2.43 -36.26
N2 NAG P . 34.42 2.29 -34.49
O3 NAG P . 36.23 0.13 -34.79
O4 NAG P . 37.93 -0.44 -32.56
O5 NAG P . 37.04 3.05 -31.98
O6 NAG P . 39.81 2.41 -31.89
O7 NAG P . 35.16 2.67 -36.58
C1 NAG P . 39.16 -0.84 -33.19
C2 NAG P . 39.75 -1.99 -32.39
C3 NAG P . 41.03 -2.46 -33.06
C4 NAG P . 40.74 -2.88 -34.48
C5 NAG P . 40.11 -1.70 -35.24
C6 NAG P . 39.70 -2.05 -36.64
C7 NAG P . 39.33 -2.11 -29.97
C8 NAG P . 39.72 -1.59 -28.62
N2 NAG P . 39.99 -1.60 -31.01
O3 NAG P . 41.58 -3.55 -32.32
O4 NAG P . 41.93 -3.27 -35.14
O5 NAG P . 38.94 -1.26 -34.56
O6 NAG P . 40.79 -2.56 -37.40
O7 NAG P . 38.44 -2.96 -30.11
C1 NAG Q . -18.12 24.05 -30.03
C2 NAG Q . -17.69 25.50 -30.06
C3 NAG Q . -18.59 26.29 -29.13
C4 NAG Q . -20.04 26.14 -29.56
C5 NAG Q . -20.39 24.64 -29.62
C6 NAG Q . -21.77 24.39 -30.18
C7 NAG Q . -15.32 25.95 -30.55
C8 NAG Q . -13.94 26.05 -29.98
N2 NAG Q . -16.29 25.64 -29.68
O3 NAG Q . -18.19 27.66 -29.21
O4 NAG Q . -20.92 26.69 -28.60
O5 NAG Q . -19.47 23.94 -30.48
O6 NAG Q . -22.78 24.81 -29.27
O7 NAG Q . -15.54 26.12 -31.74
C1 NAG Q . -20.94 28.13 -28.42
C2 NAG Q . -20.30 28.42 -27.06
C3 NAG Q . -20.35 29.92 -26.80
C4 NAG Q . -19.63 30.64 -27.92
C5 NAG Q . -20.27 30.29 -29.26
C6 NAG Q . -19.57 30.92 -30.44
C7 NAG Q . -20.31 27.16 -24.96
C8 NAG Q . -21.15 26.43 -23.95
N2 NAG Q . -20.96 27.69 -26.00
O3 NAG Q . -19.71 30.20 -25.55
O4 NAG Q . -19.69 32.05 -27.71
O5 NAG Q . -20.26 28.88 -29.46
O6 NAG Q . -19.41 32.31 -30.27
O7 NAG Q . -19.09 27.26 -24.83
C1 NAG R . -26.46 7.01 -31.69
C2 NAG R . -26.35 6.96 -33.21
C3 NAG R . -26.41 5.52 -33.69
C4 NAG R . -25.28 4.74 -33.04
C5 NAG R . -25.46 4.81 -31.52
C6 NAG R . -24.37 4.09 -30.75
C7 NAG R . -27.24 8.99 -34.27
C8 NAG R . -28.45 9.64 -34.89
N2 NAG R . -27.41 7.74 -33.84
O3 NAG R . -26.28 5.48 -35.10
O4 NAG R . -25.12 3.39 -33.49
O5 NAG R . -25.43 6.19 -31.11
O6 NAG R . -23.08 4.45 -31.21
O7 NAG R . -26.17 9.58 -34.18
C1 NAG R . -26.19 2.57 -34.08
C2 NAG R . -27.18 2.20 -32.97
C3 NAG R . -28.24 1.27 -33.54
C4 NAG R . -28.94 1.95 -34.71
C5 NAG R . -27.91 2.33 -35.78
C6 NAG R . -28.51 3.08 -36.95
C7 NAG R . -27.02 1.40 -30.64
C8 NAG R . -26.15 0.71 -29.64
N2 NAG R . -26.48 1.55 -31.87
O3 NAG R . -29.20 0.94 -32.55
O4 NAG R . -29.90 1.07 -35.29
O5 NAG R . -26.91 3.18 -35.20
O6 NAG R . -29.32 2.23 -37.75
O7 NAG R . -28.15 1.81 -30.37
C1 NAG S . 1.12 2.40 -35.31
C2 NAG S . 2.45 2.45 -34.58
C3 NAG S . 3.48 1.66 -35.35
C4 NAG S . 3.00 0.21 -35.49
C5 NAG S . 1.67 0.22 -36.22
C6 NAG S . 1.05 -1.15 -36.36
C7 NAG S . 3.50 4.30 -33.33
C8 NAG S . 3.88 5.75 -33.34
N2 NAG S . 2.89 3.84 -34.43
O3 NAG S . 4.72 1.69 -34.66
O4 NAG S . 3.95 -0.53 -36.25
O5 NAG S . 0.72 1.01 -35.48
O6 NAG S . 0.94 -1.80 -35.10
O7 NAG S . 3.76 3.56 -32.37
C1 NAG S . 4.17 -1.84 -35.68
C2 NAG S . 4.80 -2.73 -36.75
C3 NAG S . 5.05 -4.12 -36.17
C4 NAG S . 5.92 -4.00 -34.94
C5 NAG S . 5.24 -3.08 -33.91
C6 NAG S . 6.09 -2.86 -32.68
C7 NAG S . 4.08 -1.98 -38.97
C8 NAG S . 3.13 -2.23 -40.11
N2 NAG S . 3.98 -2.82 -37.94
O3 NAG S . 5.68 -4.93 -37.14
O4 NAG S . 6.08 -5.29 -34.35
O5 NAG S . 5.02 -1.79 -34.51
O6 NAG S . 5.45 -1.96 -31.78
O7 NAG S . 4.89 -1.06 -38.99
C1 BMA S . 7.37 -5.85 -34.66
C2 BMA S . 7.66 -6.91 -33.59
C3 BMA S . 9.00 -7.53 -33.89
C4 BMA S . 8.98 -8.15 -35.29
C5 BMA S . 8.67 -7.04 -36.32
C6 BMA S . 8.56 -7.58 -37.73
O2 BMA S . 6.68 -7.94 -33.63
O3 BMA S . 9.34 -8.55 -32.94
O4 BMA S . 10.25 -8.72 -35.59
O5 BMA S . 7.40 -6.43 -35.96
O6 BMA S . 7.53 -8.57 -37.76
C1 MAN S . 9.83 -7.96 -31.72
C2 MAN S . 10.87 -8.93 -31.12
C3 MAN S . 10.16 -10.22 -30.73
C4 MAN S . 9.04 -9.88 -29.73
C5 MAN S . 8.06 -8.91 -30.41
C6 MAN S . 6.93 -8.55 -29.46
O2 MAN S . 11.47 -8.42 -29.91
O3 MAN S . 11.04 -11.16 -30.14
O4 MAN S . 8.37 -11.06 -29.33
O5 MAN S . 8.76 -7.71 -30.81
O6 MAN S . 6.73 -9.64 -28.57
C1 MAN S . 12.78 -7.92 -30.21
C2 MAN S . 13.78 -8.56 -29.22
C3 MAN S . 13.44 -8.09 -27.82
C4 MAN S . 13.48 -6.56 -27.76
C5 MAN S . 12.48 -6.00 -28.79
C6 MAN S . 12.51 -4.48 -28.87
O2 MAN S . 15.12 -8.14 -29.47
O3 MAN S . 14.35 -8.60 -26.86
O4 MAN S . 13.12 -6.12 -26.47
O5 MAN S . 12.80 -6.50 -30.11
O6 MAN S . 11.38 -4.07 -29.63
C1 MAN S . 7.65 -9.33 -38.97
C2 MAN S . 6.65 -8.73 -39.99
C3 MAN S . 5.24 -8.95 -39.48
C4 MAN S . 5.00 -10.44 -39.24
C5 MAN S . 6.03 -10.97 -38.23
C6 MAN S . 5.92 -12.46 -37.97
O2 MAN S . 6.74 -9.39 -41.27
O3 MAN S . 4.27 -8.47 -40.41
O4 MAN S . 3.69 -10.66 -38.74
O5 MAN S . 7.36 -10.71 -38.75
O6 MAN S . 4.61 -12.71 -37.45
C1 NAG T . -13.55 14.18 -45.83
C2 NAG T . -14.09 13.42 -47.03
C3 NAG T . -13.79 14.21 -48.29
C4 NAG T . -14.42 15.60 -48.17
C5 NAG T . -13.90 16.28 -46.91
C6 NAG T . -14.54 17.63 -46.66
C7 NAG T . -14.07 11.02 -46.53
C8 NAG T . -13.35 9.72 -46.73
N2 NAG T . -13.52 12.08 -47.12
O3 NAG T . -14.32 13.54 -49.42
O4 NAG T . -14.05 16.39 -49.30
O5 NAG T . -14.17 15.48 -45.76
O6 NAG T . -13.92 18.30 -45.57
O7 NAG T . -15.10 11.10 -45.88
C1 NAG T . -15.18 16.69 -50.13
C2 NAG T . -14.72 17.70 -51.17
C3 NAG T . -15.87 18.04 -52.08
C4 NAG T . -16.39 16.77 -52.74
C5 NAG T . -16.82 15.79 -51.66
C6 NAG T . -17.27 14.46 -52.22
C7 NAG T . -12.97 19.39 -50.78
C8 NAG T . -12.60 20.63 -50.02
N2 NAG T . -14.19 18.90 -50.53
O3 NAG T . -15.44 18.96 -53.08
O4 NAG T . -17.51 17.06 -53.58
O5 NAG T . -15.72 15.53 -50.78
O6 NAG T . -18.21 14.62 -53.27
O7 NAG T . -12.18 18.84 -51.55
C1 NAG U . 10.88 7.37 -49.60
C2 NAG U . 11.23 5.92 -49.91
C3 NAG U . 12.55 5.87 -50.65
C4 NAG U . 12.45 6.69 -51.93
C5 NAG U . 12.06 8.12 -51.56
C6 NAG U . 11.85 9.00 -52.78
C7 NAG U . 10.28 4.38 -48.25
C8 NAG U . 10.53 3.62 -46.98
N2 NAG U . 11.29 5.13 -48.69
O3 NAG U . 12.87 4.52 -50.96
O4 NAG U . 13.71 6.71 -52.58
O5 NAG U . 10.82 8.12 -50.83
O6 NAG U . 10.79 8.49 -53.60
O7 NAG U . 9.21 4.30 -48.85
C1 NAG U . 13.55 6.31 -53.95
C2 NAG U . 14.79 6.74 -54.72
C3 NAG U . 14.66 6.30 -56.17
C4 NAG U . 14.46 4.80 -56.23
C5 NAG U . 13.22 4.42 -55.43
C6 NAG U . 12.99 2.93 -55.35
C7 NAG U . 16.10 8.74 -54.14
C8 NAG U . 16.11 10.25 -54.12
N2 NAG U . 14.99 8.18 -54.63
O3 NAG U . 15.83 6.68 -56.89
O4 NAG U . 14.29 4.38 -57.58
O5 NAG U . 13.37 4.88 -54.07
O6 NAG U . 12.80 2.37 -56.65
O7 NAG U . 17.04 8.08 -53.72
C1 NAG V . 55.46 -21.22 -5.16
C2 NAG V . 56.26 -20.35 -6.13
C3 NAG V . 57.74 -20.63 -5.96
C4 NAG V . 58.14 -20.35 -4.51
C5 NAG V . 57.30 -21.22 -3.58
C6 NAG V . 57.56 -20.94 -2.12
C7 NAG V . 55.97 -19.68 -8.47
C8 NAG V . 55.49 -20.11 -9.83
N2 NAG V . 55.85 -20.59 -7.50
O3 NAG V . 58.50 -19.80 -6.84
O4 NAG V . 59.52 -20.65 -4.32
O5 NAG V . 55.91 -20.95 -3.81
O6 NAG V . 58.95 -21.05 -1.81
O7 NAG V . 56.45 -18.58 -8.27
C1 NAG W . 27.43 -29.87 21.20
C2 NAG W . 28.35 -30.31 22.32
C3 NAG W . 28.20 -31.81 22.53
C4 NAG W . 26.74 -32.13 22.85
C5 NAG W . 25.86 -31.63 21.70
C6 NAG W . 24.39 -31.83 21.97
C7 NAG W . 30.37 -28.93 22.60
C8 NAG W . 31.80 -28.74 22.19
N2 NAG W . 29.74 -29.97 22.04
O3 NAG W . 29.03 -32.24 23.60
O4 NAG W . 26.57 -33.53 23.02
O5 NAG W . 26.08 -30.23 21.52
O6 NAG W . 24.11 -33.13 22.48
O7 NAG W . 29.82 -28.17 23.39
C1 NAG X . 11.09 -36.38 16.94
C2 NAG X . 11.52 -35.25 17.87
C3 NAG X . 11.42 -35.72 19.31
C4 NAG X . 9.97 -36.13 19.59
C5 NAG X . 9.58 -37.24 18.61
C6 NAG X . 8.13 -37.65 18.76
C7 NAG X . 13.26 -33.54 17.56
C8 NAG X . 14.71 -33.29 17.23
N2 NAG X . 12.89 -34.82 17.57
O3 NAG X . 11.81 -34.66 20.18
O4 NAG X . 9.86 -36.61 20.93
O5 NAG X . 9.74 -36.77 17.26
O6 NAG X . 7.78 -37.83 20.11
O7 NAG X . 12.49 -32.63 17.81
C1 NAG Y . -25.31 -39.23 8.81
C2 NAG Y . -26.40 -38.49 9.60
C3 NAG Y . -26.92 -39.40 10.70
C4 NAG Y . -27.46 -40.68 10.10
C5 NAG Y . -26.34 -41.37 9.33
C6 NAG Y . -26.79 -42.63 8.62
C7 NAG Y . -25.61 -36.16 9.43
C8 NAG Y . -25.12 -34.97 10.20
N2 NAG Y . -25.90 -37.24 10.16
O3 NAG Y . -27.95 -38.72 11.42
O4 NAG Y . -27.91 -41.55 11.13
O5 NAG Y . -25.85 -40.48 8.31
O6 NAG Y . -27.35 -43.56 9.54
O7 NAG Y . -25.71 -36.15 8.21
C1 NAG Z . 45.51 -3.77 -2.00
C2 NAG Z . 46.02 -4.73 -3.06
C3 NAG Z . 47.53 -4.64 -3.15
C4 NAG Z . 47.94 -3.20 -3.47
C5 NAG Z . 47.37 -2.28 -2.39
C6 NAG Z . 47.64 -0.81 -2.66
C7 NAG Z . 44.54 -6.68 -3.31
C8 NAG Z . 44.28 -8.09 -2.88
N2 NAG Z . 45.62 -6.10 -2.76
O3 NAG Z . 48.02 -5.50 -4.16
O4 NAG Z . 49.35 -3.07 -3.51
O5 NAG Z . 45.95 -2.43 -2.32
O6 NAG Z . 49.03 -0.53 -2.67
O7 NAG Z . 43.83 -6.10 -4.11
C1 NAG AA . 29.67 -16.40 -13.23
C2 NAG AA . 28.83 -16.82 -14.43
C3 NAG AA . 28.50 -18.30 -14.34
C4 NAG AA . 29.80 -19.09 -14.28
C5 NAG AA . 30.61 -18.62 -13.07
C6 NAG AA . 31.96 -19.28 -12.98
C7 NAG AA . 27.40 -15.09 -15.44
C8 NAG AA . 26.07 -14.39 -15.37
N2 NAG AA . 27.60 -16.04 -14.52
O3 NAG AA . 27.74 -18.69 -15.47
O4 NAG AA . 29.53 -20.48 -14.15
O5 NAG AA . 30.85 -17.21 -13.18
O6 NAG AA . 31.94 -20.58 -13.56
O7 NAG AA . 28.23 -14.82 -16.29
C1 NAG BA . -9.56 -43.55 3.38
C2 NAG BA . -10.77 -44.36 3.84
C3 NAG BA . -10.64 -45.77 3.31
C4 NAG BA . -10.56 -45.74 1.79
C5 NAG BA . -9.36 -44.87 1.37
C6 NAG BA . -9.26 -44.70 -0.12
C7 NAG BA . -12.06 -44.40 5.93
C8 NAG BA . -11.99 -44.42 7.43
N2 NAG BA . -10.89 -44.37 5.29
O3 NAG BA . -11.76 -46.55 3.72
O4 NAG BA . -10.39 -47.06 1.28
O5 NAG BA . -9.49 -43.56 1.94
O6 NAG BA . -9.37 -45.94 -0.80
O7 NAG BA . -13.13 -44.42 5.32
C1 NAG CA . 29.83 -38.27 -2.74
C2 NAG CA . 30.03 -37.58 -4.08
C3 NAG CA . 30.28 -38.63 -5.15
C4 NAG CA . 31.52 -39.44 -4.76
C5 NAG CA . 31.29 -40.07 -3.40
C6 NAG CA . 32.51 -40.81 -2.89
C7 NAG CA . 28.79 -35.46 -4.12
C8 NAG CA . 27.54 -34.77 -4.56
N2 NAG CA . 28.88 -36.76 -4.43
O3 NAG CA . 30.49 -37.99 -6.41
O4 NAG CA . 31.77 -40.45 -5.74
O5 NAG CA . 31.01 -39.05 -2.43
O6 NAG CA . 33.13 -41.56 -3.94
O7 NAG CA . 29.67 -34.89 -3.49
C1 NAG DA . 27.19 -49.17 -2.07
C2 NAG DA . 28.46 -48.32 -2.08
C3 NAG DA . 29.59 -49.12 -2.71
C4 NAG DA . 29.79 -50.40 -1.91
C5 NAG DA . 28.49 -51.20 -1.90
C6 NAG DA . 28.57 -52.44 -1.06
C7 NAG DA . 28.15 -45.89 -2.19
C8 NAG DA . 27.95 -44.71 -3.10
N2 NAG DA . 28.25 -47.07 -2.80
O3 NAG DA . 30.78 -48.34 -2.70
O4 NAG DA . 30.83 -51.19 -2.50
O5 NAG DA . 27.44 -50.39 -1.34
O6 NAG DA . 29.73 -53.20 -1.37
O7 NAG DA . 28.23 -45.77 -0.98
C1 NAG EA . -41.75 -25.18 -15.55
C2 NAG EA . -40.55 -24.34 -15.14
C3 NAG EA . -39.86 -23.80 -16.38
C4 NAG EA . -39.45 -24.95 -17.30
C5 NAG EA . -40.70 -25.76 -17.66
C6 NAG EA . -40.39 -26.97 -18.52
C7 NAG EA . -40.79 -23.28 -12.94
C8 NAG EA . -41.27 -22.08 -12.20
N2 NAG EA . -40.95 -23.26 -14.27
O3 NAG EA . -38.70 -23.06 -16.01
O4 NAG EA . -38.84 -24.46 -18.48
O5 NAG EA . -41.32 -26.24 -16.45
O6 NAG EA . -39.15 -26.80 -19.20
O7 NAG EA . -40.29 -24.25 -12.36
C1 NAG FA . 52.46 25.11 13.06
C2 NAG FA . 53.59 24.19 12.64
C3 NAG FA . 54.89 24.98 12.59
C4 NAG FA . 54.73 26.14 11.63
C5 NAG FA . 53.57 27.02 12.09
C6 NAG FA . 53.29 28.16 11.15
C7 NAG FA . 54.23 21.87 13.16
C8 NAG FA . 54.27 20.80 14.21
N2 NAG FA . 53.71 23.04 13.53
O3 NAG FA . 55.95 24.13 12.16
O4 NAG FA . 55.93 26.92 11.61
O5 NAG FA . 52.38 26.22 12.15
O6 NAG FA . 54.45 28.94 10.91
O7 NAG FA . 54.64 21.68 12.02
C1 NAG GA . 16.29 40.82 12.74
C2 NAG GA . 16.70 42.27 12.49
C3 NAG GA . 16.42 43.08 13.74
C4 NAG GA . 14.94 42.99 14.08
C5 NAG GA . 14.57 41.52 14.29
C6 NAG GA . 13.10 41.31 14.55
C7 NAG GA . 18.53 42.53 10.86
C8 NAG GA . 20.02 42.61 10.68
N2 NAG GA . 18.11 42.35 12.13
O3 NAG GA . 16.78 44.45 13.50
O4 NAG GA . 14.66 43.73 15.26
O5 NAG GA . 14.90 40.77 13.10
O6 NAG GA . 12.60 42.24 15.50
O7 NAG GA . 17.76 42.62 9.92
C1 NAG HA . 2.46 34.79 22.74
C2 NAG HA . 2.56 35.15 21.27
C3 NAG HA . 1.91 36.50 21.03
C4 NAG HA . 0.45 36.43 21.48
C5 NAG HA . 0.40 36.02 22.95
C6 NAG HA . -1.01 35.84 23.45
C7 NAG HA . 4.36 34.70 19.65
C8 NAG HA . 5.83 34.82 19.37
N2 NAG HA . 3.96 35.18 20.83
O3 NAG HA . 1.99 36.84 19.65
O4 NAG HA . -0.17 37.70 21.31
O5 NAG HA . 1.07 34.76 23.12
O6 NAG HA . -1.85 36.90 23.05
O7 NAG HA . 3.59 34.20 18.84
C1 NAG IA . -28.37 16.94 34.14
C2 NAG IA . -29.64 16.84 33.29
C3 NAG IA . -30.57 17.99 33.65
C4 NAG IA . -30.90 17.93 35.14
C5 NAG IA . -29.60 18.01 35.94
C6 NAG IA . -29.81 17.87 37.43
C7 NAG IA . -28.75 15.88 31.20
C8 NAG IA . -28.54 16.11 29.74
N2 NAG IA . -29.34 16.88 31.87
O3 NAG IA . -31.76 17.89 32.89
O4 NAG IA . -31.74 19.02 35.50
O5 NAG IA . -28.74 16.93 35.54
O6 NAG IA . -30.71 18.87 37.91
O7 NAG IA . -28.39 14.86 31.76
C1 NAG JA . 42.78 15.94 -2.29
C2 NAG JA . 43.61 15.71 -1.03
C3 NAG JA . 45.04 16.13 -1.30
C4 NAG JA . 45.60 15.32 -2.47
C5 NAG JA . 44.71 15.57 -3.69
C6 NAG JA . 45.12 14.75 -4.89
C7 NAG JA . 42.25 15.93 1.00
C8 NAG JA . 41.78 16.85 2.08
N2 NAG JA . 43.07 16.47 0.09
O3 NAG JA . 45.84 15.89 -0.14
O4 NAG JA . 46.93 15.72 -2.76
O5 NAG JA . 43.36 15.20 -3.38
O6 NAG JA . 46.42 15.09 -5.34
O7 NAG JA . 41.91 14.75 0.96
C1 NAG KA . 31.75 7.34 16.19
C2 NAG KA . 31.41 6.27 17.21
C3 NAG KA . 31.01 6.94 18.52
C4 NAG KA . 32.16 7.81 19.00
C5 NAG KA . 32.48 8.85 17.93
C6 NAG KA . 33.67 9.71 18.27
C7 NAG KA . 30.53 4.14 16.35
C8 NAG KA . 29.31 3.41 15.90
N2 NAG KA . 30.34 5.41 16.75
O3 NAG KA . 30.71 5.94 19.49
O4 NAG KA . 31.80 8.48 20.21
O5 NAG KA . 32.80 8.18 16.69
O6 NAG KA . 33.81 9.84 19.68
O7 NAG KA . 31.63 3.62 16.38
C1 NAG LA . -11.93 20.05 38.14
C2 NAG LA . -13.25 20.38 38.83
C3 NAG LA . -12.99 20.67 40.28
C4 NAG LA . -12.34 19.45 40.93
C5 NAG LA . -11.05 19.12 40.20
C6 NAG LA . -10.39 17.86 40.71
C7 NAG LA . -15.23 21.65 38.10
C8 NAG LA . -15.72 22.89 37.42
N2 NAG LA . -13.90 21.52 38.20
O3 NAG LA . -14.21 20.98 40.94
O4 NAG LA . -12.05 19.72 42.31
O5 NAG LA . -11.32 18.91 38.80
O6 NAG LA . -10.28 17.86 42.12
O7 NAG LA . -15.99 20.80 38.55
C1 NAG MA . 27.09 26.25 30.65
C2 NAG MA . 27.80 24.91 30.62
C3 NAG MA . 28.39 24.63 31.99
C4 NAG MA . 29.36 25.74 32.34
C5 NAG MA . 28.61 27.08 32.32
C6 NAG MA . 29.52 28.25 32.57
C7 NAG MA . 26.76 23.45 28.95
C8 NAG MA . 25.79 22.33 28.73
N2 NAG MA . 26.90 23.83 30.22
O3 NAG MA . 29.08 23.38 31.96
O4 NAG MA . 29.91 25.54 33.64
O5 NAG MA . 28.03 27.28 31.02
O6 NAG MA . 30.46 27.98 33.61
O7 NAG MA . 27.36 23.98 28.03
C1 NAG NA . 23.94 31.03 40.31
C2 NAG NA . 25.16 31.07 39.39
C3 NAG NA . 26.41 31.33 40.21
C4 NAG NA . 26.25 32.65 40.94
C5 NAG NA . 25.00 32.59 41.83
C6 NAG NA . 24.71 33.89 42.54
C7 NAG NA . 25.01 29.71 37.34
C8 NAG NA . 25.21 28.35 36.74
N2 NAG NA . 25.28 29.82 38.64
O3 NAG NA . 27.54 31.39 39.36
O4 NAG NA . 27.39 32.91 41.75
O5 NAG NA . 23.85 32.28 41.02
O6 NAG NA . 25.87 34.40 43.18
O7 NAG NA . 24.64 30.67 36.66
C1 NAG OA . -33.94 -15.14 35.18
C2 NAG OA . -32.95 -14.79 34.09
C3 NAG OA . -31.83 -15.82 34.07
C4 NAG OA . -31.16 -15.86 35.43
C5 NAG OA . -32.21 -16.21 36.49
C6 NAG OA . -31.66 -16.23 37.89
C7 NAG OA . -33.95 -13.60 32.19
C8 NAG OA . -34.62 -13.74 30.86
N2 NAG OA . -33.60 -14.73 32.79
O3 NAG OA . -30.87 -15.46 33.08
O4 NAG OA . -30.13 -16.84 35.45
O5 NAG OA . -33.25 -15.22 36.45
O6 NAG OA . -30.25 -16.42 37.88
O7 NAG OA . -33.75 -12.50 32.69
C1 NAG PA . 44.80 16.88 -35.51
C2 NAG PA . 45.97 17.36 -34.67
C3 NAG PA . 47.22 17.40 -35.53
C4 NAG PA . 47.48 16.02 -36.10
C5 NAG PA . 46.27 15.57 -36.91
C6 NAG PA . 46.40 14.17 -37.45
C7 NAG PA . 46.27 19.09 -32.96
C8 NAG PA . 45.88 20.47 -32.51
N2 NAG PA . 45.70 18.66 -34.09
O3 NAG PA . 48.33 17.82 -34.74
O4 NAG PA . 48.63 16.04 -36.94
O5 NAG PA . 45.11 15.58 -36.07
O6 NAG PA . 47.61 14.00 -38.19
O7 NAG PA . 47.07 18.41 -32.33
C1 NAG QA . 12.04 -3.37 -44.02
C2 NAG QA . 12.57 -4.12 -45.23
C3 NAG QA . 11.89 -3.59 -46.48
C4 NAG QA . 10.38 -3.78 -46.34
C5 NAG QA . 9.90 -3.04 -45.09
C6 NAG QA . 8.43 -3.24 -44.81
C7 NAG QA . 14.89 -4.92 -45.00
C8 NAG QA . 16.34 -4.59 -45.19
N2 NAG QA . 14.02 -3.97 -45.35
O3 NAG QA . 12.36 -4.30 -47.62
O4 NAG QA . 9.71 -3.27 -47.49
O5 NAG QA . 10.62 -3.53 -43.95
O6 NAG QA . 7.65 -3.09 -46.00
O7 NAG QA . 14.53 -5.99 -44.53
C1 NAG RA . -4.76 2.78 -41.27
C2 NAG RA . -4.10 1.46 -40.93
C3 NAG RA . -4.56 0.40 -41.92
C4 NAG RA . -6.08 0.29 -41.85
C5 NAG RA . -6.69 1.65 -42.15
C6 NAG RA . -8.20 1.67 -42.01
C7 NAG RA . -1.85 0.98 -40.07
C8 NAG RA . -0.37 1.21 -40.25
N2 NAG RA . -2.64 1.58 -40.96
O3 NAG RA . -3.96 -0.85 -41.61
O4 NAG RA . -6.55 -0.66 -42.80
O5 NAG RA . -6.19 2.62 -41.23
O6 NAG RA . -8.78 0.54 -42.65
O7 NAG RA . -2.29 0.30 -39.15
C1 NAG SA . -38.33 9.78 -26.32
C2 NAG SA . -39.19 8.69 -25.68
C3 NAG SA . -40.14 8.13 -26.71
C4 NAG SA . -41.00 9.24 -27.29
C5 NAG SA . -40.09 10.30 -27.90
C6 NAG SA . -40.85 11.49 -28.43
C7 NAG SA . -37.63 7.77 -24.01
C8 NAG SA . -36.87 6.55 -23.57
N2 NAG SA . -38.38 7.62 -25.11
O3 NAG SA . -40.97 7.14 -26.11
O4 NAG SA . -41.87 8.73 -28.29
O5 NAG SA . -39.19 10.79 -26.90
O6 NAG SA . -41.82 11.11 -29.39
O7 NAG SA . -37.54 8.83 -23.41
C1 NAG TA . 41.17 5.43 -19.11
C2 NAG TA . 41.46 6.84 -19.59
C3 NAG TA . 42.91 6.93 -20.04
C4 NAG TA . 43.83 6.55 -18.88
C5 NAG TA . 43.47 5.14 -18.41
C6 NAG TA . 44.26 4.69 -17.21
C7 NAG TA . 39.45 7.92 -20.51
C8 NAG TA . 38.65 8.19 -21.75
N2 NAG TA . 40.57 7.21 -20.68
O3 NAG TA . 43.20 8.25 -20.47
O4 NAG TA . 45.18 6.59 -19.29
O5 NAG TA . 42.08 5.10 -18.05
O6 NAG TA . 45.65 4.63 -17.50
O7 NAG TA . 39.10 8.31 -19.41
C1 NAG UA . 23.71 20.63 -18.34
C2 NAG UA . 22.96 21.85 -17.81
C3 NAG UA . 22.13 22.46 -18.94
C4 NAG UA . 23.05 22.83 -20.09
C5 NAG UA . 23.79 21.59 -20.56
C6 NAG UA . 24.80 21.87 -21.65
C7 NAG UA . 22.37 21.87 -15.43
C8 NAG UA . 21.38 21.43 -14.40
N2 NAG UA . 22.10 21.52 -16.69
O3 NAG UA . 21.45 23.61 -18.46
O4 NAG UA . 22.30 23.37 -21.17
O5 NAG UA . 24.52 21.01 -19.46
O6 NAG UA . 24.41 23.00 -22.42
O7 NAG UA . 23.37 22.52 -15.13
C1 NAG VA . -24.44 17.25 -33.22
C2 NAG VA . -25.91 17.19 -33.63
C3 NAG VA . -26.20 18.33 -34.59
C4 NAG VA . -25.90 19.66 -33.90
C5 NAG VA . -24.44 19.66 -33.46
C6 NAG VA . -24.06 20.90 -32.69
C7 NAG VA . -27.42 15.31 -34.14
C8 NAG VA . -27.58 14.01 -34.86
N2 NAG VA . -26.24 15.91 -34.27
O3 NAG VA . -27.57 18.28 -34.98
O4 NAG VA . -26.13 20.74 -34.80
O5 NAG VA . -24.18 18.53 -32.60
O6 NAG VA . -24.50 22.08 -33.34
O7 NAG VA . -28.34 15.82 -33.48
C1 NAG WA . 14.78 21.78 -40.86
C2 NAG WA . 15.39 22.64 -39.77
C3 NAG WA . 15.42 24.08 -40.23
C4 NAG WA . 16.23 24.17 -41.51
C5 NAG WA . 15.60 23.26 -42.57
C6 NAG WA . 16.40 23.22 -43.85
C7 NAG WA . 14.98 21.61 -37.58
C8 NAG WA . 14.12 21.62 -36.36
N2 NAG WA . 14.66 22.51 -38.52
O3 NAG WA . 16.01 24.89 -39.22
O4 NAG WA . 16.25 25.52 -41.99
O5 NAG WA . 15.55 21.92 -42.07
O6 NAG WA . 16.86 24.51 -44.22
O7 NAG WA . 15.90 20.83 -37.72
C1 NAG XA . 8.45 26.24 -49.01
C2 NAG XA . 9.92 25.90 -48.79
C3 NAG XA . 10.79 26.87 -49.57
C4 NAG XA . 10.42 26.78 -51.05
C5 NAG XA . 8.93 27.10 -51.21
C6 NAG XA . 8.45 26.95 -52.63
C7 NAG XA . 10.49 24.83 -46.65
C8 NAG XA . 10.85 25.05 -45.21
N2 NAG XA . 10.27 25.93 -47.37
O3 NAG XA . 12.16 26.54 -49.39
O4 NAG XA . 11.19 27.72 -51.80
O5 NAG XA . 8.15 26.18 -50.41
O6 NAG XA . 9.31 27.63 -53.54
O7 NAG XA . 10.44 23.70 -47.13
C1 NAG YA . -45.21 23.88 2.23
C2 NAG YA . -43.86 23.17 2.27
C3 NAG YA . -42.86 24.03 3.02
C4 NAG YA . -42.74 25.40 2.35
C5 NAG YA . -44.13 26.05 2.33
C6 NAG YA . -44.14 27.39 1.63
C7 NAG YA . -44.03 20.72 2.22
C8 NAG YA . -44.16 19.49 3.04
N2 NAG YA . -43.98 21.87 2.90
O3 NAG YA . -41.58 23.40 3.02
O4 NAG YA . -41.84 26.23 3.06
O5 NAG YA . -45.04 25.19 1.62
O6 NAG YA . -42.84 27.96 1.60
O7 NAG YA . -43.99 20.69 1.00
#